data_6IBF
#
_entry.id   6IBF
#
_cell.length_a   98.476
_cell.length_b   110.511
_cell.length_c   160.298
_cell.angle_alpha   90.00
_cell.angle_beta   90.00
_cell.angle_gamma   90.00
#
_symmetry.space_group_name_H-M   'P 21 21 21'
#
loop_
_entity.id
_entity.type
_entity.pdbx_description
1 polymer "cAMP-specific 3',5'-cyclic phosphodiesterase 4D"
2 non-polymer 'ZINC ION'
3 non-polymer 'MAGNESIUM ION'
4 non-polymer 1,2-ETHANEDIOL
5 non-polymer '4-(2-HYDROXYETHYL)-1-PIPERAZINE ETHANESULFONIC ACID'
6 non-polymer (4~{a}~{S},8~{a}~{R})-4-[4-methoxy-3-[[2-(trifluoromethyl)phenyl]methoxy]phenyl]-2-(1-thieno[3,2-d]pyrimidin-4-ylpiperidin-4-yl)-4~{a},5,8,8~{a}-tetrahydrophthalazin-1-one
7 non-polymer DI(HYDROXYETHYL)ETHER
8 water water
#
_entity_poly.entity_id   1
_entity_poly.type   'polypeptide(L)'
_entity_poly.pdbx_seq_one_letter_code
;GSHMIPRFGVKTEQEDVLAKELEDVNKWGLHVFRIAELSGNRPLTVIMHTIFQERDLLKTFKIPVDTLITYLMTLEDHYH
ADVAYHNNIHAADVVQSTHVLLSTPALEAVFTDLEILAAIFASAIHDVDHPGVSNQFLINTNSELALMYNDSSVLENHHL
AVGFKLLQEENCDIFQNLTKKQRQSLRKMVIDIVLATDMSKHMNLLADLKTMVETKKVTSSGVLLLDNYSDRIQVLQNMV
HCADLSNPTKPLQLYRQWTDRIMEEFFRQGDRERERGMEISPMCDKHNASVEKSQVGFIDYIVHPLWETWADLVHPDAQD
ILDTLEDNREWYQSTIPQSPSPAPDDPEEGRQGQTEKFQFELTL
;
_entity_poly.pdbx_strand_id   A,B,C,D
#
loop_
_chem_comp.id
_chem_comp.type
_chem_comp.name
_chem_comp.formula
4I7 non-polymer (4~{a}~{S},8~{a}~{R})-4-[4-methoxy-3-[[2-(trifluoromethyl)phenyl]methoxy]phenyl]-2-(1-thieno[3,2-d]pyrimidin-4-ylpiperidin-4-yl)-4~{a},5,8,8~{a}-tetrahydrophthalazin-1-one 'C34 H32 F3 N5 O3 S'
EDO non-polymer 1,2-ETHANEDIOL 'C2 H6 O2'
EPE non-polymer '4-(2-HYDROXYETHYL)-1-PIPERAZINE ETHANESULFONIC ACID' 'C8 H18 N2 O4 S'
MG non-polymer 'MAGNESIUM ION' 'Mg 2'
PEG non-polymer DI(HYDROXYETHYL)ETHER 'C4 H10 O3'
ZN non-polymer 'ZINC ION' 'Zn 2'
#
# COMPACT_ATOMS: atom_id res chain seq x y z
N GLY A 9 17.20 -23.09 33.57
CA GLY A 9 15.83 -23.38 33.02
C GLY A 9 14.72 -23.14 34.05
N VAL A 10 14.99 -22.24 35.00
CA VAL A 10 14.03 -21.78 36.05
C VAL A 10 13.69 -20.31 35.77
N LYS A 11 12.46 -19.90 36.12
CA LYS A 11 11.97 -18.49 35.99
C LYS A 11 12.86 -17.59 36.86
N THR A 12 13.16 -16.37 36.38
CA THR A 12 13.66 -15.23 37.21
C THR A 12 12.63 -14.99 38.32
N GLU A 13 12.86 -14.03 39.23
CA GLU A 13 11.85 -13.75 40.29
C GLU A 13 10.71 -12.91 39.70
N GLN A 14 11.02 -11.97 38.80
CA GLN A 14 9.98 -11.16 38.11
C GLN A 14 9.05 -12.12 37.39
N GLU A 15 9.62 -13.01 36.56
CA GLU A 15 8.88 -14.05 35.78
C GLU A 15 7.96 -14.89 36.69
N ASP A 16 8.38 -15.21 37.92
CA ASP A 16 7.58 -16.01 38.88
C ASP A 16 6.34 -15.21 39.28
N VAL A 17 6.51 -13.96 39.71
CA VAL A 17 5.37 -13.11 40.19
C VAL A 17 4.36 -13.04 39.03
N LEU A 18 4.86 -12.80 37.80
CA LEU A 18 4.04 -12.81 36.56
C LEU A 18 3.32 -14.15 36.41
N ALA A 19 4.01 -15.26 36.65
CA ALA A 19 3.45 -16.64 36.60
C ALA A 19 2.24 -16.74 37.54
N LYS A 20 2.35 -16.19 38.74
CA LYS A 20 1.31 -16.31 39.80
C LYS A 20 0.12 -15.40 39.47
N GLU A 21 0.36 -14.21 38.91
CA GLU A 21 -0.73 -13.37 38.35
C GLU A 21 -1.50 -14.19 37.30
N LEU A 22 -0.77 -14.87 36.42
CA LEU A 22 -1.35 -15.57 35.24
C LEU A 22 -2.13 -16.81 35.68
N GLU A 23 -2.16 -17.15 36.97
CA GLU A 23 -3.04 -18.24 37.49
C GLU A 23 -4.48 -17.73 37.52
N ASP A 24 -4.69 -16.41 37.38
CA ASP A 24 -6.03 -15.78 37.30
C ASP A 24 -6.57 -15.70 35.85
N VAL A 25 -5.90 -16.28 34.84
CA VAL A 25 -6.28 -16.09 33.39
C VAL A 25 -7.70 -16.57 33.15
N ASN A 26 -8.18 -17.57 33.88
CA ASN A 26 -9.52 -18.17 33.63
C ASN A 26 -10.58 -17.34 34.38
N LYS A 27 -10.17 -16.27 35.09
CA LYS A 27 -11.02 -15.49 36.03
C LYS A 27 -11.38 -14.12 35.46
N TRP A 28 -12.68 -13.81 35.39
CA TRP A 28 -13.17 -12.42 35.24
C TRP A 28 -12.57 -11.56 36.37
N GLY A 29 -11.93 -10.43 36.01
CA GLY A 29 -11.25 -9.52 36.96
C GLY A 29 -9.75 -9.78 37.04
N LEU A 30 -9.12 -10.38 36.03
CA LEU A 30 -7.64 -10.55 36.00
C LEU A 30 -6.96 -9.20 36.22
N HIS A 31 -5.86 -9.18 36.98
CA HIS A 31 -5.04 -7.96 37.26
C HIS A 31 -4.21 -7.63 36.01
N VAL A 32 -4.86 -7.14 34.95
CA VAL A 32 -4.23 -7.05 33.60
C VAL A 32 -3.20 -5.92 33.56
N PHE A 33 -3.40 -4.78 34.24
CA PHE A 33 -2.40 -3.68 34.24
C PHE A 33 -1.14 -4.16 34.98
N ARG A 34 -1.33 -4.97 36.02
CA ARG A 34 -0.24 -5.54 36.85
C ARG A 34 0.59 -6.46 35.95
N ILE A 35 -0.08 -7.40 35.32
CA ILE A 35 0.51 -8.31 34.29
C ILE A 35 1.28 -7.43 33.30
N ALA A 36 0.68 -6.33 32.86
CA ALA A 36 1.31 -5.41 31.89
C ALA A 36 2.66 -4.93 32.46
N GLU A 37 2.69 -4.60 33.76
CA GLU A 37 3.91 -4.05 34.43
C GLU A 37 4.92 -5.18 34.64
N LEU A 38 4.46 -6.32 35.12
CA LEU A 38 5.30 -7.51 35.43
C LEU A 38 5.93 -8.07 34.15
N SER A 39 5.21 -8.03 33.03
CA SER A 39 5.68 -8.60 31.74
C SER A 39 6.60 -7.63 30.96
N GLY A 40 6.94 -6.45 31.48
CA GLY A 40 7.72 -5.45 30.72
C GLY A 40 6.97 -4.95 29.50
N ASN A 41 5.66 -4.73 29.64
CA ASN A 41 4.73 -4.19 28.62
C ASN A 41 4.48 -5.26 27.54
N ARG A 42 4.17 -6.47 28.00
CA ARG A 42 3.91 -7.69 27.18
C ARG A 42 2.63 -8.37 27.66
N PRO A 43 1.57 -7.65 28.07
CA PRO A 43 0.37 -8.35 28.49
C PRO A 43 -0.20 -9.20 27.33
N LEU A 44 -0.19 -8.68 26.09
CA LEU A 44 -0.83 -9.39 24.96
C LEU A 44 -0.04 -10.69 24.70
N THR A 45 1.29 -10.63 24.73
CA THR A 45 2.13 -11.80 24.39
C THR A 45 1.96 -12.87 25.46
N VAL A 46 2.16 -12.50 26.74
CA VAL A 46 2.19 -13.50 27.84
C VAL A 46 0.78 -14.05 28.00
N ILE A 47 -0.26 -13.24 27.88
CA ILE A 47 -1.67 -13.75 28.03
C ILE A 47 -2.05 -14.65 26.84
N MET A 48 -1.73 -14.25 25.62
CA MET A 48 -1.95 -15.09 24.41
C MET A 48 -1.16 -16.39 24.57
N HIS A 49 0.14 -16.30 24.90
CA HIS A 49 0.95 -17.53 25.12
C HIS A 49 0.23 -18.40 26.13
N THR A 50 -0.18 -17.83 27.25
CA THR A 50 -0.74 -18.63 28.37
C THR A 50 -2.02 -19.34 27.90
N ILE A 51 -2.90 -18.67 27.15
CA ILE A 51 -4.19 -19.23 26.67
C ILE A 51 -3.94 -20.28 25.58
N PHE A 52 -2.99 -20.03 24.67
CA PHE A 52 -2.62 -21.02 23.62
C PHE A 52 -2.18 -22.34 24.28
N GLN A 53 -1.28 -22.29 25.27
CA GLN A 53 -0.79 -23.50 25.95
C GLN A 53 -1.95 -24.19 26.67
N GLU A 54 -2.68 -23.42 27.45
CA GLU A 54 -3.81 -23.96 28.26
C GLU A 54 -4.87 -24.60 27.36
N ARG A 55 -5.16 -24.02 26.19
CA ARG A 55 -6.17 -24.57 25.27
C ARG A 55 -5.55 -25.56 24.28
N ASP A 56 -4.26 -25.86 24.43
CA ASP A 56 -3.54 -26.87 23.61
C ASP A 56 -3.55 -26.48 22.12
N LEU A 57 -3.53 -25.19 21.80
CA LEU A 57 -3.68 -24.70 20.41
C LEU A 57 -2.37 -24.85 19.62
N LEU A 58 -1.20 -24.86 20.25
CA LEU A 58 0.07 -25.09 19.52
C LEU A 58 0.11 -26.50 18.96
N LYS A 59 -0.28 -27.53 19.75
CA LYS A 59 -0.35 -28.94 19.30
C LYS A 59 -1.45 -29.09 18.25
N THR A 60 -2.67 -28.66 18.53
CA THR A 60 -3.83 -28.87 17.63
C THR A 60 -3.51 -28.27 16.26
N PHE A 61 -2.86 -27.11 16.21
CA PHE A 61 -2.62 -26.34 14.96
C PHE A 61 -1.12 -26.38 14.55
N LYS A 62 -0.32 -27.22 15.20
CA LYS A 62 1.11 -27.45 14.88
C LYS A 62 1.80 -26.10 14.69
N ILE A 63 1.59 -25.18 15.64
CA ILE A 63 2.22 -23.84 15.70
C ILE A 63 3.54 -23.99 16.41
N PRO A 64 4.69 -23.73 15.73
CA PRO A 64 5.98 -23.73 16.40
C PRO A 64 5.98 -22.61 17.45
N VAL A 65 6.45 -22.92 18.64
CA VAL A 65 6.37 -21.97 19.78
C VAL A 65 7.20 -20.70 19.46
N ASP A 66 8.33 -20.80 18.76
CA ASP A 66 9.21 -19.64 18.45
C ASP A 66 8.49 -18.71 17.45
N THR A 67 7.66 -19.28 16.57
CA THR A 67 6.86 -18.55 15.55
C THR A 67 5.70 -17.83 16.26
N LEU A 68 5.06 -18.49 17.22
CA LEU A 68 3.99 -17.89 18.06
C LEU A 68 4.57 -16.72 18.84
N ILE A 69 5.71 -16.87 19.50
CA ILE A 69 6.31 -15.77 20.29
C ILE A 69 6.66 -14.59 19.36
N THR A 70 7.31 -14.84 18.23
CA THR A 70 7.79 -13.82 17.28
C THR A 70 6.58 -13.03 16.77
N TYR A 71 5.52 -13.72 16.31
CA TYR A 71 4.31 -13.05 15.79
C TYR A 71 3.71 -12.18 16.90
N LEU A 72 3.44 -12.79 18.05
CA LEU A 72 2.79 -12.15 19.21
C LEU A 72 3.57 -10.89 19.59
N MET A 73 4.90 -10.97 19.66
CA MET A 73 5.78 -9.83 19.97
C MET A 73 5.63 -8.77 18.86
N THR A 74 5.62 -9.21 17.59
CA THR A 74 5.46 -8.30 16.44
C THR A 74 4.09 -7.63 16.54
N LEU A 75 3.06 -8.42 16.86
CA LEU A 75 1.66 -7.92 16.96
C LEU A 75 1.59 -6.86 18.05
N GLU A 76 2.07 -7.19 19.24
CA GLU A 76 2.03 -6.27 20.39
C GLU A 76 2.76 -4.97 20.04
N ASP A 77 3.92 -5.05 19.38
CA ASP A 77 4.72 -3.85 19.00
C ASP A 77 3.96 -2.99 17.99
N HIS A 78 2.87 -3.48 17.38
CA HIS A 78 2.12 -2.66 16.39
C HIS A 78 0.85 -2.13 17.03
N TYR A 79 0.64 -2.39 18.31
CA TYR A 79 -0.20 -1.52 19.19
C TYR A 79 0.70 -0.32 19.56
N HIS A 80 0.09 0.86 19.64
CA HIS A 80 0.71 2.17 19.99
C HIS A 80 0.77 2.34 21.51
N ALA A 81 1.96 2.37 22.10
CA ALA A 81 2.15 2.69 23.54
C ALA A 81 1.71 4.14 23.85
N ASP A 82 1.74 5.07 22.88
CA ASP A 82 1.41 6.51 23.07
C ASP A 82 -0.08 6.75 22.82
N VAL A 83 -0.93 5.73 22.97
CA VAL A 83 -2.42 5.79 22.89
C VAL A 83 -2.95 5.16 24.18
N ALA A 84 -3.79 5.84 24.95
CA ALA A 84 -4.04 5.52 26.37
C ALA A 84 -5.04 4.37 26.51
N TYR A 85 -6.01 4.24 25.62
CA TYR A 85 -7.02 3.16 25.72
C TYR A 85 -6.73 2.03 24.72
N HIS A 86 -6.69 2.39 23.44
CA HIS A 86 -6.69 1.42 22.31
C HIS A 86 -5.26 0.93 22.07
N ASN A 87 -4.70 0.23 23.06
CA ASN A 87 -3.31 -0.27 23.06
C ASN A 87 -3.29 -1.76 23.42
N ASN A 88 -2.07 -2.30 23.53
CA ASN A 88 -1.77 -3.73 23.79
C ASN A 88 -2.48 -4.22 25.06
N ILE A 89 -2.66 -3.37 26.08
CA ILE A 89 -3.33 -3.78 27.35
C ILE A 89 -4.80 -4.04 27.07
N HIS A 90 -5.47 -3.20 26.28
CA HIS A 90 -6.90 -3.40 25.89
C HIS A 90 -7.05 -4.66 25.05
N ALA A 91 -6.12 -4.88 24.10
CA ALA A 91 -6.03 -6.14 23.31
C ALA A 91 -5.89 -7.34 24.24
N ALA A 92 -4.97 -7.29 25.21
CA ALA A 92 -4.75 -8.42 26.16
C ALA A 92 -6.06 -8.71 26.90
N ASP A 93 -6.71 -7.64 27.35
CA ASP A 93 -7.93 -7.69 28.18
C ASP A 93 -9.07 -8.33 27.37
N VAL A 94 -9.25 -7.87 26.15
CA VAL A 94 -10.32 -8.40 25.24
C VAL A 94 -10.01 -9.86 24.93
N VAL A 95 -8.73 -10.22 24.72
CA VAL A 95 -8.28 -11.63 24.52
C VAL A 95 -8.71 -12.46 25.72
N GLN A 96 -8.35 -12.01 26.92
CA GLN A 96 -8.60 -12.78 28.17
C GLN A 96 -10.11 -12.82 28.48
N SER A 97 -10.88 -11.79 28.13
CA SER A 97 -12.36 -11.77 28.39
C SER A 97 -13.10 -12.74 27.46
N THR A 98 -12.76 -12.72 26.17
CA THR A 98 -13.23 -13.69 25.15
C THR A 98 -12.89 -15.08 25.68
N HIS A 99 -11.66 -15.26 26.18
CA HIS A 99 -11.18 -16.55 26.72
C HIS A 99 -12.13 -17.03 27.83
N VAL A 100 -12.38 -16.19 28.83
CA VAL A 100 -13.32 -16.55 29.93
C VAL A 100 -14.70 -16.80 29.33
N LEU A 101 -15.21 -15.92 28.46
CA LEU A 101 -16.56 -16.13 27.87
C LEU A 101 -16.64 -17.48 27.16
N LEU A 102 -15.57 -17.95 26.51
CA LEU A 102 -15.58 -19.22 25.75
C LEU A 102 -15.79 -20.37 26.72
N SER A 103 -15.33 -20.24 27.97
CA SER A 103 -15.36 -21.32 28.98
C SER A 103 -16.75 -21.40 29.65
N THR A 104 -17.68 -20.53 29.26
CA THR A 104 -19.02 -20.47 29.92
C THR A 104 -19.68 -21.84 29.84
N PRO A 105 -20.21 -22.38 30.97
CA PRO A 105 -20.86 -23.69 31.00
C PRO A 105 -21.88 -23.94 29.89
N ALA A 106 -22.67 -22.92 29.54
CA ALA A 106 -23.76 -22.98 28.54
C ALA A 106 -23.20 -23.22 27.12
N LEU A 107 -21.90 -23.01 26.92
CA LEU A 107 -21.25 -23.21 25.58
C LEU A 107 -20.31 -24.42 25.58
N GLU A 108 -20.19 -25.15 26.70
CA GLU A 108 -19.23 -26.28 26.84
C GLU A 108 -19.35 -27.19 25.61
N ALA A 109 -18.24 -27.41 24.91
CA ALA A 109 -18.09 -28.38 23.79
C ALA A 109 -18.95 -27.98 22.57
N VAL A 110 -19.39 -26.72 22.49
CA VAL A 110 -20.18 -26.19 21.34
C VAL A 110 -19.22 -25.88 20.17
N PHE A 111 -18.13 -25.16 20.43
CA PHE A 111 -17.28 -24.57 19.37
C PHE A 111 -16.11 -25.50 19.06
N THR A 112 -15.75 -25.60 17.78
CA THR A 112 -14.53 -26.34 17.35
C THR A 112 -13.29 -25.55 17.72
N ASP A 113 -12.14 -26.24 17.80
CA ASP A 113 -10.83 -25.60 18.07
C ASP A 113 -10.62 -24.43 17.08
N LEU A 114 -10.98 -24.59 15.81
CA LEU A 114 -10.83 -23.51 14.80
C LEU A 114 -11.69 -22.30 15.18
N GLU A 115 -12.94 -22.52 15.60
CA GLU A 115 -13.82 -21.41 16.04
C GLU A 115 -13.18 -20.70 17.24
N ILE A 116 -12.61 -21.46 18.16
CA ILE A 116 -11.92 -20.92 19.36
C ILE A 116 -10.69 -20.11 18.91
N LEU A 117 -9.87 -20.67 18.05
CA LEU A 117 -8.65 -19.99 17.54
C LEU A 117 -9.07 -18.70 16.85
N ALA A 118 -10.17 -18.71 16.09
CA ALA A 118 -10.66 -17.51 15.37
C ALA A 118 -11.07 -16.44 16.39
N ALA A 119 -11.82 -16.82 17.43
CA ALA A 119 -12.32 -15.89 18.48
C ALA A 119 -11.11 -15.24 19.18
N ILE A 120 -10.15 -16.04 19.62
CA ILE A 120 -8.95 -15.54 20.34
C ILE A 120 -8.09 -14.71 19.35
N PHE A 121 -7.81 -15.22 18.16
CA PHE A 121 -6.98 -14.49 17.18
C PHE A 121 -7.65 -13.14 16.91
N ALA A 122 -8.94 -13.15 16.53
CA ALA A 122 -9.73 -11.92 16.29
C ALA A 122 -9.55 -10.95 17.48
N SER A 123 -9.69 -11.42 18.71
CA SER A 123 -9.59 -10.57 19.92
C SER A 123 -8.20 -9.92 20.00
N ALA A 124 -7.14 -10.66 19.70
CA ALA A 124 -5.75 -10.18 19.81
C ALA A 124 -5.47 -9.10 18.75
N ILE A 125 -6.01 -9.20 17.54
CA ILE A 125 -5.66 -8.25 16.44
C ILE A 125 -6.71 -7.14 16.33
N HIS A 126 -7.83 -7.22 17.04
CA HIS A 126 -9.06 -6.45 16.71
C HIS A 126 -8.85 -4.93 16.77
N ASP A 127 -7.87 -4.41 17.52
CA ASP A 127 -7.60 -2.94 17.58
C ASP A 127 -6.16 -2.60 17.16
N VAL A 128 -5.42 -3.52 16.53
CA VAL A 128 -3.96 -3.33 16.29
C VAL A 128 -3.72 -2.11 15.41
N ASP A 129 -2.77 -1.27 15.81
CA ASP A 129 -2.31 -0.06 15.08
C ASP A 129 -3.43 0.99 15.11
N HIS A 130 -4.20 1.00 16.19
CA HIS A 130 -5.23 2.03 16.43
C HIS A 130 -4.52 3.35 16.71
N PRO A 131 -4.79 4.40 15.91
CA PRO A 131 -4.10 5.68 16.05
C PRO A 131 -4.63 6.57 17.19
N GLY A 132 -5.67 6.13 17.91
CA GLY A 132 -6.15 6.77 19.15
C GLY A 132 -7.30 7.73 18.89
N VAL A 133 -7.87 7.72 17.69
CA VAL A 133 -9.03 8.55 17.29
C VAL A 133 -10.06 7.65 16.57
N SER A 134 -11.22 8.19 16.22
CA SER A 134 -12.42 7.43 15.79
C SER A 134 -12.53 7.40 14.26
N ASN A 135 -13.43 6.55 13.77
CA ASN A 135 -13.74 6.43 12.32
C ASN A 135 -14.19 7.81 11.81
N GLN A 136 -15.11 8.48 12.53
CA GLN A 136 -15.68 9.77 12.09
C GLN A 136 -14.55 10.81 12.01
N PHE A 137 -13.64 10.78 12.99
CA PHE A 137 -12.44 11.64 13.01
C PHE A 137 -11.63 11.39 11.75
N LEU A 138 -11.31 10.12 11.45
CA LEU A 138 -10.43 9.74 10.31
C LEU A 138 -11.15 10.17 9.04
N ILE A 139 -12.45 9.93 9.00
CA ILE A 139 -13.32 10.29 7.84
C ILE A 139 -13.28 11.82 7.62
N ASN A 140 -13.41 12.63 8.67
CA ASN A 140 -13.65 14.09 8.54
C ASN A 140 -12.33 14.81 8.27
N THR A 141 -11.20 14.20 8.68
CA THR A 141 -9.83 14.73 8.47
C THR A 141 -9.35 14.35 7.08
N ASN A 142 -10.12 13.54 6.33
CA ASN A 142 -9.64 13.08 5.01
C ASN A 142 -8.34 12.25 5.17
N SER A 143 -8.26 11.40 6.21
CA SER A 143 -7.06 10.58 6.52
C SER A 143 -6.95 9.43 5.53
N GLU A 144 -5.74 9.14 5.07
CA GLU A 144 -5.36 7.98 4.21
C GLU A 144 -6.18 6.73 4.57
N LEU A 145 -6.33 6.39 5.84
CA LEU A 145 -7.10 5.19 6.28
C LEU A 145 -8.55 5.27 5.80
N ALA A 146 -9.20 6.43 5.93
CA ALA A 146 -10.60 6.64 5.51
C ALA A 146 -10.69 6.55 3.98
N LEU A 147 -9.68 7.01 3.24
CA LEU A 147 -9.68 6.94 1.76
C LEU A 147 -9.40 5.52 1.30
N MET A 148 -8.51 4.78 1.97
CA MET A 148 -8.17 3.38 1.64
C MET A 148 -9.45 2.53 1.74
N TYR A 149 -10.23 2.71 2.80
CA TYR A 149 -11.40 1.85 3.12
C TYR A 149 -12.71 2.55 2.78
N ASN A 150 -12.66 3.46 1.80
CA ASN A 150 -13.85 4.18 1.29
C ASN A 150 -14.81 4.45 2.46
N ASP A 151 -14.28 4.97 3.57
CA ASP A 151 -15.02 5.51 4.77
C ASP A 151 -15.86 4.46 5.51
N SER A 152 -15.76 3.18 5.18
CA SER A 152 -16.63 2.15 5.83
C SER A 152 -15.80 1.26 6.77
N SER A 153 -16.20 1.19 8.05
CA SER A 153 -15.48 0.49 9.14
C SER A 153 -13.97 0.68 8.93
N VAL A 154 -13.53 1.92 8.82
CA VAL A 154 -12.15 2.29 8.43
C VAL A 154 -11.16 1.59 9.37
N LEU A 155 -11.33 1.73 10.69
CA LEU A 155 -10.36 1.21 11.67
C LEU A 155 -10.41 -0.32 11.65
N GLU A 156 -11.61 -0.89 11.68
CA GLU A 156 -11.77 -2.37 11.81
C GLU A 156 -11.16 -3.03 10.56
N ASN A 157 -11.34 -2.46 9.37
CA ASN A 157 -10.68 -3.00 8.14
C ASN A 157 -9.15 -2.94 8.30
N HIS A 158 -8.65 -1.83 8.83
CA HIS A 158 -7.19 -1.62 9.05
C HIS A 158 -6.62 -2.66 10.02
N HIS A 159 -7.25 -2.85 11.18
CA HIS A 159 -6.82 -3.82 12.22
C HIS A 159 -6.63 -5.20 11.58
N LEU A 160 -7.65 -5.64 10.85
CA LEU A 160 -7.62 -6.93 10.14
C LEU A 160 -6.43 -6.97 9.17
N ALA A 161 -6.26 -5.96 8.32
CA ALA A 161 -5.21 -5.94 7.28
C ALA A 161 -3.82 -6.08 7.93
N VAL A 162 -3.59 -5.39 9.05
CA VAL A 162 -2.29 -5.33 9.75
C VAL A 162 -2.07 -6.68 10.44
N GLY A 163 -3.09 -7.15 11.14
CA GLY A 163 -3.06 -8.44 11.86
C GLY A 163 -2.72 -9.60 10.94
N PHE A 164 -3.31 -9.63 9.76
CA PHE A 164 -2.99 -10.64 8.71
C PHE A 164 -1.61 -10.36 8.08
N LYS A 165 -1.32 -9.10 7.74
CA LYS A 165 -0.06 -8.74 7.03
C LYS A 165 1.17 -9.13 7.86
N LEU A 166 1.11 -8.97 9.18
CA LEU A 166 2.23 -9.27 10.10
C LEU A 166 2.54 -10.76 10.12
N LEU A 167 1.62 -11.64 9.68
CA LEU A 167 1.93 -13.08 9.51
C LEU A 167 3.04 -13.26 8.47
N GLN A 168 3.19 -12.28 7.56
CA GLN A 168 4.19 -12.36 6.47
C GLN A 168 5.57 -11.91 6.96
N GLU A 169 5.75 -11.46 8.21
CA GLU A 169 7.12 -11.03 8.66
C GLU A 169 7.92 -12.26 9.04
N GLU A 170 9.21 -12.11 9.30
CA GLU A 170 10.15 -13.24 9.47
C GLU A 170 9.66 -14.09 10.63
N ASN A 171 9.51 -15.39 10.35
CA ASN A 171 9.13 -16.44 11.32
C ASN A 171 7.89 -15.97 12.09
N CYS A 172 6.91 -15.40 11.39
CA CYS A 172 5.68 -14.88 12.01
C CYS A 172 4.44 -15.68 11.60
N ASP A 173 4.50 -16.59 10.62
CA ASP A 173 3.28 -17.25 10.08
C ASP A 173 2.80 -18.36 11.02
N ILE A 174 2.00 -17.99 12.02
CA ILE A 174 1.55 -18.95 13.08
C ILE A 174 0.61 -20.01 12.46
N PHE A 175 0.07 -19.79 11.25
CA PHE A 175 -0.89 -20.70 10.60
C PHE A 175 -0.21 -21.49 9.47
N GLN A 176 1.13 -21.52 9.44
CA GLN A 176 1.87 -22.13 8.31
C GLN A 176 1.53 -23.62 8.12
N ASN A 177 1.10 -24.36 9.16
CA ASN A 177 0.76 -25.80 9.04
C ASN A 177 -0.75 -26.04 8.85
N LEU A 178 -1.61 -25.01 8.91
CA LEU A 178 -3.04 -25.20 8.60
C LEU A 178 -3.22 -25.48 7.10
N THR A 179 -4.21 -26.30 6.76
CA THR A 179 -4.59 -26.60 5.36
C THR A 179 -5.23 -25.34 4.78
N LYS A 180 -5.49 -25.31 3.49
CA LYS A 180 -6.09 -24.13 2.81
C LYS A 180 -7.55 -23.98 3.27
N LYS A 181 -8.25 -25.11 3.46
CA LYS A 181 -9.61 -25.16 4.03
C LYS A 181 -9.64 -24.54 5.42
N GLN A 182 -8.71 -24.93 6.29
CA GLN A 182 -8.63 -24.38 7.67
C GLN A 182 -8.40 -22.88 7.58
N ARG A 183 -7.42 -22.45 6.78
CA ARG A 183 -7.00 -21.03 6.72
C ARG A 183 -8.15 -20.21 6.12
N GLN A 184 -8.88 -20.76 5.15
CA GLN A 184 -9.97 -20.02 4.47
C GLN A 184 -11.10 -19.78 5.49
N SER A 185 -11.43 -20.80 6.29
CA SER A 185 -12.51 -20.77 7.31
C SER A 185 -12.08 -19.89 8.48
N LEU A 186 -10.86 -20.05 8.99
CA LEU A 186 -10.30 -19.16 10.05
C LEU A 186 -10.36 -17.68 9.59
N ARG A 187 -9.80 -17.39 8.43
CA ARG A 187 -9.72 -16.00 7.93
C ARG A 187 -11.13 -15.41 7.82
N LYS A 188 -12.08 -16.17 7.31
CA LYS A 188 -13.45 -15.64 7.14
C LYS A 188 -14.03 -15.32 8.51
N MET A 189 -13.90 -16.22 9.48
CA MET A 189 -14.46 -16.02 10.84
C MET A 189 -13.80 -14.80 11.46
N VAL A 190 -12.50 -14.65 11.31
CA VAL A 190 -11.71 -13.56 11.97
C VAL A 190 -12.15 -12.22 11.36
N ILE A 191 -12.36 -12.17 10.06
CA ILE A 191 -12.87 -10.94 9.40
C ILE A 191 -14.26 -10.61 9.95
N ASP A 192 -15.19 -11.57 9.97
CA ASP A 192 -16.60 -11.38 10.39
C ASP A 192 -16.62 -10.92 11.84
N ILE A 193 -15.79 -11.50 12.70
CA ILE A 193 -15.67 -11.09 14.13
C ILE A 193 -15.16 -9.63 14.23
N VAL A 194 -13.98 -9.30 13.72
CA VAL A 194 -13.40 -7.93 13.90
C VAL A 194 -14.32 -6.88 13.27
N LEU A 195 -14.94 -7.15 12.11
CA LEU A 195 -15.82 -6.14 11.46
C LEU A 195 -17.02 -5.87 12.39
N ALA A 196 -17.42 -6.84 13.19
CA ALA A 196 -18.54 -6.73 14.15
C ALA A 196 -18.14 -5.93 15.41
N THR A 197 -16.86 -5.53 15.55
CA THR A 197 -16.42 -4.68 16.70
C THR A 197 -16.69 -3.19 16.41
N ASP A 198 -17.03 -2.84 15.17
CA ASP A 198 -17.49 -1.47 14.80
C ASP A 198 -18.83 -1.20 15.50
N MET A 199 -18.92 -0.13 16.28
CA MET A 199 -20.09 0.18 17.16
C MET A 199 -21.32 0.49 16.29
N SER A 200 -21.12 0.96 15.06
CA SER A 200 -22.23 1.22 14.10
C SER A 200 -22.89 -0.11 13.68
N LYS A 201 -22.34 -1.27 14.05
CA LYS A 201 -22.96 -2.61 13.83
C LYS A 201 -23.71 -3.07 15.07
N HIS A 202 -23.50 -2.41 16.22
CA HIS A 202 -23.99 -2.84 17.55
C HIS A 202 -25.51 -3.08 17.52
N MET A 203 -26.29 -2.05 17.16
CA MET A 203 -27.72 -2.17 16.79
C MET A 203 -27.73 -3.01 15.51
N ASN A 204 -28.31 -4.20 15.58
CA ASN A 204 -28.26 -5.26 14.52
C ASN A 204 -27.65 -6.51 15.13
N LEU A 205 -26.38 -6.43 15.57
CA LEU A 205 -25.78 -7.52 16.37
C LEU A 205 -26.69 -7.83 17.56
N LEU A 206 -27.08 -6.79 18.32
CA LEU A 206 -27.95 -6.97 19.52
C LEU A 206 -29.32 -7.49 19.07
N ALA A 207 -29.87 -6.96 17.99
CA ALA A 207 -31.16 -7.42 17.45
C ALA A 207 -31.07 -8.91 17.12
N ASP A 208 -29.98 -9.34 16.47
CA ASP A 208 -29.78 -10.75 16.07
C ASP A 208 -29.65 -11.62 17.32
N LEU A 209 -29.04 -11.09 18.39
CA LEU A 209 -28.88 -11.81 19.67
C LEU A 209 -30.23 -11.91 20.39
N LYS A 210 -31.03 -10.82 20.39
CA LYS A 210 -32.41 -10.82 20.96
C LYS A 210 -33.22 -11.89 20.23
N THR A 211 -33.32 -11.80 18.90
CA THR A 211 -34.01 -12.80 18.04
C THR A 211 -33.53 -14.20 18.45
N MET A 212 -32.23 -14.39 18.67
CA MET A 212 -31.67 -15.76 18.89
C MET A 212 -32.10 -16.30 20.25
N VAL A 213 -32.35 -15.41 21.22
CA VAL A 213 -32.74 -15.79 22.60
C VAL A 213 -34.22 -16.24 22.58
N GLU A 214 -35.07 -15.55 21.84
CA GLU A 214 -36.50 -15.92 21.62
C GLU A 214 -36.60 -17.30 20.94
N THR A 215 -35.66 -17.66 20.05
CA THR A 215 -35.60 -18.93 19.26
C THR A 215 -34.76 -19.99 19.97
N LYS A 216 -34.02 -19.59 21.00
CA LYS A 216 -32.99 -20.38 21.75
C LYS A 216 -33.38 -21.86 21.83
N LYS A 217 -32.65 -22.74 21.14
CA LYS A 217 -32.72 -24.22 21.31
C LYS A 217 -31.64 -24.66 22.29
N VAL A 218 -31.59 -25.96 22.60
CA VAL A 218 -30.64 -26.56 23.58
C VAL A 218 -30.53 -28.06 23.27
N THR A 219 -29.40 -28.67 23.65
CA THR A 219 -29.09 -30.11 23.42
C THR A 219 -29.70 -30.93 24.57
N SER A 220 -29.30 -32.20 24.72
CA SER A 220 -29.70 -33.10 25.84
C SER A 220 -29.14 -32.57 27.16
N SER A 221 -27.92 -31.99 27.12
CA SER A 221 -27.35 -31.15 28.21
C SER A 221 -27.83 -29.70 28.04
N GLY A 222 -27.47 -28.81 28.97
CA GLY A 222 -27.94 -27.41 29.00
C GLY A 222 -27.26 -26.51 27.97
N VAL A 223 -26.40 -27.06 27.10
CA VAL A 223 -25.52 -26.27 26.17
C VAL A 223 -26.32 -25.88 24.92
N LEU A 224 -26.12 -24.65 24.44
CA LEU A 224 -26.83 -24.09 23.25
C LEU A 224 -26.62 -24.96 22.02
N LEU A 225 -27.65 -24.99 21.14
CA LEU A 225 -27.61 -25.61 19.80
C LEU A 225 -27.45 -24.50 18.76
N LEU A 226 -26.40 -24.58 17.94
CA LEU A 226 -26.10 -23.68 16.82
C LEU A 226 -25.74 -24.54 15.60
N ASP A 227 -26.70 -24.81 14.72
CA ASP A 227 -26.55 -25.90 13.71
C ASP A 227 -26.20 -25.30 12.33
N ASN A 228 -26.05 -23.98 12.23
CA ASN A 228 -25.66 -23.27 10.97
C ASN A 228 -24.58 -22.22 11.31
N TYR A 229 -23.84 -21.76 10.29
CA TYR A 229 -22.72 -20.81 10.42
C TYR A 229 -23.25 -19.45 10.90
N SER A 230 -24.34 -19.00 10.27
CA SER A 230 -24.99 -17.69 10.52
C SER A 230 -25.17 -17.53 12.03
N ASP A 231 -25.54 -18.61 12.72
CA ASP A 231 -25.84 -18.60 14.17
C ASP A 231 -24.53 -18.73 14.95
N ARG A 232 -23.65 -19.62 14.51
CA ARG A 232 -22.35 -19.86 15.19
C ARG A 232 -21.55 -18.55 15.18
N ILE A 233 -21.39 -17.94 14.01
CA ILE A 233 -20.60 -16.69 13.83
C ILE A 233 -21.25 -15.55 14.61
N GLN A 234 -22.59 -15.51 14.63
N GLN A 234 -22.59 -15.48 14.62
CA GLN A 234 -23.36 -14.43 15.32
CA GLN A 234 -23.29 -14.41 15.34
C GLN A 234 -22.99 -14.45 16.81
C GLN A 234 -22.85 -14.45 16.81
N VAL A 235 -22.91 -15.64 17.41
CA VAL A 235 -22.57 -15.83 18.85
C VAL A 235 -21.09 -15.48 19.06
N LEU A 236 -20.21 -15.83 18.13
CA LEU A 236 -18.77 -15.50 18.30
C LEU A 236 -18.60 -13.98 18.16
N GLN A 237 -19.26 -13.36 17.17
CA GLN A 237 -19.24 -11.88 17.01
C GLN A 237 -19.72 -11.21 18.30
N ASN A 238 -20.88 -11.61 18.83
CA ASN A 238 -21.49 -10.95 20.03
C ASN A 238 -20.62 -11.23 21.26
N MET A 239 -19.96 -12.38 21.30
CA MET A 239 -19.06 -12.77 22.42
C MET A 239 -17.84 -11.85 22.46
N VAL A 240 -17.25 -11.53 21.31
CA VAL A 240 -16.01 -10.69 21.25
C VAL A 240 -16.40 -9.22 21.44
N HIS A 241 -17.57 -8.86 20.93
CA HIS A 241 -18.19 -7.52 21.10
C HIS A 241 -18.49 -7.31 22.58
N CYS A 242 -18.97 -8.35 23.29
CA CYS A 242 -19.17 -8.34 24.77
C CYS A 242 -17.83 -8.14 25.47
N ALA A 243 -16.80 -8.90 25.09
CA ALA A 243 -15.40 -8.74 25.53
C ALA A 243 -14.97 -7.29 25.36
N ASP A 244 -15.20 -6.71 24.19
CA ASP A 244 -14.76 -5.34 23.85
C ASP A 244 -15.49 -4.29 24.72
N LEU A 245 -16.73 -4.53 25.13
CA LEU A 245 -17.53 -3.58 25.96
C LEU A 245 -17.70 -4.18 27.36
N SER A 246 -16.64 -4.76 27.91
CA SER A 246 -16.66 -5.55 29.18
C SER A 246 -16.12 -4.72 30.36
N ASN A 247 -15.52 -3.55 30.08
CA ASN A 247 -14.88 -2.68 31.11
C ASN A 247 -15.83 -2.41 32.26
N PRO A 248 -17.09 -1.96 32.02
CA PRO A 248 -18.00 -1.59 33.09
C PRO A 248 -18.48 -2.81 33.90
N THR A 249 -18.11 -4.02 33.47
CA THR A 249 -18.53 -5.31 34.07
C THR A 249 -17.39 -5.85 34.95
N LYS A 250 -16.23 -5.20 34.90
CA LYS A 250 -15.06 -5.59 35.74
C LYS A 250 -15.17 -4.94 37.12
N PRO A 251 -14.51 -5.48 38.17
CA PRO A 251 -14.32 -4.74 39.42
C PRO A 251 -13.97 -3.28 39.11
N LEU A 252 -14.42 -2.38 39.97
CA LEU A 252 -14.44 -0.92 39.75
C LEU A 252 -13.00 -0.38 39.61
N GLN A 253 -12.06 -0.95 40.36
CA GLN A 253 -10.60 -0.62 40.26
C GLN A 253 -10.17 -0.74 38.79
N LEU A 254 -10.53 -1.84 38.15
CA LEU A 254 -10.28 -2.05 36.70
C LEU A 254 -11.13 -1.06 35.91
N TYR A 255 -12.45 -1.09 36.09
CA TYR A 255 -13.40 -0.24 35.30
C TYR A 255 -12.91 1.21 35.30
N ARG A 256 -12.55 1.75 36.46
CA ARG A 256 -12.11 3.17 36.61
C ARG A 256 -10.89 3.48 35.75
N GLN A 257 -9.92 2.56 35.68
CA GLN A 257 -8.69 2.75 34.85
C GLN A 257 -9.09 2.83 33.37
N TRP A 258 -10.02 1.98 32.95
CA TRP A 258 -10.44 1.95 31.52
C TRP A 258 -11.08 3.29 31.17
N THR A 259 -11.88 3.83 32.10
CA THR A 259 -12.58 5.13 31.93
C THR A 259 -11.54 6.24 31.81
N ASP A 260 -10.53 6.28 32.68
CA ASP A 260 -9.48 7.33 32.67
C ASP A 260 -8.89 7.39 31.27
N ARG A 261 -8.55 6.22 30.75
CA ARG A 261 -7.78 6.05 29.49
C ARG A 261 -8.70 6.39 28.32
N ILE A 262 -9.96 5.98 28.39
CA ILE A 262 -10.90 6.34 27.29
C ILE A 262 -11.09 7.86 27.27
N MET A 263 -11.25 8.48 28.43
CA MET A 263 -11.46 9.94 28.47
C MET A 263 -10.20 10.64 27.93
N GLU A 264 -9.02 10.23 28.40
CA GLU A 264 -7.74 10.78 27.91
C GLU A 264 -7.72 10.73 26.39
N GLU A 265 -8.06 9.59 25.84
CA GLU A 265 -8.05 9.38 24.37
C GLU A 265 -9.03 10.34 23.71
N PHE A 266 -10.25 10.40 24.26
CA PHE A 266 -11.39 11.21 23.75
C PHE A 266 -11.06 12.70 23.91
N PHE A 267 -10.64 13.16 25.10
CA PHE A 267 -10.15 14.54 25.36
C PHE A 267 -9.04 14.89 24.36
N ARG A 268 -8.12 13.95 24.16
CA ARG A 268 -6.96 14.14 23.25
C ARG A 268 -7.49 14.27 21.80
N GLN A 269 -8.59 13.58 21.46
CA GLN A 269 -9.24 13.74 20.13
C GLN A 269 -9.93 15.12 20.12
N GLY A 270 -10.62 15.47 21.21
CA GLY A 270 -11.19 16.81 21.47
C GLY A 270 -10.18 17.92 21.22
N ASP A 271 -9.04 17.87 21.92
CA ASP A 271 -7.90 18.84 21.78
C ASP A 271 -7.58 18.99 20.28
N ARG A 272 -7.38 17.86 19.60
CA ARG A 272 -7.09 17.80 18.15
C ARG A 272 -8.29 18.34 17.36
N GLU A 273 -9.53 18.14 17.84
CA GLU A 273 -10.79 18.56 17.15
C GLU A 273 -11.02 20.07 17.32
N ARG A 274 -10.20 20.76 18.12
CA ARG A 274 -10.28 22.24 18.34
C ARG A 274 -9.44 22.98 17.29
N GLU A 275 -8.12 22.72 17.25
CA GLU A 275 -7.18 23.30 16.24
C GLU A 275 -7.67 23.04 14.82
N ARG A 276 -8.23 21.86 14.55
CA ARG A 276 -8.81 21.47 13.23
C ARG A 276 -10.18 22.15 13.04
N GLY A 277 -10.76 22.71 14.12
CA GLY A 277 -11.99 23.54 14.10
C GLY A 277 -13.23 22.72 13.76
N MET A 278 -13.14 21.40 13.88
CA MET A 278 -14.15 20.42 13.39
C MET A 278 -15.44 20.57 14.20
N GLU A 279 -15.32 21.05 15.44
CA GLU A 279 -16.45 21.18 16.40
C GLU A 279 -16.52 19.90 17.25
N ILE A 280 -16.09 19.98 18.51
CA ILE A 280 -16.07 18.85 19.48
C ILE A 280 -16.98 17.73 18.96
N SER A 281 -16.69 16.48 19.35
CA SER A 281 -17.49 15.27 19.01
C SER A 281 -18.31 14.86 20.23
N PRO A 282 -18.78 13.59 20.29
CA PRO A 282 -19.45 13.08 21.50
C PRO A 282 -18.73 13.48 22.79
N MET A 283 -19.47 13.49 23.91
CA MET A 283 -19.01 13.88 25.27
C MET A 283 -17.48 13.76 25.39
N CYS A 284 -16.74 14.58 24.63
CA CYS A 284 -15.25 14.63 24.60
C CYS A 284 -14.73 16.05 24.93
N ASP A 285 -14.94 16.53 26.18
CA ASP A 285 -14.50 17.87 26.62
C ASP A 285 -14.95 18.09 28.09
N LYS A 286 -14.20 18.91 28.84
CA LYS A 286 -14.51 19.34 30.23
C LYS A 286 -15.46 20.54 30.18
N HIS A 287 -15.15 21.53 29.31
CA HIS A 287 -15.94 22.75 29.06
C HIS A 287 -17.41 22.36 28.79
N ASN A 288 -17.84 21.27 29.42
CA ASN A 288 -19.18 20.64 29.33
C ASN A 288 -18.97 19.14 29.59
N ALA A 289 -19.76 18.27 28.96
CA ALA A 289 -19.64 16.79 28.99
C ALA A 289 -19.05 16.31 30.33
N SER A 290 -19.91 15.74 31.18
CA SER A 290 -19.58 15.12 32.49
C SER A 290 -19.21 13.64 32.27
N VAL A 291 -18.09 13.21 32.83
CA VAL A 291 -17.57 11.81 32.73
C VAL A 291 -18.62 10.83 33.28
N GLU A 292 -19.18 11.12 34.44
CA GLU A 292 -20.00 10.16 35.24
C GLU A 292 -21.34 9.94 34.54
N LYS A 293 -21.86 10.98 33.92
CA LYS A 293 -23.13 10.91 33.14
C LYS A 293 -22.85 10.04 31.92
N SER A 294 -21.73 10.32 31.27
CA SER A 294 -21.28 9.57 30.07
C SER A 294 -21.24 8.07 30.37
N GLN A 295 -20.67 7.68 31.51
CA GLN A 295 -20.59 6.25 31.89
C GLN A 295 -21.99 5.68 32.10
N VAL A 296 -22.90 6.44 32.70
CA VAL A 296 -24.30 5.98 32.96
C VAL A 296 -25.04 5.83 31.62
N GLY A 297 -24.91 6.79 30.71
CA GLY A 297 -25.42 6.71 29.33
C GLY A 297 -24.96 5.44 28.63
N PHE A 298 -23.65 5.28 28.52
CA PHE A 298 -22.93 4.10 27.97
C PHE A 298 -23.50 2.81 28.55
N ILE A 299 -23.67 2.74 29.87
CA ILE A 299 -24.16 1.49 30.51
C ILE A 299 -25.64 1.29 30.18
N ASP A 300 -26.47 2.34 30.21
CA ASP A 300 -27.96 2.24 30.13
C ASP A 300 -28.40 1.89 28.70
N TYR A 301 -27.70 2.44 27.70
CA TYR A 301 -28.09 2.41 26.27
C TYR A 301 -27.30 1.35 25.48
N ILE A 302 -26.08 0.99 25.90
CA ILE A 302 -25.19 0.05 25.14
C ILE A 302 -24.88 -1.19 25.97
N VAL A 303 -24.17 -0.99 27.08
CA VAL A 303 -23.43 -2.09 27.74
C VAL A 303 -24.45 -3.00 28.43
N HIS A 304 -25.48 -2.44 29.06
CA HIS A 304 -26.50 -3.22 29.82
C HIS A 304 -27.43 -3.97 28.87
N PRO A 305 -28.03 -3.32 27.83
CA PRO A 305 -28.90 -4.07 26.92
C PRO A 305 -28.18 -5.30 26.32
N LEU A 306 -26.94 -5.12 25.83
CA LEU A 306 -26.06 -6.19 25.29
C LEU A 306 -25.80 -7.26 26.37
N TRP A 307 -25.18 -6.88 27.48
CA TRP A 307 -24.82 -7.88 28.53
C TRP A 307 -26.06 -8.58 29.11
N GLU A 308 -27.18 -7.86 29.24
CA GLU A 308 -28.46 -8.44 29.74
C GLU A 308 -28.91 -9.53 28.76
N THR A 309 -28.79 -9.25 27.45
CA THR A 309 -29.20 -10.17 26.36
C THR A 309 -28.25 -11.37 26.31
N TRP A 310 -26.95 -11.14 26.49
CA TRP A 310 -25.94 -12.23 26.59
C TRP A 310 -26.29 -13.14 27.78
N ALA A 311 -26.56 -12.52 28.91
CA ALA A 311 -26.86 -13.20 30.19
C ALA A 311 -28.10 -14.09 30.05
N ASP A 312 -29.04 -13.71 29.21
CA ASP A 312 -30.24 -14.55 28.96
C ASP A 312 -29.84 -15.75 28.11
N LEU A 313 -29.01 -15.51 27.10
CA LEU A 313 -28.57 -16.60 26.17
C LEU A 313 -27.81 -17.66 26.95
N VAL A 314 -27.00 -17.26 27.92
CA VAL A 314 -26.18 -18.24 28.67
C VAL A 314 -26.70 -18.39 30.10
N HIS A 315 -27.95 -18.03 30.34
CA HIS A 315 -28.60 -18.11 31.68
C HIS A 315 -28.31 -19.44 32.36
N PRO A 316 -27.78 -19.46 33.59
CA PRO A 316 -27.48 -18.26 34.35
C PRO A 316 -25.98 -18.04 34.60
N ASP A 317 -25.13 -18.39 33.64
CA ASP A 317 -23.66 -18.33 33.83
C ASP A 317 -23.14 -16.90 34.00
N ALA A 318 -23.87 -15.91 33.50
CA ALA A 318 -23.38 -14.50 33.47
C ALA A 318 -23.99 -13.64 34.59
N GLN A 319 -24.59 -14.24 35.63
CA GLN A 319 -25.32 -13.47 36.70
C GLN A 319 -24.38 -12.51 37.43
N ASP A 320 -23.25 -13.02 37.94
CA ASP A 320 -22.25 -12.22 38.70
C ASP A 320 -21.78 -11.03 37.89
N ILE A 321 -21.45 -11.24 36.61
CA ILE A 321 -20.93 -10.18 35.69
C ILE A 321 -22.00 -9.09 35.58
N LEU A 322 -23.26 -9.47 35.31
CA LEU A 322 -24.41 -8.54 35.15
C LEU A 322 -24.65 -7.77 36.45
N ASP A 323 -24.52 -8.46 37.60
CA ASP A 323 -24.62 -7.85 38.96
C ASP A 323 -23.55 -6.75 39.11
N THR A 324 -22.28 -7.08 38.83
CA THR A 324 -21.13 -6.15 38.97
C THR A 324 -21.42 -4.92 38.11
N LEU A 325 -22.00 -5.14 36.94
CA LEU A 325 -22.25 -4.05 35.95
C LEU A 325 -23.36 -3.12 36.49
N GLU A 326 -24.38 -3.69 37.15
CA GLU A 326 -25.51 -2.94 37.78
C GLU A 326 -24.96 -2.14 38.96
N ASP A 327 -24.14 -2.79 39.81
CA ASP A 327 -23.42 -2.13 40.94
C ASP A 327 -22.60 -0.95 40.38
N ASN A 328 -21.73 -1.19 39.41
CA ASN A 328 -20.80 -0.15 38.89
C ASN A 328 -21.62 1.03 38.36
N ARG A 329 -22.83 0.75 37.81
CA ARG A 329 -23.77 1.77 37.25
C ARG A 329 -24.36 2.61 38.39
N GLU A 330 -24.78 1.98 39.49
CA GLU A 330 -25.27 2.67 40.71
C GLU A 330 -24.13 3.52 41.28
N TRP A 331 -22.91 2.98 41.35
CA TRP A 331 -21.73 3.74 41.82
C TRP A 331 -21.63 5.05 41.03
N TYR A 332 -21.59 4.96 39.70
CA TYR A 332 -21.38 6.13 38.80
C TYR A 332 -22.56 7.12 38.92
N GLN A 333 -23.78 6.63 39.13
CA GLN A 333 -25.00 7.45 39.35
C GLN A 333 -24.84 8.30 40.62
N SER A 334 -24.47 7.65 41.74
CA SER A 334 -24.26 8.28 43.07
C SER A 334 -23.16 9.36 43.03
N THR A 335 -22.30 9.39 42.00
CA THR A 335 -21.19 10.36 41.88
C THR A 335 -21.60 11.62 41.09
N ILE A 336 -22.91 11.82 40.85
CA ILE A 336 -23.47 12.93 40.00
C ILE A 336 -24.10 14.01 40.90
N PRO A 337 -23.66 15.28 40.80
CA PRO A 337 -24.28 16.39 41.53
C PRO A 337 -25.35 17.17 40.74
N GLU B 15 -13.78 9.93 -39.02
CA GLU B 15 -14.11 11.01 -38.03
C GLU B 15 -15.53 11.53 -38.27
N ASP B 16 -15.83 11.86 -39.52
CA ASP B 16 -17.18 12.30 -39.98
C ASP B 16 -18.22 11.29 -39.46
N VAL B 17 -17.99 10.00 -39.77
CA VAL B 17 -18.92 8.87 -39.52
C VAL B 17 -19.12 8.66 -38.01
N LEU B 18 -18.13 8.99 -37.17
CA LEU B 18 -18.21 8.88 -35.69
C LEU B 18 -19.29 9.83 -35.18
N ALA B 19 -19.22 11.11 -35.58
CA ALA B 19 -20.17 12.17 -35.21
C ALA B 19 -21.59 11.68 -35.50
N LYS B 20 -21.81 11.11 -36.68
CA LYS B 20 -23.09 10.49 -37.10
C LYS B 20 -23.49 9.51 -35.99
N GLU B 21 -22.65 8.50 -35.73
CA GLU B 21 -22.94 7.38 -34.78
C GLU B 21 -23.30 7.90 -33.38
N LEU B 22 -22.69 9.03 -32.98
CA LEU B 22 -22.81 9.65 -31.64
C LEU B 22 -24.15 10.38 -31.51
N GLU B 23 -24.86 10.64 -32.61
CA GLU B 23 -26.23 11.22 -32.57
C GLU B 23 -27.18 10.23 -31.88
N ASP B 24 -26.69 9.01 -31.66
CA ASP B 24 -27.47 7.94 -31.01
C ASP B 24 -27.15 7.85 -29.52
N VAL B 25 -26.32 8.77 -29.00
CA VAL B 25 -25.88 8.79 -27.58
C VAL B 25 -27.02 8.73 -26.55
N ASN B 26 -28.21 9.27 -26.83
CA ASN B 26 -29.32 9.25 -25.85
C ASN B 26 -30.24 8.06 -26.08
N LYS B 27 -29.79 7.10 -26.88
CA LYS B 27 -30.64 5.94 -27.21
C LYS B 27 -30.09 4.59 -26.74
N TRP B 28 -30.94 3.83 -26.06
CA TRP B 28 -30.71 2.39 -25.82
C TRP B 28 -30.35 1.71 -27.14
N GLY B 29 -29.17 1.12 -27.24
CA GLY B 29 -28.76 0.34 -28.43
C GLY B 29 -27.79 1.10 -29.31
N LEU B 30 -27.09 2.09 -28.77
CA LEU B 30 -25.91 2.73 -29.41
C LEU B 30 -24.95 1.66 -29.96
N HIS B 31 -24.35 1.92 -31.13
CA HIS B 31 -23.42 0.96 -31.80
C HIS B 31 -22.06 1.15 -31.13
N VAL B 32 -21.98 0.71 -29.89
CA VAL B 32 -20.83 1.05 -29.00
C VAL B 32 -19.56 0.39 -29.60
N PHE B 33 -19.66 -0.80 -30.17
CA PHE B 33 -18.49 -1.47 -30.81
C PHE B 33 -18.04 -0.62 -32.01
N ARG B 34 -18.99 -0.16 -32.83
CA ARG B 34 -18.69 0.76 -33.96
C ARG B 34 -17.94 1.99 -33.43
N ILE B 35 -18.43 2.60 -32.34
CA ILE B 35 -17.82 3.84 -31.77
C ILE B 35 -16.40 3.52 -31.25
N ALA B 36 -16.18 2.32 -30.73
CA ALA B 36 -14.84 1.81 -30.32
C ALA B 36 -13.89 1.83 -31.52
N GLU B 37 -14.31 1.21 -32.63
CA GLU B 37 -13.51 1.11 -33.88
C GLU B 37 -13.23 2.52 -34.42
N LEU B 38 -14.26 3.36 -34.55
CA LEU B 38 -14.17 4.72 -35.14
C LEU B 38 -13.31 5.65 -34.27
N SER B 39 -13.32 5.51 -32.94
CA SER B 39 -12.61 6.45 -32.02
C SER B 39 -11.14 6.04 -31.85
N GLY B 40 -10.70 4.99 -32.56
CA GLY B 40 -9.39 4.34 -32.35
C GLY B 40 -9.28 3.84 -30.92
N ASN B 41 -10.25 3.01 -30.50
CA ASN B 41 -10.39 2.42 -29.14
C ASN B 41 -10.36 3.52 -28.06
N ARG B 42 -11.08 4.62 -28.28
CA ARG B 42 -11.32 5.67 -27.27
C ARG B 42 -12.81 5.85 -27.02
N PRO B 43 -13.64 4.78 -26.93
CA PRO B 43 -15.09 4.93 -26.76
C PRO B 43 -15.55 5.48 -25.42
N LEU B 44 -14.79 5.23 -24.35
CA LEU B 44 -15.15 5.81 -23.04
C LEU B 44 -14.91 7.33 -23.13
N THR B 45 -13.75 7.75 -23.58
CA THR B 45 -13.43 9.19 -23.67
C THR B 45 -14.41 9.90 -24.59
N VAL B 46 -14.66 9.32 -25.74
CA VAL B 46 -15.53 9.95 -26.77
C VAL B 46 -16.97 10.02 -26.25
N ILE B 47 -17.50 8.92 -25.75
CA ILE B 47 -18.90 8.92 -25.22
C ILE B 47 -19.00 9.84 -24.02
N MET B 48 -18.03 9.79 -23.11
CA MET B 48 -18.10 10.63 -21.87
C MET B 48 -18.06 12.11 -22.25
N HIS B 49 -17.29 12.46 -23.27
CA HIS B 49 -17.13 13.88 -23.68
C HIS B 49 -18.49 14.39 -24.16
N THR B 50 -19.05 13.68 -25.13
CA THR B 50 -20.36 13.99 -25.70
C THR B 50 -21.39 14.19 -24.59
N ILE B 51 -21.48 13.23 -23.66
CA ILE B 51 -22.48 13.31 -22.54
C ILE B 51 -22.20 14.53 -21.69
N PHE B 52 -20.96 14.81 -21.35
CA PHE B 52 -20.62 15.98 -20.50
C PHE B 52 -21.00 17.27 -21.24
N GLN B 53 -20.79 17.32 -22.55
CA GLN B 53 -21.18 18.51 -23.33
C GLN B 53 -22.70 18.55 -23.39
N GLU B 54 -23.31 17.42 -23.74
CA GLU B 54 -24.78 17.31 -23.90
C GLU B 54 -25.51 17.75 -22.63
N ARG B 55 -25.01 17.40 -21.45
CA ARG B 55 -25.64 17.76 -20.16
C ARG B 55 -25.09 19.11 -19.66
N ASP B 56 -24.17 19.69 -20.41
CA ASP B 56 -23.52 20.99 -20.08
C ASP B 56 -22.84 20.90 -18.71
N LEU B 57 -22.20 19.78 -18.40
CA LEU B 57 -21.60 19.55 -17.07
C LEU B 57 -20.28 20.33 -16.93
N LEU B 58 -19.59 20.55 -18.04
CA LEU B 58 -18.31 21.29 -18.01
C LEU B 58 -18.59 22.71 -17.55
N LYS B 59 -19.65 23.31 -18.08
CA LYS B 59 -20.00 24.70 -17.72
C LYS B 59 -20.62 24.74 -16.32
N THR B 60 -21.39 23.74 -15.93
CA THR B 60 -22.06 23.77 -14.59
C THR B 60 -21.08 23.66 -13.43
N PHE B 61 -20.01 22.90 -13.60
CA PHE B 61 -19.04 22.55 -12.54
C PHE B 61 -17.67 23.15 -12.88
N LYS B 62 -17.58 23.97 -13.94
CA LYS B 62 -16.35 24.70 -14.36
C LYS B 62 -15.22 23.67 -14.54
N ILE B 63 -15.47 22.72 -15.43
CA ILE B 63 -14.57 21.60 -15.77
C ILE B 63 -13.81 22.01 -17.02
N PRO B 64 -12.52 22.39 -16.90
CA PRO B 64 -11.72 22.71 -18.08
C PRO B 64 -11.78 21.50 -19.01
N VAL B 65 -11.93 21.75 -20.32
CA VAL B 65 -12.12 20.72 -21.38
C VAL B 65 -10.78 19.95 -21.57
N ASP B 66 -9.64 20.64 -21.43
CA ASP B 66 -8.29 20.02 -21.44
C ASP B 66 -8.24 18.98 -20.31
N THR B 67 -8.72 19.33 -19.11
CA THR B 67 -8.66 18.46 -17.90
C THR B 67 -9.59 17.27 -18.13
N LEU B 68 -10.84 17.52 -18.47
CA LEU B 68 -11.78 16.40 -18.63
C LEU B 68 -11.15 15.36 -19.55
N ILE B 69 -10.74 15.79 -20.73
CA ILE B 69 -10.20 14.93 -21.80
C ILE B 69 -8.93 14.21 -21.35
N THR B 70 -8.06 14.86 -20.58
CA THR B 70 -6.82 14.23 -20.07
C THR B 70 -7.18 13.08 -19.12
N TYR B 71 -8.04 13.34 -18.16
CA TYR B 71 -8.51 12.34 -17.16
C TYR B 71 -9.29 11.20 -17.84
N LEU B 72 -10.17 11.53 -18.79
CA LEU B 72 -10.96 10.50 -19.54
C LEU B 72 -9.99 9.54 -20.21
N MET B 73 -8.91 10.06 -20.79
CA MET B 73 -8.02 9.20 -21.59
C MET B 73 -7.13 8.38 -20.64
N THR B 74 -6.63 9.01 -19.58
CA THR B 74 -5.94 8.38 -18.43
C THR B 74 -6.81 7.22 -17.97
N LEU B 75 -8.10 7.49 -17.72
CA LEU B 75 -9.01 6.54 -17.05
C LEU B 75 -9.17 5.33 -17.95
N GLU B 76 -9.50 5.59 -19.22
CA GLU B 76 -9.66 4.60 -20.30
C GLU B 76 -8.40 3.72 -20.35
N ASP B 77 -7.21 4.32 -20.35
CA ASP B 77 -5.90 3.60 -20.42
C ASP B 77 -5.71 2.64 -19.22
N HIS B 78 -6.40 2.85 -18.08
CA HIS B 78 -6.28 1.94 -16.91
C HIS B 78 -7.34 0.84 -16.99
N TYR B 79 -8.07 0.78 -18.09
CA TYR B 79 -8.86 -0.40 -18.50
C TYR B 79 -7.91 -1.25 -19.35
N HIS B 80 -7.93 -2.57 -19.12
CA HIS B 80 -7.02 -3.56 -19.74
C HIS B 80 -7.56 -3.90 -21.14
N ALA B 81 -6.79 -3.57 -22.18
CA ALA B 81 -7.07 -3.92 -23.60
C ALA B 81 -7.15 -5.43 -23.79
N ASP B 82 -6.54 -6.20 -22.90
CA ASP B 82 -6.40 -7.68 -23.05
C ASP B 82 -7.57 -8.38 -22.38
N VAL B 83 -8.38 -7.65 -21.60
CA VAL B 83 -9.56 -8.25 -20.92
C VAL B 83 -10.76 -8.14 -21.88
N ALA B 84 -11.40 -9.27 -22.17
CA ALA B 84 -12.36 -9.42 -23.28
C ALA B 84 -13.65 -8.64 -22.96
N TYR B 85 -14.05 -8.61 -21.69
CA TYR B 85 -15.35 -8.02 -21.25
C TYR B 85 -15.12 -6.76 -20.42
N HIS B 86 -14.42 -6.84 -19.29
CA HIS B 86 -14.33 -5.71 -18.31
C HIS B 86 -13.27 -4.70 -18.78
N ASN B 87 -13.47 -4.15 -19.96
CA ASN B 87 -12.52 -3.19 -20.59
C ASN B 87 -13.21 -1.83 -20.78
N ASN B 88 -12.57 -0.91 -21.50
CA ASN B 88 -13.03 0.46 -21.77
C ASN B 88 -14.35 0.44 -22.56
N ILE B 89 -14.54 -0.51 -23.48
CA ILE B 89 -15.82 -0.65 -24.22
C ILE B 89 -16.95 -0.88 -23.21
N HIS B 90 -16.75 -1.76 -22.23
CA HIS B 90 -17.76 -2.10 -21.20
C HIS B 90 -18.10 -0.85 -20.38
N ALA B 91 -17.10 -0.08 -19.99
CA ALA B 91 -17.25 1.14 -19.15
C ALA B 91 -18.00 2.18 -19.98
N ALA B 92 -17.57 2.41 -21.22
CA ALA B 92 -18.28 3.29 -22.19
C ALA B 92 -19.76 2.85 -22.24
N ASP B 93 -20.00 1.55 -22.31
CA ASP B 93 -21.37 1.01 -22.44
C ASP B 93 -22.18 1.33 -21.18
N VAL B 94 -21.58 1.19 -19.98
CA VAL B 94 -22.32 1.40 -18.69
C VAL B 94 -22.54 2.90 -18.47
N VAL B 95 -21.65 3.74 -18.99
CA VAL B 95 -21.78 5.22 -18.92
C VAL B 95 -22.96 5.63 -19.78
N GLN B 96 -22.99 5.15 -21.03
CA GLN B 96 -24.05 5.52 -22.00
C GLN B 96 -25.38 4.99 -21.50
N SER B 97 -25.41 3.75 -20.98
CA SER B 97 -26.66 3.11 -20.53
C SER B 97 -27.21 3.90 -19.35
N THR B 98 -26.34 4.33 -18.46
CA THR B 98 -26.74 5.08 -17.25
C THR B 98 -27.24 6.46 -17.65
N HIS B 99 -26.61 7.02 -18.66
CA HIS B 99 -26.95 8.36 -19.18
C HIS B 99 -28.39 8.34 -19.70
N VAL B 100 -28.75 7.28 -20.41
CA VAL B 100 -30.12 7.13 -20.94
C VAL B 100 -31.10 6.97 -19.78
N LEU B 101 -30.82 6.11 -18.81
CA LEU B 101 -31.72 5.88 -17.64
C LEU B 101 -31.94 7.19 -16.88
N LEU B 102 -30.93 8.05 -16.78
CA LEU B 102 -31.05 9.33 -16.01
C LEU B 102 -32.08 10.26 -16.69
N SER B 103 -32.16 10.20 -18.02
CA SER B 103 -33.05 10.99 -18.92
C SER B 103 -34.46 10.40 -18.97
N THR B 104 -34.74 9.30 -18.26
CA THR B 104 -36.07 8.64 -18.28
C THR B 104 -37.14 9.64 -17.86
N PRO B 105 -38.16 9.88 -18.71
CA PRO B 105 -39.29 10.74 -18.36
C PRO B 105 -39.76 10.59 -16.90
N ALA B 106 -39.94 9.38 -16.36
CA ALA B 106 -40.46 9.16 -14.98
C ALA B 106 -39.51 9.74 -13.89
N LEU B 107 -38.26 10.08 -14.21
CA LEU B 107 -37.29 10.57 -13.19
C LEU B 107 -36.98 12.06 -13.43
N GLU B 108 -37.61 12.67 -14.44
CA GLU B 108 -37.45 14.12 -14.75
C GLU B 108 -37.62 14.87 -13.43
N ALA B 109 -36.68 15.78 -13.15
CA ALA B 109 -36.70 16.79 -12.07
C ALA B 109 -36.35 16.18 -10.70
N VAL B 110 -36.01 14.88 -10.62
CA VAL B 110 -35.67 14.20 -9.34
C VAL B 110 -34.26 14.61 -8.88
N PHE B 111 -33.23 14.41 -9.72
CA PHE B 111 -31.80 14.42 -9.33
C PHE B 111 -31.13 15.75 -9.68
N THR B 112 -30.25 16.21 -8.81
CA THR B 112 -29.42 17.44 -8.98
C THR B 112 -28.32 17.19 -10.01
N ASP B 113 -27.64 18.25 -10.44
CA ASP B 113 -26.51 18.18 -11.39
C ASP B 113 -25.40 17.35 -10.75
N LEU B 114 -25.20 17.50 -9.44
CA LEU B 114 -24.13 16.79 -8.70
C LEU B 114 -24.40 15.29 -8.79
N GLU B 115 -25.57 14.87 -8.32
CA GLU B 115 -26.03 13.46 -8.29
C GLU B 115 -25.91 12.85 -9.69
N ILE B 116 -26.19 13.65 -10.72
CA ILE B 116 -26.10 13.18 -12.14
C ILE B 116 -24.63 12.90 -12.42
N LEU B 117 -23.76 13.85 -12.07
CA LEU B 117 -22.31 13.79 -12.37
C LEU B 117 -21.72 12.58 -11.62
N ALA B 118 -22.19 12.35 -10.39
CA ALA B 118 -21.80 11.21 -9.54
C ALA B 118 -22.12 9.89 -10.27
N ALA B 119 -23.36 9.69 -10.70
CA ALA B 119 -23.81 8.40 -11.29
C ALA B 119 -23.01 8.14 -12.56
N ILE B 120 -22.72 9.18 -13.33
CA ILE B 120 -21.99 9.07 -14.63
C ILE B 120 -20.52 8.78 -14.34
N PHE B 121 -19.92 9.50 -13.38
CA PHE B 121 -18.50 9.31 -12.99
C PHE B 121 -18.32 7.90 -12.42
N ALA B 122 -19.21 7.50 -11.49
CA ALA B 122 -19.27 6.13 -10.91
C ALA B 122 -19.31 5.11 -12.06
N SER B 123 -20.26 5.24 -12.99
CA SER B 123 -20.30 4.39 -14.20
C SER B 123 -18.93 4.33 -14.89
N ALA B 124 -18.22 5.45 -15.03
CA ALA B 124 -17.02 5.55 -15.88
C ALA B 124 -15.89 4.73 -15.24
N ILE B 125 -15.80 4.75 -13.91
CA ILE B 125 -14.69 4.18 -13.10
C ILE B 125 -15.07 2.80 -12.52
N HIS B 126 -16.31 2.33 -12.66
CA HIS B 126 -16.87 1.28 -11.75
C HIS B 126 -16.11 -0.05 -11.88
N ASP B 127 -15.35 -0.23 -12.96
CA ASP B 127 -14.58 -1.47 -13.23
C ASP B 127 -13.15 -1.15 -13.62
N VAL B 128 -12.62 0.02 -13.27
CA VAL B 128 -11.30 0.43 -13.80
C VAL B 128 -10.26 -0.52 -13.21
N ASP B 129 -9.32 -0.94 -14.04
CA ASP B 129 -8.15 -1.78 -13.69
C ASP B 129 -8.60 -3.18 -13.27
N HIS B 130 -9.68 -3.68 -13.84
CA HIS B 130 -10.19 -5.07 -13.64
C HIS B 130 -9.18 -6.08 -14.21
N PRO B 131 -8.73 -7.09 -13.43
CA PRO B 131 -7.73 -8.06 -13.91
C PRO B 131 -8.30 -9.18 -14.79
N GLY B 132 -9.63 -9.22 -14.92
CA GLY B 132 -10.34 -10.22 -15.72
C GLY B 132 -10.62 -11.47 -14.91
N VAL B 133 -10.53 -11.40 -13.59
CA VAL B 133 -10.82 -12.58 -12.72
C VAL B 133 -11.71 -12.12 -11.59
N SER B 134 -12.41 -13.06 -10.98
CA SER B 134 -13.47 -12.77 -9.97
C SER B 134 -12.85 -12.39 -8.62
N ASN B 135 -13.64 -11.79 -7.74
CA ASN B 135 -13.20 -11.54 -6.34
C ASN B 135 -12.70 -12.86 -5.74
N GLN B 136 -13.42 -13.98 -5.99
CA GLN B 136 -13.16 -15.26 -5.30
C GLN B 136 -11.79 -15.75 -5.77
N PHE B 137 -11.41 -15.50 -7.02
CA PHE B 137 -10.07 -15.83 -7.57
C PHE B 137 -8.96 -15.05 -6.83
N LEU B 138 -9.14 -13.75 -6.63
CA LEU B 138 -8.19 -12.86 -5.92
C LEU B 138 -8.09 -13.32 -4.48
N ILE B 139 -9.19 -13.84 -3.93
CA ILE B 139 -9.24 -14.27 -2.49
C ILE B 139 -8.48 -15.58 -2.36
N ASN B 140 -8.77 -16.58 -3.21
CA ASN B 140 -8.16 -17.94 -3.18
C ASN B 140 -6.65 -17.90 -3.42
N THR B 141 -6.15 -16.93 -4.21
CA THR B 141 -4.71 -16.76 -4.46
C THR B 141 -4.04 -15.95 -3.35
N ASN B 142 -4.77 -15.43 -2.37
CA ASN B 142 -4.18 -14.57 -1.31
C ASN B 142 -3.54 -13.35 -1.98
N SER B 143 -4.24 -12.77 -2.96
CA SER B 143 -3.72 -11.58 -3.65
C SER B 143 -3.62 -10.45 -2.64
N GLU B 144 -2.74 -9.52 -2.95
CA GLU B 144 -2.48 -8.28 -2.16
C GLU B 144 -3.80 -7.53 -2.00
N LEU B 145 -4.57 -7.39 -3.09
CA LEU B 145 -5.90 -6.73 -3.08
C LEU B 145 -6.83 -7.42 -2.08
N ALA B 146 -6.95 -8.74 -2.08
CA ALA B 146 -7.85 -9.46 -1.12
C ALA B 146 -7.38 -9.18 0.32
N LEU B 147 -6.07 -9.17 0.56
CA LEU B 147 -5.44 -8.87 1.88
C LEU B 147 -5.77 -7.46 2.36
N MET B 148 -5.59 -6.48 1.50
CA MET B 148 -5.83 -5.05 1.77
C MET B 148 -7.31 -4.82 2.12
N TYR B 149 -8.26 -5.49 1.43
CA TYR B 149 -9.71 -5.20 1.59
C TYR B 149 -10.43 -6.36 2.31
N ASN B 150 -9.70 -7.26 2.96
CA ASN B 150 -10.28 -8.33 3.83
C ASN B 150 -11.36 -9.12 3.06
N ASP B 151 -11.06 -9.52 1.82
CA ASP B 151 -11.89 -10.48 1.03
C ASP B 151 -13.27 -9.86 0.72
N SER B 152 -13.48 -8.56 0.96
CA SER B 152 -14.80 -7.86 0.87
C SER B 152 -14.81 -6.85 -0.29
N SER B 153 -15.67 -7.08 -1.29
CA SER B 153 -15.84 -6.20 -2.47
C SER B 153 -14.46 -5.77 -2.95
N VAL B 154 -13.56 -6.76 -3.10
CA VAL B 154 -12.12 -6.53 -3.36
C VAL B 154 -11.96 -5.70 -4.64
N LEU B 155 -12.58 -6.13 -5.71
CA LEU B 155 -12.41 -5.44 -7.01
C LEU B 155 -13.03 -4.05 -6.92
N GLU B 156 -14.24 -3.97 -6.37
CA GLU B 156 -15.07 -2.73 -6.34
C GLU B 156 -14.36 -1.67 -5.47
N ASN B 157 -13.74 -2.06 -4.36
CA ASN B 157 -12.85 -1.16 -3.57
C ASN B 157 -11.72 -0.66 -4.49
N HIS B 158 -11.09 -1.56 -5.25
CA HIS B 158 -9.92 -1.23 -6.10
C HIS B 158 -10.35 -0.28 -7.23
N HIS B 159 -11.48 -0.56 -7.87
CA HIS B 159 -12.05 0.35 -8.91
C HIS B 159 -12.18 1.76 -8.31
N LEU B 160 -12.74 1.87 -7.10
CA LEU B 160 -12.88 3.18 -6.40
C LEU B 160 -11.50 3.83 -6.22
N ALA B 161 -10.52 3.09 -5.67
CA ALA B 161 -9.15 3.57 -5.42
C ALA B 161 -8.53 4.14 -6.72
N VAL B 162 -8.50 3.37 -7.79
CA VAL B 162 -7.86 3.84 -9.07
C VAL B 162 -8.64 5.03 -9.61
N GLY B 163 -9.98 4.93 -9.63
CA GLY B 163 -10.86 6.00 -10.14
C GLY B 163 -10.52 7.35 -9.52
N PHE B 164 -10.43 7.38 -8.20
CA PHE B 164 -10.14 8.62 -7.44
C PHE B 164 -8.68 9.01 -7.62
N LYS B 165 -7.79 8.03 -7.49
CA LYS B 165 -6.34 8.22 -7.61
C LYS B 165 -6.00 8.95 -8.91
N LEU B 166 -6.56 8.52 -10.04
CA LEU B 166 -6.21 9.12 -11.34
C LEU B 166 -6.48 10.62 -11.39
N LEU B 167 -7.35 11.15 -10.52
CA LEU B 167 -7.64 12.61 -10.38
C LEU B 167 -6.34 13.35 -10.07
N GLN B 168 -5.46 12.71 -9.31
CA GLN B 168 -4.18 13.31 -8.88
C GLN B 168 -3.10 13.25 -9.98
N GLU B 169 -3.40 12.79 -11.19
CA GLU B 169 -2.36 12.77 -12.28
C GLU B 169 -2.34 14.13 -12.96
N GLU B 170 -1.36 14.37 -13.84
CA GLU B 170 -1.13 15.73 -14.38
C GLU B 170 -2.37 16.19 -15.15
N ASN B 171 -2.93 17.35 -14.74
CA ASN B 171 -4.11 18.03 -15.34
C ASN B 171 -5.27 17.05 -15.51
N CYS B 172 -5.58 16.27 -14.47
CA CYS B 172 -6.61 15.20 -14.50
C CYS B 172 -7.73 15.50 -13.52
N ASP B 173 -7.56 16.49 -12.62
CA ASP B 173 -8.50 16.74 -11.49
C ASP B 173 -9.74 17.49 -12.03
N ILE B 174 -10.76 16.74 -12.46
CA ILE B 174 -11.94 17.31 -13.19
C ILE B 174 -12.87 18.00 -12.19
N PHE B 175 -12.71 17.78 -10.88
CA PHE B 175 -13.51 18.40 -9.79
C PHE B 175 -12.71 19.51 -9.08
N GLN B 176 -11.69 20.08 -9.73
CA GLN B 176 -10.82 21.12 -9.10
C GLN B 176 -11.67 22.33 -8.67
N ASN B 177 -12.69 22.69 -9.45
CA ASN B 177 -13.58 23.87 -9.20
C ASN B 177 -14.91 23.43 -8.58
N LEU B 178 -15.01 22.24 -7.98
CA LEU B 178 -16.16 21.92 -7.08
C LEU B 178 -15.90 22.55 -5.71
N THR B 179 -16.98 22.80 -4.98
CA THR B 179 -16.88 23.29 -3.60
C THR B 179 -16.53 22.11 -2.70
N LYS B 180 -16.06 22.37 -1.50
CA LYS B 180 -15.69 21.28 -0.59
C LYS B 180 -16.89 20.36 -0.34
N LYS B 181 -18.07 20.92 -0.04
CA LYS B 181 -19.27 20.08 0.26
C LYS B 181 -19.70 19.29 -0.98
N GLN B 182 -19.57 19.87 -2.15
CA GLN B 182 -19.83 19.19 -3.46
C GLN B 182 -18.90 17.97 -3.59
N ARG B 183 -17.58 18.21 -3.56
CA ARG B 183 -16.53 17.14 -3.56
C ARG B 183 -16.88 16.08 -2.51
N GLN B 184 -17.21 16.46 -1.27
CA GLN B 184 -17.54 15.49 -0.19
C GLN B 184 -18.76 14.66 -0.59
N SER B 185 -19.80 15.31 -1.09
CA SER B 185 -21.08 14.65 -1.44
C SER B 185 -20.87 13.72 -2.63
N LEU B 186 -20.23 14.22 -3.68
CA LEU B 186 -19.97 13.42 -4.91
C LEU B 186 -19.12 12.21 -4.55
N ARG B 187 -18.20 12.35 -3.60
CA ARG B 187 -17.34 11.25 -3.14
C ARG B 187 -18.21 10.18 -2.49
N LYS B 188 -19.00 10.53 -1.49
CA LYS B 188 -19.78 9.52 -0.73
C LYS B 188 -20.74 8.78 -1.68
N MET B 189 -21.23 9.46 -2.71
CA MET B 189 -22.28 8.92 -3.61
C MET B 189 -21.63 7.94 -4.59
N VAL B 190 -20.52 8.36 -5.20
CA VAL B 190 -19.66 7.49 -6.06
C VAL B 190 -19.30 6.22 -5.27
N ILE B 191 -18.85 6.33 -4.04
CA ILE B 191 -18.49 5.15 -3.21
C ILE B 191 -19.68 4.22 -3.12
N ASP B 192 -20.84 4.77 -2.74
CA ASP B 192 -22.09 3.99 -2.56
C ASP B 192 -22.47 3.29 -3.88
N ILE B 193 -22.35 3.99 -5.01
CA ILE B 193 -22.76 3.45 -6.34
C ILE B 193 -21.78 2.33 -6.76
N VAL B 194 -20.46 2.55 -6.74
CA VAL B 194 -19.49 1.53 -7.27
C VAL B 194 -19.57 0.25 -6.42
N LEU B 195 -19.64 0.38 -5.09
CA LEU B 195 -19.73 -0.77 -4.16
C LEU B 195 -21.03 -1.57 -4.41
N ALA B 196 -22.10 -0.91 -4.88
CA ALA B 196 -23.41 -1.55 -5.18
C ALA B 196 -23.28 -2.45 -6.42
N THR B 197 -22.18 -2.35 -7.18
CA THR B 197 -21.99 -3.12 -8.42
C THR B 197 -21.46 -4.53 -8.09
N ASP B 198 -20.97 -4.75 -6.87
CA ASP B 198 -20.64 -6.10 -6.36
C ASP B 198 -21.92 -6.94 -6.44
N MET B 199 -21.88 -8.07 -7.16
CA MET B 199 -23.05 -8.97 -7.31
C MET B 199 -23.42 -9.59 -5.96
N SER B 200 -22.57 -9.55 -4.94
CA SER B 200 -22.94 -10.11 -3.60
C SER B 200 -23.97 -9.19 -2.92
N LYS B 201 -24.05 -7.93 -3.34
CA LYS B 201 -25.03 -6.94 -2.82
C LYS B 201 -26.34 -7.01 -3.62
N HIS B 202 -26.38 -7.74 -4.73
CA HIS B 202 -27.53 -7.71 -5.69
C HIS B 202 -28.85 -7.97 -4.94
N MET B 203 -28.94 -9.05 -4.16
CA MET B 203 -30.23 -9.49 -3.51
C MET B 203 -30.78 -8.36 -2.63
N ASN B 204 -29.97 -7.82 -1.72
CA ASN B 204 -30.37 -6.73 -0.78
C ASN B 204 -30.79 -5.49 -1.58
N LEU B 205 -30.02 -5.10 -2.60
CA LEU B 205 -30.34 -3.96 -3.49
C LEU B 205 -31.73 -4.17 -4.09
N LEU B 206 -32.01 -5.39 -4.55
CA LEU B 206 -33.28 -5.75 -5.23
C LEU B 206 -34.43 -5.65 -4.23
N ALA B 207 -34.27 -6.23 -3.03
CA ALA B 207 -35.25 -6.16 -1.92
C ALA B 207 -35.64 -4.70 -1.69
N ASP B 208 -34.65 -3.82 -1.54
CA ASP B 208 -34.86 -2.41 -1.14
C ASP B 208 -35.58 -1.70 -2.29
N LEU B 209 -35.22 -2.01 -3.54
CA LEU B 209 -35.86 -1.41 -4.74
C LEU B 209 -37.33 -1.83 -4.77
N LYS B 210 -37.61 -3.12 -4.50
CA LYS B 210 -39.00 -3.68 -4.46
C LYS B 210 -39.82 -2.92 -3.41
N THR B 211 -39.33 -2.88 -2.17
CA THR B 211 -39.94 -2.14 -1.02
C THR B 211 -40.25 -0.69 -1.41
N MET B 212 -39.34 0.00 -2.11
CA MET B 212 -39.54 1.41 -2.50
C MET B 212 -40.68 1.54 -3.54
N VAL B 213 -40.89 0.52 -4.38
CA VAL B 213 -41.92 0.55 -5.47
C VAL B 213 -43.29 0.33 -4.84
N GLU B 214 -43.38 -0.56 -3.84
CA GLU B 214 -44.61 -0.88 -3.05
C GLU B 214 -45.07 0.33 -2.25
N THR B 215 -44.19 1.30 -1.97
CA THR B 215 -44.45 2.49 -1.12
C THR B 215 -44.01 3.77 -1.86
N LYS B 216 -43.97 3.72 -3.20
CA LYS B 216 -43.53 4.83 -4.10
C LYS B 216 -44.33 6.10 -3.78
N LYS B 217 -43.65 7.26 -3.72
CA LYS B 217 -44.28 8.58 -3.45
C LYS B 217 -43.83 9.59 -4.50
N VAL B 218 -44.75 10.44 -4.95
CA VAL B 218 -44.60 11.35 -6.13
C VAL B 218 -45.22 12.72 -5.80
N THR B 219 -44.71 13.78 -6.43
CA THR B 219 -45.23 15.16 -6.28
C THR B 219 -46.62 15.27 -6.93
N SER B 220 -47.16 16.49 -6.94
CA SER B 220 -48.41 16.87 -7.65
C SER B 220 -48.31 16.52 -9.15
N SER B 221 -47.17 16.85 -9.78
CA SER B 221 -46.94 16.74 -11.25
C SER B 221 -46.53 15.30 -11.64
N GLY B 222 -46.35 14.39 -10.67
CA GLY B 222 -46.05 12.96 -10.88
C GLY B 222 -44.57 12.62 -10.77
N VAL B 223 -43.73 13.60 -10.44
CA VAL B 223 -42.26 13.44 -10.20
C VAL B 223 -42.07 12.52 -8.99
N LEU B 224 -41.13 11.59 -9.10
CA LEU B 224 -40.83 10.64 -8.01
C LEU B 224 -40.23 11.42 -6.84
N LEU B 225 -40.64 11.09 -5.62
CA LEU B 225 -40.22 11.82 -4.39
C LEU B 225 -39.20 11.02 -3.58
N LEU B 226 -37.95 11.48 -3.56
CA LEU B 226 -36.87 10.87 -2.76
C LEU B 226 -36.42 11.99 -1.81
N ASP B 227 -36.92 11.95 -0.58
CA ASP B 227 -36.78 13.10 0.36
C ASP B 227 -35.61 12.86 1.34
N ASN B 228 -35.10 11.63 1.45
CA ASN B 228 -33.93 11.27 2.30
C ASN B 228 -32.84 10.60 1.45
N TYR B 229 -31.57 10.77 1.82
CA TYR B 229 -30.38 10.25 1.11
C TYR B 229 -30.45 8.73 0.88
N SER B 230 -30.82 7.98 1.90
CA SER B 230 -31.09 6.52 1.81
C SER B 230 -31.76 6.21 0.45
N ASP B 231 -32.86 6.90 0.13
CA ASP B 231 -33.74 6.55 -1.02
C ASP B 231 -33.15 7.10 -2.32
N ARG B 232 -32.64 8.32 -2.30
CA ARG B 232 -32.03 8.92 -3.53
C ARG B 232 -30.87 8.02 -4.01
N ILE B 233 -30.03 7.52 -3.09
CA ILE B 233 -28.77 6.78 -3.42
C ILE B 233 -29.12 5.34 -3.83
N GLN B 234 -30.04 4.71 -3.11
CA GLN B 234 -30.60 3.37 -3.44
C GLN B 234 -31.14 3.40 -4.89
N VAL B 235 -31.66 4.53 -5.33
CA VAL B 235 -32.19 4.64 -6.72
C VAL B 235 -31.02 4.78 -7.69
N LEU B 236 -30.02 5.61 -7.37
CA LEU B 236 -28.78 5.76 -8.18
C LEU B 236 -28.00 4.43 -8.19
N GLN B 237 -27.97 3.72 -7.06
CA GLN B 237 -27.29 2.40 -6.97
C GLN B 237 -27.95 1.40 -7.92
N ASN B 238 -29.25 1.19 -7.78
CA ASN B 238 -30.01 0.25 -8.66
C ASN B 238 -29.87 0.69 -10.13
N MET B 239 -29.96 1.99 -10.39
CA MET B 239 -29.79 2.54 -11.76
C MET B 239 -28.45 2.06 -12.34
N VAL B 240 -27.33 2.34 -11.67
CA VAL B 240 -25.99 2.01 -12.25
C VAL B 240 -25.83 0.47 -12.25
N HIS B 241 -26.47 -0.21 -11.31
CA HIS B 241 -26.51 -1.70 -11.29
C HIS B 241 -27.20 -2.21 -12.56
N CYS B 242 -28.37 -1.66 -12.90
CA CYS B 242 -29.19 -2.01 -14.09
C CYS B 242 -28.37 -1.81 -15.36
N ALA B 243 -27.63 -0.70 -15.47
CA ALA B 243 -26.72 -0.38 -16.60
C ALA B 243 -25.65 -1.47 -16.71
N ASP B 244 -25.06 -1.83 -15.56
CA ASP B 244 -24.09 -2.94 -15.41
C ASP B 244 -24.72 -4.24 -15.93
N LEU B 245 -26.00 -4.49 -15.58
CA LEU B 245 -26.73 -5.72 -15.99
C LEU B 245 -27.65 -5.46 -17.19
N SER B 246 -27.23 -4.63 -18.15
CA SER B 246 -28.08 -4.11 -19.25
C SER B 246 -27.89 -4.89 -20.56
N ASN B 247 -26.83 -5.69 -20.71
CA ASN B 247 -26.48 -6.42 -21.96
C ASN B 247 -27.68 -7.20 -22.49
N PRO B 248 -28.34 -8.07 -21.69
CA PRO B 248 -29.40 -8.93 -22.21
C PRO B 248 -30.69 -8.18 -22.63
N THR B 249 -30.78 -6.89 -22.29
CA THR B 249 -31.90 -5.98 -22.65
C THR B 249 -31.57 -5.19 -23.90
N LYS B 250 -30.38 -5.35 -24.49
CA LYS B 250 -29.99 -4.57 -25.70
C LYS B 250 -30.45 -5.31 -26.95
N PRO B 251 -30.54 -4.64 -28.13
CA PRO B 251 -30.69 -5.35 -29.40
C PRO B 251 -29.77 -6.58 -29.42
N LEU B 252 -30.30 -7.73 -29.87
CA LEU B 252 -29.61 -9.04 -29.82
C LEU B 252 -28.18 -8.91 -30.38
N GLN B 253 -28.01 -8.27 -31.54
CA GLN B 253 -26.70 -8.17 -32.22
C GLN B 253 -25.64 -7.65 -31.21
N LEU B 254 -26.06 -6.75 -30.31
CA LEU B 254 -25.20 -6.18 -29.24
C LEU B 254 -25.00 -7.21 -28.11
N TYR B 255 -26.10 -7.78 -27.61
CA TYR B 255 -26.12 -8.78 -26.50
C TYR B 255 -25.19 -9.97 -26.82
N ARG B 256 -25.23 -10.45 -28.05
CA ARG B 256 -24.49 -11.67 -28.49
C ARG B 256 -22.99 -11.40 -28.42
N GLN B 257 -22.54 -10.23 -28.84
CA GLN B 257 -21.14 -9.74 -28.70
C GLN B 257 -20.73 -9.67 -27.23
N TRP B 258 -21.61 -9.22 -26.33
CA TRP B 258 -21.30 -9.13 -24.88
C TRP B 258 -21.20 -10.54 -24.30
N THR B 259 -22.08 -11.45 -24.71
CA THR B 259 -22.04 -12.87 -24.28
C THR B 259 -20.74 -13.53 -24.75
N ASP B 260 -20.37 -13.36 -26.02
CA ASP B 260 -19.06 -13.80 -26.57
C ASP B 260 -17.93 -13.35 -25.66
N ARG B 261 -18.02 -12.09 -25.21
CA ARG B 261 -16.95 -11.39 -24.46
C ARG B 261 -16.93 -11.88 -23.01
N ILE B 262 -18.06 -11.99 -22.33
CA ILE B 262 -18.04 -12.46 -20.92
C ILE B 262 -17.55 -13.91 -20.94
N MET B 263 -17.96 -14.70 -21.93
CA MET B 263 -17.67 -16.15 -21.92
C MET B 263 -16.17 -16.37 -22.22
N GLU B 264 -15.56 -15.53 -23.05
CA GLU B 264 -14.10 -15.52 -23.29
C GLU B 264 -13.38 -15.28 -21.96
N GLU B 265 -13.80 -14.23 -21.23
CA GLU B 265 -13.18 -13.83 -19.95
C GLU B 265 -13.33 -14.95 -18.92
N PHE B 266 -14.51 -15.53 -18.80
CA PHE B 266 -14.81 -16.57 -17.79
C PHE B 266 -13.94 -17.80 -18.06
N PHE B 267 -13.85 -18.21 -19.33
CA PHE B 267 -13.10 -19.40 -19.78
C PHE B 267 -11.60 -19.17 -19.52
N ARG B 268 -11.13 -17.94 -19.69
CA ARG B 268 -9.69 -17.62 -19.51
C ARG B 268 -9.39 -17.77 -18.02
N GLN B 269 -10.33 -17.38 -17.16
CA GLN B 269 -10.19 -17.55 -15.70
C GLN B 269 -10.21 -19.05 -15.40
N GLY B 270 -11.14 -19.81 -16.00
CA GLY B 270 -11.23 -21.25 -15.78
C GLY B 270 -9.95 -21.97 -16.19
N ASP B 271 -9.33 -21.54 -17.27
CA ASP B 271 -7.99 -21.99 -17.71
C ASP B 271 -6.96 -21.64 -16.63
N ARG B 272 -7.01 -20.42 -16.09
CA ARG B 272 -6.03 -19.91 -15.11
C ARG B 272 -6.14 -20.78 -13.86
N GLU B 273 -7.36 -21.15 -13.47
CA GLU B 273 -7.69 -22.02 -12.33
C GLU B 273 -7.17 -23.43 -12.61
N ARG B 274 -7.57 -24.03 -13.72
CA ARG B 274 -7.19 -25.41 -14.12
C ARG B 274 -5.67 -25.50 -14.08
N GLU B 275 -4.95 -24.55 -14.70
CA GLU B 275 -3.48 -24.64 -14.81
C GLU B 275 -2.88 -24.58 -13.40
N ARG B 276 -3.60 -24.01 -12.44
CA ARG B 276 -3.14 -23.81 -11.04
C ARG B 276 -3.69 -24.91 -10.11
N GLY B 277 -4.42 -25.88 -10.66
CA GLY B 277 -5.09 -26.95 -9.90
C GLY B 277 -6.12 -26.42 -8.90
N MET B 278 -6.54 -25.15 -9.06
CA MET B 278 -7.68 -24.53 -8.30
C MET B 278 -8.95 -25.23 -8.77
N GLU B 279 -10.02 -25.26 -7.96
CA GLU B 279 -11.34 -25.73 -8.42
C GLU B 279 -11.78 -24.74 -9.51
N ILE B 280 -12.39 -25.23 -10.59
CA ILE B 280 -12.85 -24.40 -11.74
C ILE B 280 -14.23 -23.80 -11.39
N SER B 281 -14.25 -22.52 -11.02
CA SER B 281 -15.46 -21.77 -10.57
C SER B 281 -16.57 -21.94 -11.61
N PRO B 282 -17.86 -21.82 -11.21
CA PRO B 282 -19.00 -22.15 -12.07
C PRO B 282 -19.03 -21.48 -13.46
N MET B 283 -19.24 -22.29 -14.50
CA MET B 283 -19.37 -21.90 -15.93
C MET B 283 -18.16 -21.03 -16.37
N CYS B 284 -16.99 -21.32 -15.81
CA CYS B 284 -15.65 -20.93 -16.33
C CYS B 284 -15.01 -22.12 -17.08
N ASP B 285 -15.69 -23.26 -17.18
CA ASP B 285 -15.12 -24.52 -17.71
C ASP B 285 -15.49 -24.68 -19.19
N LYS B 286 -14.55 -24.41 -20.11
CA LYS B 286 -14.81 -24.37 -21.58
C LYS B 286 -15.04 -25.79 -22.14
N HIS B 287 -14.71 -26.85 -21.38
CA HIS B 287 -14.98 -28.27 -21.75
C HIS B 287 -16.33 -28.71 -21.18
N ASN B 288 -16.84 -28.02 -20.16
CA ASN B 288 -18.01 -28.43 -19.33
C ASN B 288 -18.86 -27.20 -19.02
N ALA B 289 -19.62 -26.69 -20.00
CA ALA B 289 -20.49 -25.49 -19.86
C ALA B 289 -21.53 -25.41 -20.98
N SER B 290 -22.52 -24.52 -20.82
CA SER B 290 -23.48 -24.08 -21.86
C SER B 290 -23.59 -22.56 -21.80
N VAL B 291 -22.98 -21.87 -22.76
CA VAL B 291 -23.09 -20.40 -22.95
C VAL B 291 -24.59 -20.01 -22.85
N GLU B 292 -25.46 -20.81 -23.49
CA GLU B 292 -26.90 -20.49 -23.70
C GLU B 292 -27.72 -20.70 -22.42
N LYS B 293 -27.70 -21.89 -21.82
CA LYS B 293 -28.46 -22.21 -20.57
C LYS B 293 -28.10 -21.16 -19.51
N SER B 294 -26.82 -20.78 -19.45
CA SER B 294 -26.29 -19.73 -18.55
C SER B 294 -27.02 -18.40 -18.79
N GLN B 295 -27.02 -17.88 -20.03
CA GLN B 295 -27.68 -16.58 -20.38
C GLN B 295 -29.14 -16.66 -19.94
N VAL B 296 -29.82 -17.76 -20.22
CA VAL B 296 -31.25 -17.94 -19.80
C VAL B 296 -31.32 -17.97 -18.26
N GLY B 297 -30.36 -18.63 -17.61
CA GLY B 297 -30.26 -18.66 -16.14
C GLY B 297 -30.04 -17.26 -15.62
N PHE B 298 -29.09 -16.53 -16.22
CA PHE B 298 -28.70 -15.16 -15.85
C PHE B 298 -29.93 -14.25 -15.93
N ILE B 299 -30.68 -14.38 -17.02
CA ILE B 299 -31.90 -13.54 -17.26
C ILE B 299 -32.96 -13.88 -16.21
N ASP B 300 -33.36 -15.15 -16.08
CA ASP B 300 -34.51 -15.59 -15.23
C ASP B 300 -34.24 -15.27 -13.75
N TYR B 301 -33.00 -15.47 -13.28
CA TYR B 301 -32.64 -15.40 -11.83
C TYR B 301 -32.09 -14.02 -11.48
N ILE B 302 -31.54 -13.23 -12.41
CA ILE B 302 -30.81 -11.98 -12.01
C ILE B 302 -31.38 -10.77 -12.76
N VAL B 303 -31.33 -10.81 -14.08
CA VAL B 303 -31.52 -9.61 -14.93
C VAL B 303 -33.03 -9.28 -15.02
N HIS B 304 -33.88 -10.28 -15.24
CA HIS B 304 -35.34 -10.06 -15.39
C HIS B 304 -35.90 -9.49 -14.09
N PRO B 305 -35.81 -10.20 -12.95
CA PRO B 305 -36.31 -9.65 -11.68
C PRO B 305 -35.89 -8.20 -11.36
N LEU B 306 -34.65 -7.83 -11.68
CA LEU B 306 -34.13 -6.46 -11.42
C LEU B 306 -34.87 -5.50 -12.36
N TRP B 307 -34.82 -5.80 -13.64
CA TRP B 307 -35.35 -4.92 -14.69
C TRP B 307 -36.88 -4.79 -14.60
N GLU B 308 -37.59 -5.87 -14.24
CA GLU B 308 -39.02 -5.92 -13.91
C GLU B 308 -39.31 -4.92 -12.77
N THR B 309 -38.47 -4.88 -11.74
CA THR B 309 -38.68 -3.94 -10.62
C THR B 309 -38.30 -2.53 -11.09
N TRP B 310 -37.17 -2.35 -11.77
CA TRP B 310 -36.77 -1.01 -12.29
C TRP B 310 -37.90 -0.45 -13.15
N ALA B 311 -38.48 -1.28 -14.02
CA ALA B 311 -39.52 -0.89 -15.02
C ALA B 311 -40.79 -0.43 -14.27
N ASP B 312 -41.22 -1.17 -13.25
CA ASP B 312 -42.27 -0.77 -12.27
C ASP B 312 -41.98 0.66 -11.81
N LEU B 313 -40.78 0.89 -11.25
CA LEU B 313 -40.35 2.22 -10.75
C LEU B 313 -40.62 3.29 -11.81
N VAL B 314 -39.98 3.15 -12.97
CA VAL B 314 -40.02 4.16 -14.06
C VAL B 314 -41.14 3.83 -15.04
N HIS B 315 -42.16 3.13 -14.56
CA HIS B 315 -43.29 2.74 -15.43
C HIS B 315 -43.86 4.00 -16.11
N PRO B 316 -44.03 4.01 -17.44
CA PRO B 316 -43.70 2.87 -18.28
C PRO B 316 -42.57 3.14 -19.28
N ASP B 317 -41.52 3.83 -18.88
CA ASP B 317 -40.48 4.20 -19.87
C ASP B 317 -39.55 3.02 -20.21
N ALA B 318 -39.64 1.94 -19.45
CA ALA B 318 -38.73 0.78 -19.61
C ALA B 318 -39.42 -0.38 -20.35
N GLN B 319 -40.61 -0.19 -20.92
CA GLN B 319 -41.42 -1.29 -21.53
C GLN B 319 -40.65 -1.86 -22.75
N ASP B 320 -40.08 -1.00 -23.60
CA ASP B 320 -39.27 -1.41 -24.77
C ASP B 320 -38.13 -2.34 -24.30
N ILE B 321 -37.44 -1.94 -23.21
CA ILE B 321 -36.30 -2.67 -22.58
C ILE B 321 -36.78 -4.03 -22.05
N LEU B 322 -37.79 -4.06 -21.20
CA LEU B 322 -38.30 -5.32 -20.63
C LEU B 322 -38.74 -6.26 -21.76
N ASP B 323 -39.31 -5.71 -22.86
CA ASP B 323 -39.81 -6.49 -24.02
C ASP B 323 -38.62 -7.10 -24.76
N THR B 324 -37.63 -6.27 -25.12
CA THR B 324 -36.36 -6.70 -25.78
C THR B 324 -35.66 -7.74 -24.90
N LEU B 325 -35.66 -7.57 -23.58
CA LEU B 325 -35.12 -8.56 -22.61
C LEU B 325 -35.72 -9.94 -22.89
N GLU B 326 -37.05 -10.02 -22.87
CA GLU B 326 -37.84 -11.29 -22.96
C GLU B 326 -37.69 -11.90 -24.36
N ASP B 327 -37.66 -11.08 -25.40
CA ASP B 327 -37.36 -11.55 -26.78
C ASP B 327 -35.99 -12.22 -26.76
N ASN B 328 -34.99 -11.56 -26.15
CA ASN B 328 -33.60 -12.07 -26.05
C ASN B 328 -33.58 -13.38 -25.24
N ARG B 329 -34.29 -13.45 -24.12
CA ARG B 329 -34.39 -14.68 -23.31
C ARG B 329 -34.90 -15.85 -24.18
N GLU B 330 -35.93 -15.62 -25.00
CA GLU B 330 -36.57 -16.67 -25.83
C GLU B 330 -35.61 -17.12 -26.92
N TRP B 331 -34.83 -16.20 -27.50
CA TRP B 331 -33.85 -16.49 -28.58
C TRP B 331 -32.74 -17.44 -28.09
N TYR B 332 -32.16 -17.16 -26.91
CA TYR B 332 -31.11 -17.99 -26.25
C TYR B 332 -31.74 -19.35 -25.92
N GLN B 333 -32.97 -19.35 -25.39
CA GLN B 333 -33.68 -20.59 -24.99
C GLN B 333 -33.83 -21.51 -26.21
N SER B 334 -34.01 -20.91 -27.39
CA SER B 334 -34.21 -21.57 -28.72
C SER B 334 -32.90 -22.18 -29.21
N THR B 335 -31.76 -21.76 -28.65
CA THR B 335 -30.39 -22.22 -29.01
C THR B 335 -29.85 -23.22 -27.97
N ILE B 336 -30.69 -23.68 -27.03
CA ILE B 336 -30.32 -24.69 -26.00
C ILE B 336 -30.58 -26.09 -26.54
N PRO B 337 -29.54 -26.95 -26.73
CA PRO B 337 -29.76 -28.37 -27.04
C PRO B 337 -30.88 -29.05 -26.23
N GLN B 338 -31.52 -30.04 -26.87
CA GLN B 338 -32.83 -30.66 -26.51
C GLN B 338 -32.78 -31.28 -25.10
N GLU C 15 1.57 30.58 28.07
CA GLU C 15 2.44 30.91 29.25
C GLU C 15 3.49 31.94 28.81
N ASP C 16 3.81 32.87 29.71
CA ASP C 16 4.85 33.92 29.51
C ASP C 16 6.20 33.21 29.38
N VAL C 17 6.39 32.11 30.12
CA VAL C 17 7.67 31.35 30.29
C VAL C 17 8.05 30.68 28.98
N LEU C 18 7.08 30.07 28.27
CA LEU C 18 7.25 29.47 26.92
C LEU C 18 7.72 30.56 25.94
N ALA C 19 6.95 31.65 25.84
CA ALA C 19 7.24 32.84 25.00
C ALA C 19 8.67 33.31 25.25
N LYS C 20 9.07 33.34 26.53
CA LYS C 20 10.42 33.76 26.96
C LYS C 20 11.45 32.81 26.30
N GLU C 21 11.37 31.50 26.57
CA GLU C 21 12.28 30.45 26.04
C GLU C 21 12.36 30.54 24.50
N LEU C 22 11.22 30.75 23.82
CA LEU C 22 11.10 30.85 22.34
C LEU C 22 11.84 32.08 21.79
N GLU C 23 12.20 33.06 22.64
CA GLU C 23 13.12 34.17 22.28
C GLU C 23 14.50 33.60 21.93
N ASP C 24 14.87 32.43 22.49
CA ASP C 24 16.18 31.76 22.23
C ASP C 24 16.18 31.00 20.88
N VAL C 25 15.15 31.14 20.03
CA VAL C 25 14.96 30.30 18.80
C VAL C 25 16.13 30.45 17.82
N ASN C 26 16.78 31.61 17.77
CA ASN C 26 17.85 31.91 16.78
C ASN C 26 19.21 31.49 17.34
N LYS C 27 19.22 30.85 18.51
CA LYS C 27 20.46 30.58 19.27
C LYS C 27 20.78 29.08 19.31
N TRP C 28 21.99 28.73 18.89
CA TRP C 28 22.56 27.39 19.14
C TRP C 28 22.48 27.15 20.64
N GLY C 29 21.69 26.18 21.08
CA GLY C 29 21.63 25.84 22.51
C GLY C 29 20.28 26.13 23.13
N LEU C 30 19.24 26.35 22.31
CA LEU C 30 17.82 26.50 22.74
C LEU C 30 17.47 25.40 23.74
N HIS C 31 16.69 25.72 24.78
CA HIS C 31 16.23 24.77 25.83
C HIS C 31 15.00 24.01 25.30
N VAL C 32 15.21 23.17 24.29
CA VAL C 32 14.12 22.51 23.51
C VAL C 32 13.31 21.56 24.41
N PHE C 33 13.95 20.94 25.41
CA PHE C 33 13.28 20.02 26.36
C PHE C 33 12.34 20.84 27.23
N ARG C 34 12.83 21.98 27.75
CA ARG C 34 12.01 22.91 28.57
C ARG C 34 10.80 23.29 27.72
N ILE C 35 11.03 23.69 26.46
CA ILE C 35 9.91 24.08 25.52
C ILE C 35 8.90 22.92 25.41
N ALA C 36 9.34 21.67 25.19
CA ALA C 36 8.43 20.51 25.16
C ALA C 36 7.57 20.44 26.42
N GLU C 37 8.18 20.59 27.60
CA GLU C 37 7.42 20.57 28.89
C GLU C 37 6.36 21.66 28.87
N LEU C 38 6.79 22.90 28.56
CA LEU C 38 5.96 24.15 28.68
C LEU C 38 4.79 24.12 27.70
N SER C 39 4.91 23.41 26.57
CA SER C 39 3.94 23.47 25.44
C SER C 39 2.97 22.28 25.45
N GLY C 40 3.02 21.43 26.49
CA GLY C 40 2.24 20.19 26.58
C GLY C 40 2.66 19.21 25.50
N ASN C 41 3.97 19.08 25.30
CA ASN C 41 4.65 18.22 24.31
C ASN C 41 4.28 18.65 22.89
N ARG C 42 4.34 19.96 22.59
CA ARG C 42 4.16 20.51 21.22
C ARG C 42 5.39 21.30 20.80
N PRO C 43 6.63 20.81 21.06
CA PRO C 43 7.82 21.56 20.68
C PRO C 43 7.83 21.80 19.18
N LEU C 44 7.41 20.81 18.38
CA LEU C 44 7.57 20.87 16.91
C LEU C 44 6.63 21.99 16.42
N THR C 45 5.36 21.94 16.81
CA THR C 45 4.31 22.93 16.47
C THR C 45 4.79 24.34 16.84
N VAL C 46 5.16 24.59 18.11
CA VAL C 46 5.42 25.98 18.58
C VAL C 46 6.74 26.48 18.00
N ILE C 47 7.77 25.63 17.93
CA ILE C 47 9.09 26.01 17.33
C ILE C 47 8.91 26.22 15.83
N MET C 48 8.16 25.38 15.13
CA MET C 48 7.98 25.57 13.67
C MET C 48 7.28 26.90 13.45
N HIS C 49 6.18 27.12 14.14
CA HIS C 49 5.32 28.31 13.99
C HIS C 49 6.15 29.56 14.29
N THR C 50 6.88 29.56 15.40
CA THR C 50 7.82 30.65 15.82
C THR C 50 8.81 30.92 14.69
N ILE C 51 9.40 29.87 14.08
CA ILE C 51 10.46 30.00 13.04
C ILE C 51 9.80 30.50 11.77
N PHE C 52 8.56 30.13 11.51
CA PHE C 52 7.82 30.56 10.30
C PHE C 52 7.57 32.06 10.40
N GLN C 53 7.08 32.52 11.55
CA GLN C 53 6.90 33.97 11.86
C GLN C 53 8.26 34.66 11.59
N GLU C 54 9.32 34.23 12.27
CA GLU C 54 10.71 34.77 12.20
C GLU C 54 11.15 34.98 10.74
N ARG C 55 10.82 34.06 9.83
CA ARG C 55 11.35 34.06 8.45
C ARG C 55 10.25 34.56 7.51
N ASP C 56 9.18 35.14 8.05
CA ASP C 56 8.00 35.70 7.33
C ASP C 56 7.51 34.72 6.25
N LEU C 57 7.48 33.42 6.57
CA LEU C 57 7.16 32.32 5.60
C LEU C 57 5.65 32.23 5.39
N LEU C 58 4.86 32.45 6.45
CA LEU C 58 3.38 32.56 6.33
C LEU C 58 3.05 33.63 5.27
N LYS C 59 3.69 34.82 5.37
CA LYS C 59 3.50 35.94 4.40
C LYS C 59 4.09 35.58 3.02
N THR C 60 5.38 35.24 2.92
CA THR C 60 6.05 34.98 1.63
C THR C 60 5.29 33.92 0.80
N PHE C 61 4.77 32.86 1.44
CA PHE C 61 4.12 31.69 0.77
C PHE C 61 2.61 31.63 1.03
N LYS C 62 2.00 32.76 1.39
CA LYS C 62 0.58 32.89 1.82
C LYS C 62 0.11 31.59 2.47
N ILE C 63 0.74 31.22 3.58
CA ILE C 63 0.31 30.05 4.39
C ILE C 63 -0.71 30.52 5.43
N PRO C 64 -2.01 30.18 5.31
CA PRO C 64 -2.98 30.54 6.34
C PRO C 64 -2.51 30.00 7.69
N VAL C 65 -2.68 30.79 8.74
CA VAL C 65 -2.17 30.44 10.09
C VAL C 65 -2.88 29.16 10.56
N ASP C 66 -4.22 29.11 10.46
CA ASP C 66 -5.05 27.95 10.89
C ASP C 66 -4.51 26.68 10.23
N THR C 67 -4.20 26.75 8.94
CA THR C 67 -3.70 25.62 8.13
C THR C 67 -2.36 25.16 8.70
N LEU C 68 -1.39 26.06 8.86
CA LEU C 68 -0.04 25.76 9.35
C LEU C 68 -0.17 25.04 10.69
N ILE C 69 -0.95 25.61 11.62
CA ILE C 69 -1.15 24.99 12.97
C ILE C 69 -1.77 23.60 12.76
N THR C 70 -2.78 23.50 11.89
CA THR C 70 -3.47 22.20 11.70
C THR C 70 -2.47 21.19 11.15
N TYR C 71 -1.70 21.55 10.13
CA TYR C 71 -0.65 20.67 9.57
C TYR C 71 0.36 20.36 10.68
N LEU C 72 0.82 21.35 11.43
CA LEU C 72 1.86 21.13 12.47
C LEU C 72 1.36 20.17 13.56
N MET C 73 0.11 20.34 14.00
CA MET C 73 -0.48 19.45 15.03
C MET C 73 -0.47 18.01 14.50
N THR C 74 -0.93 17.82 13.26
CA THR C 74 -1.03 16.48 12.65
C THR C 74 0.35 15.85 12.47
N LEU C 75 1.30 16.59 11.93
CA LEU C 75 2.67 16.05 11.74
C LEU C 75 3.17 15.58 13.11
N GLU C 76 3.02 16.41 14.15
CA GLU C 76 3.61 16.14 15.48
C GLU C 76 2.95 14.90 16.09
N ASP C 77 1.68 14.66 15.78
CA ASP C 77 0.92 13.49 16.28
C ASP C 77 1.39 12.21 15.56
N HIS C 78 2.15 12.34 14.46
CA HIS C 78 2.68 11.19 13.70
C HIS C 78 4.13 10.92 14.07
N TYR C 79 4.65 11.64 15.06
CA TYR C 79 5.90 11.27 15.77
C TYR C 79 5.45 10.47 16.99
N HIS C 80 6.19 9.44 17.39
CA HIS C 80 5.81 8.53 18.52
C HIS C 80 6.42 9.07 19.82
N ALA C 81 5.56 9.47 20.76
CA ALA C 81 5.94 9.90 22.12
C ALA C 81 6.56 8.73 22.91
N ASP C 82 6.28 7.47 22.57
CA ASP C 82 6.88 6.27 23.21
C ASP C 82 8.31 5.99 22.71
N VAL C 83 8.78 6.67 21.67
CA VAL C 83 10.15 6.46 21.13
C VAL C 83 11.04 7.53 21.75
N ALA C 84 12.13 7.12 22.39
CA ALA C 84 12.89 7.97 23.33
C ALA C 84 13.67 9.04 22.56
N TYR C 85 14.23 8.69 21.40
CA TYR C 85 15.07 9.61 20.61
C TYR C 85 14.31 10.14 19.38
N HIS C 86 13.83 9.27 18.45
CA HIS C 86 13.26 9.70 17.13
C HIS C 86 11.79 10.12 17.31
N ASN C 87 11.58 11.15 18.13
CA ASN C 87 10.26 11.73 18.43
C ASN C 87 10.19 13.19 17.95
N ASN C 88 9.07 13.85 18.28
CA ASN C 88 8.72 15.26 17.98
C ASN C 88 9.77 16.23 18.53
N ILE C 89 10.37 15.89 19.67
CA ILE C 89 11.41 16.75 20.30
C ILE C 89 12.63 16.74 19.38
N HIS C 90 13.06 15.57 18.91
CA HIS C 90 14.21 15.43 17.96
C HIS C 90 13.91 16.18 16.65
N ALA C 91 12.69 16.10 16.14
CA ALA C 91 12.26 16.82 14.92
C ALA C 91 12.34 18.33 15.18
N ALA C 92 11.71 18.81 16.27
CA ALA C 92 11.78 20.22 16.73
C ALA C 92 13.25 20.66 16.76
N ASP C 93 14.12 19.82 17.31
CA ASP C 93 15.56 20.13 17.46
C ASP C 93 16.21 20.32 16.09
N VAL C 94 15.94 19.44 15.12
CA VAL C 94 16.67 19.46 13.82
C VAL C 94 16.17 20.66 13.01
N VAL C 95 14.86 20.93 13.08
CA VAL C 95 14.22 22.19 12.61
C VAL C 95 15.02 23.40 13.12
N GLN C 96 15.11 23.60 14.45
CA GLN C 96 15.68 24.83 15.06
C GLN C 96 17.18 24.94 14.76
N SER C 97 17.88 23.80 14.70
CA SER C 97 19.32 23.68 14.33
C SER C 97 19.56 24.06 12.87
N THR C 98 18.75 23.54 11.94
CA THR C 98 18.83 23.89 10.50
C THR C 98 18.61 25.41 10.37
N HIS C 99 17.62 25.95 11.10
CA HIS C 99 17.27 27.40 11.17
C HIS C 99 18.51 28.24 11.49
N VAL C 100 19.25 27.87 12.53
CA VAL C 100 20.47 28.62 12.96
C VAL C 100 21.54 28.45 11.88
N LEU C 101 21.66 27.26 11.30
CA LEU C 101 22.75 26.96 10.33
C LEU C 101 22.50 27.76 9.05
N LEU C 102 21.23 28.03 8.76
CA LEU C 102 20.79 28.78 7.56
C LEU C 102 21.10 30.26 7.75
N SER C 103 21.28 30.66 9.01
CA SER C 103 21.58 32.05 9.40
C SER C 103 23.09 32.29 9.44
N THR C 104 23.90 31.29 9.10
CA THR C 104 25.36 31.45 9.13
C THR C 104 25.74 32.63 8.23
N PRO C 105 26.60 33.58 8.70
CA PRO C 105 26.96 34.75 7.92
C PRO C 105 27.53 34.46 6.54
N ALA C 106 28.27 33.36 6.42
CA ALA C 106 28.94 32.98 5.15
C ALA C 106 27.93 32.44 4.13
N LEU C 107 26.64 32.40 4.45
CA LEU C 107 25.59 31.91 3.50
C LEU C 107 24.51 32.99 3.34
N GLU C 108 24.73 34.21 3.86
CA GLU C 108 23.70 35.29 3.85
C GLU C 108 23.27 35.54 2.40
N ALA C 109 21.95 35.61 2.18
CA ALA C 109 21.24 35.82 0.90
C ALA C 109 21.76 34.90 -0.22
N VAL C 110 22.42 33.78 0.11
CA VAL C 110 22.82 32.68 -0.84
C VAL C 110 21.61 31.81 -1.25
N PHE C 111 20.65 31.58 -0.35
CA PHE C 111 19.47 30.70 -0.58
C PHE C 111 18.23 31.56 -0.80
N THR C 112 17.32 31.05 -1.63
CA THR C 112 15.98 31.59 -1.94
C THR C 112 14.99 31.24 -0.81
N ASP C 113 13.84 31.92 -0.75
CA ASP C 113 12.77 31.63 0.25
C ASP C 113 12.31 30.16 0.12
N LEU C 114 12.23 29.64 -1.12
CA LEU C 114 11.74 28.27 -1.42
C LEU C 114 12.73 27.21 -0.91
N GLU C 115 14.03 27.42 -1.10
CA GLU C 115 15.11 26.55 -0.53
C GLU C 115 15.11 26.58 1.02
N ILE C 116 14.98 27.77 1.63
CA ILE C 116 14.83 27.95 3.11
C ILE C 116 13.63 27.13 3.60
N LEU C 117 12.45 27.30 2.98
CA LEU C 117 11.21 26.52 3.25
C LEU C 117 11.51 25.01 3.14
N ALA C 118 12.24 24.59 2.10
CA ALA C 118 12.57 23.18 1.82
C ALA C 118 13.41 22.60 2.96
N ALA C 119 14.49 23.26 3.35
CA ALA C 119 15.39 22.78 4.42
C ALA C 119 14.62 22.71 5.74
N ILE C 120 13.66 23.60 5.97
CA ILE C 120 12.94 23.67 7.27
C ILE C 120 11.81 22.62 7.29
N PHE C 121 11.02 22.56 6.21
CA PHE C 121 9.98 21.50 6.02
C PHE C 121 10.64 20.11 6.08
N ALA C 122 11.71 19.90 5.31
CA ALA C 122 12.45 18.62 5.26
C ALA C 122 12.86 18.26 6.68
N SER C 123 13.40 19.23 7.41
CA SER C 123 13.91 19.05 8.79
C SER C 123 12.74 18.59 9.65
N ALA C 124 11.56 19.20 9.48
CA ALA C 124 10.35 18.95 10.29
C ALA C 124 9.83 17.52 10.06
N ILE C 125 9.83 17.00 8.83
CA ILE C 125 9.20 15.68 8.50
C ILE C 125 10.27 14.57 8.50
N HIS C 126 11.54 14.89 8.70
CA HIS C 126 12.68 14.02 8.30
C HIS C 126 12.68 12.67 9.05
N ASP C 127 11.92 12.52 10.15
CA ASP C 127 11.88 11.27 10.95
C ASP C 127 10.43 10.96 11.32
N VAL C 128 9.45 11.49 10.61
CA VAL C 128 8.04 11.28 11.03
C VAL C 128 7.69 9.79 10.90
N ASP C 129 6.95 9.30 11.90
CA ASP C 129 6.47 7.90 12.03
C ASP C 129 7.66 6.96 12.13
N HIS C 130 8.76 7.38 12.75
CA HIS C 130 9.92 6.51 13.07
C HIS C 130 9.43 5.53 14.13
N PRO C 131 9.57 4.20 13.91
CA PRO C 131 9.19 3.20 14.91
C PRO C 131 10.27 2.93 15.98
N GLY C 132 11.38 3.66 15.95
CA GLY C 132 12.42 3.56 16.98
C GLY C 132 13.31 2.36 16.76
N VAL C 133 13.36 1.88 15.53
CA VAL C 133 14.27 0.77 15.10
C VAL C 133 14.87 1.12 13.75
N SER C 134 16.01 0.49 13.48
CA SER C 134 16.92 0.81 12.35
C SER C 134 16.36 0.19 11.07
N ASN C 135 16.87 0.68 9.96
CA ASN C 135 16.59 0.19 8.61
C ASN C 135 16.91 -1.31 8.56
N GLN C 136 18.06 -1.71 9.08
CA GLN C 136 18.48 -3.13 9.04
C GLN C 136 17.43 -3.98 9.79
N PHE C 137 16.91 -3.50 10.92
CA PHE C 137 15.85 -4.20 11.71
C PHE C 137 14.61 -4.42 10.84
N LEU C 138 14.16 -3.39 10.13
CA LEU C 138 12.98 -3.45 9.24
C LEU C 138 13.22 -4.41 8.07
N ILE C 139 14.46 -4.46 7.58
CA ILE C 139 14.94 -5.40 6.53
C ILE C 139 14.92 -6.82 7.09
N ASN C 140 15.61 -7.05 8.20
CA ASN C 140 15.78 -8.38 8.84
C ASN C 140 14.43 -9.00 9.21
N THR C 141 13.40 -8.20 9.49
CA THR C 141 12.05 -8.68 9.88
C THR C 141 11.14 -8.83 8.67
N ASN C 142 11.58 -8.47 7.45
CA ASN C 142 10.77 -8.62 6.21
C ASN C 142 9.52 -7.74 6.30
N SER C 143 9.62 -6.58 6.95
CA SER C 143 8.52 -5.62 7.11
C SER C 143 7.99 -5.20 5.73
N GLU C 144 6.73 -4.76 5.70
CA GLU C 144 6.05 -4.17 4.53
C GLU C 144 6.89 -3.01 3.95
N LEU C 145 7.37 -2.12 4.82
CA LEU C 145 8.14 -0.94 4.40
C LEU C 145 9.38 -1.37 3.60
N ALA C 146 10.17 -2.28 4.14
CA ALA C 146 11.40 -2.77 3.49
C ALA C 146 11.06 -3.35 2.11
N LEU C 147 9.99 -4.13 2.04
CA LEU C 147 9.46 -4.74 0.80
C LEU C 147 9.16 -3.64 -0.24
N MET C 148 8.41 -2.62 0.15
CA MET C 148 7.99 -1.48 -0.73
C MET C 148 9.17 -0.68 -1.28
N TYR C 149 10.21 -0.50 -0.47
CA TYR C 149 11.36 0.38 -0.81
C TYR C 149 12.62 -0.44 -1.14
N ASN C 150 12.49 -1.74 -1.34
CA ASN C 150 13.60 -2.58 -1.83
C ASN C 150 14.79 -2.39 -0.92
N ASP C 151 14.57 -2.37 0.39
CA ASP C 151 15.63 -2.32 1.44
C ASP C 151 16.56 -1.10 1.37
N SER C 152 16.20 -0.08 0.60
CA SER C 152 17.01 1.13 0.38
C SER C 152 16.41 2.32 1.12
N SER C 153 17.15 2.93 2.05
CA SER C 153 16.70 4.14 2.78
C SER C 153 15.24 3.96 3.13
N VAL C 154 14.91 2.82 3.75
CA VAL C 154 13.51 2.40 4.03
C VAL C 154 12.83 3.44 4.94
N LEU C 155 13.45 3.80 6.06
CA LEU C 155 12.86 4.77 7.02
C LEU C 155 12.67 6.12 6.31
N GLU C 156 13.71 6.54 5.57
CA GLU C 156 13.79 7.90 4.99
C GLU C 156 12.72 8.01 3.88
N ASN C 157 12.55 6.93 3.11
CA ASN C 157 11.45 6.84 2.12
C ASN C 157 10.11 6.94 2.86
N HIS C 158 9.93 6.22 3.96
CA HIS C 158 8.66 6.28 4.75
C HIS C 158 8.44 7.71 5.25
N HIS C 159 9.49 8.37 5.77
CA HIS C 159 9.34 9.73 6.38
C HIS C 159 8.84 10.69 5.29
N LEU C 160 9.48 10.69 4.12
CA LEU C 160 8.97 11.55 3.01
C LEU C 160 7.49 11.25 2.77
N ALA C 161 7.12 9.98 2.68
CA ALA C 161 5.77 9.58 2.24
C ALA C 161 4.75 10.11 3.25
N VAL C 162 5.03 9.99 4.55
CA VAL C 162 4.06 10.44 5.60
C VAL C 162 4.06 11.97 5.65
N GLY C 163 5.24 12.57 5.64
CA GLY C 163 5.39 14.05 5.60
C GLY C 163 4.48 14.66 4.54
N PHE C 164 4.56 14.14 3.29
CA PHE C 164 3.81 14.66 2.12
C PHE C 164 2.32 14.33 2.26
N LYS C 165 1.99 13.09 2.62
CA LYS C 165 0.59 12.61 2.61
C LYS C 165 -0.21 13.40 3.63
N LEU C 166 0.41 13.80 4.73
CA LEU C 166 -0.32 14.57 5.77
C LEU C 166 -0.74 15.94 5.22
N LEU C 167 -0.14 16.43 4.14
CA LEU C 167 -0.60 17.69 3.46
C LEU C 167 -2.07 17.55 2.99
N GLN C 168 -2.54 16.33 2.67
CA GLN C 168 -3.86 16.12 2.01
C GLN C 168 -4.98 15.94 3.05
N GLU C 169 -4.70 15.98 4.35
CA GLU C 169 -5.78 15.89 5.36
C GLU C 169 -6.46 17.27 5.43
N GLU C 170 -7.66 17.32 5.98
CA GLU C 170 -8.53 18.50 6.10
C GLU C 170 -7.74 19.68 6.67
N ASN C 171 -7.68 20.75 5.87
CA ASN C 171 -7.05 22.06 6.21
C ASN C 171 -5.59 21.88 6.64
N CYS C 172 -4.82 21.04 5.92
CA CYS C 172 -3.40 20.73 6.24
C CYS C 172 -2.47 21.11 5.09
N ASP C 173 -2.99 21.51 3.94
CA ASP C 173 -2.11 21.80 2.77
C ASP C 173 -1.47 23.19 2.93
N ILE C 174 -0.30 23.23 3.59
CA ILE C 174 0.40 24.51 3.89
C ILE C 174 1.00 25.09 2.61
N PHE C 175 1.02 24.33 1.51
CA PHE C 175 1.52 24.81 0.19
C PHE C 175 0.37 25.01 -0.80
N GLN C 176 -0.87 25.19 -0.30
CA GLN C 176 -2.09 25.39 -1.15
C GLN C 176 -1.93 26.61 -2.07
N ASN C 177 -1.20 27.65 -1.68
CA ASN C 177 -1.08 28.91 -2.46
C ASN C 177 0.29 28.97 -3.18
N LEU C 178 1.12 27.91 -3.08
CA LEU C 178 2.29 27.77 -3.98
C LEU C 178 1.76 27.46 -5.38
N THR C 179 2.56 27.82 -6.39
CA THR C 179 2.33 27.47 -7.80
C THR C 179 2.75 26.02 -7.98
N LYS C 180 2.29 25.37 -9.03
CA LYS C 180 2.83 24.06 -9.49
C LYS C 180 4.37 24.09 -9.49
N LYS C 181 5.00 25.07 -10.13
CA LYS C 181 6.49 25.07 -10.30
C LYS C 181 7.21 25.10 -8.93
N GLN C 182 6.73 25.92 -7.98
CA GLN C 182 7.31 26.01 -6.62
C GLN C 182 7.11 24.66 -5.93
N ARG C 183 5.86 24.15 -5.92
CA ARG C 183 5.47 22.83 -5.35
C ARG C 183 6.44 21.75 -5.83
N GLN C 184 6.68 21.67 -7.14
CA GLN C 184 7.57 20.62 -7.73
C GLN C 184 9.00 20.82 -7.26
N SER C 185 9.55 22.03 -7.41
CA SER C 185 10.93 22.34 -6.94
C SER C 185 11.05 21.98 -5.46
N LEU C 186 10.08 22.42 -4.67
CA LEU C 186 10.08 22.18 -3.20
C LEU C 186 10.16 20.67 -2.96
N ARG C 187 9.30 19.89 -3.61
CA ARG C 187 9.24 18.42 -3.50
C ARG C 187 10.62 17.82 -3.82
N LYS C 188 11.22 18.19 -4.94
CA LYS C 188 12.50 17.55 -5.34
C LYS C 188 13.53 17.82 -4.24
N MET C 189 13.49 19.02 -3.64
CA MET C 189 14.56 19.42 -2.68
C MET C 189 14.31 18.72 -1.34
N VAL C 190 13.06 18.64 -0.88
CA VAL C 190 12.70 17.90 0.36
C VAL C 190 13.10 16.43 0.20
N ILE C 191 12.81 15.79 -0.94
CA ILE C 191 13.28 14.39 -1.22
C ILE C 191 14.80 14.35 -1.05
N ASP C 192 15.53 15.26 -1.69
CA ASP C 192 17.02 15.17 -1.73
C ASP C 192 17.56 15.35 -0.31
N ILE C 193 16.94 16.23 0.47
CA ILE C 193 17.45 16.52 1.85
C ILE C 193 17.14 15.30 2.75
N VAL C 194 15.89 14.83 2.79
CA VAL C 194 15.50 13.73 3.74
C VAL C 194 16.32 12.47 3.46
N LEU C 195 16.58 12.13 2.19
CA LEU C 195 17.27 10.88 1.77
C LEU C 195 18.73 10.94 2.21
N ALA C 196 19.27 12.16 2.22
CA ALA C 196 20.65 12.48 2.66
C ALA C 196 20.81 12.26 4.18
N THR C 197 19.73 12.07 4.93
CA THR C 197 19.78 11.85 6.41
C THR C 197 19.96 10.37 6.76
N ASP C 198 19.94 9.50 5.75
CA ASP C 198 20.24 8.05 5.90
C ASP C 198 21.75 7.99 6.11
N MET C 199 22.20 7.32 7.15
CA MET C 199 23.64 7.38 7.54
C MET C 199 24.47 6.53 6.57
N SER C 200 23.82 5.67 5.82
CA SER C 200 24.51 4.88 4.79
C SER C 200 25.06 5.82 3.72
N LYS C 201 24.55 7.04 3.66
CA LYS C 201 25.03 8.01 2.63
C LYS C 201 26.01 9.02 3.25
N HIS C 202 26.36 8.83 4.52
CA HIS C 202 27.25 9.78 5.25
C HIS C 202 28.63 9.86 4.62
N MET C 203 29.27 8.74 4.30
CA MET C 203 30.61 8.79 3.70
C MET C 203 30.61 9.58 2.39
N ASN C 204 29.63 9.38 1.51
CA ASN C 204 29.64 10.09 0.21
C ASN C 204 29.28 11.57 0.37
N LEU C 205 28.45 11.91 1.35
CA LEU C 205 28.11 13.32 1.62
C LEU C 205 29.39 14.04 2.07
N LEU C 206 30.10 13.47 3.04
CA LEU C 206 31.32 14.08 3.64
C LEU C 206 32.36 14.33 2.54
N ALA C 207 32.69 13.31 1.74
CA ALA C 207 33.68 13.42 0.63
C ALA C 207 33.25 14.51 -0.35
N ASP C 208 31.96 14.53 -0.73
CA ASP C 208 31.42 15.55 -1.67
C ASP C 208 31.45 16.93 -1.01
N LEU C 209 31.36 17.01 0.33
CA LEU C 209 31.47 18.29 1.08
C LEU C 209 32.96 18.70 1.15
N LYS C 210 33.85 17.76 1.51
CA LYS C 210 35.33 17.94 1.53
C LYS C 210 35.80 18.49 0.17
N THR C 211 35.31 17.93 -0.93
CA THR C 211 35.58 18.38 -2.32
C THR C 211 35.12 19.83 -2.54
N MET C 212 33.96 20.21 -2.01
CA MET C 212 33.37 21.56 -2.22
C MET C 212 34.17 22.61 -1.45
N VAL C 213 34.80 22.22 -0.33
CA VAL C 213 35.69 23.08 0.51
C VAL C 213 37.02 23.32 -0.24
N GLU C 214 37.49 22.34 -1.02
CA GLU C 214 38.75 22.43 -1.82
C GLU C 214 38.57 23.44 -2.97
N THR C 215 37.45 23.38 -3.68
CA THR C 215 37.12 24.24 -4.85
C THR C 215 36.18 25.37 -4.41
N LYS C 216 36.29 25.80 -3.14
CA LYS C 216 35.43 26.85 -2.54
C LYS C 216 35.49 28.11 -3.42
N LYS C 217 34.35 28.77 -3.62
CA LYS C 217 34.24 30.00 -4.44
C LYS C 217 33.47 31.03 -3.62
N VAL C 218 34.00 32.26 -3.49
CA VAL C 218 33.43 33.34 -2.64
C VAL C 218 33.08 34.56 -3.51
N THR C 219 32.18 35.40 -3.02
CA THR C 219 31.69 36.65 -3.67
C THR C 219 32.55 37.82 -3.15
N SER C 220 32.12 39.06 -3.37
CA SER C 220 32.83 40.29 -2.94
C SER C 220 32.86 40.40 -1.41
N SER C 221 31.68 40.31 -0.76
CA SER C 221 31.49 40.45 0.71
C SER C 221 32.21 39.32 1.47
N GLY C 222 32.12 38.08 0.98
CA GLY C 222 32.85 36.91 1.54
C GLY C 222 31.93 35.74 1.88
N VAL C 223 30.69 35.74 1.38
CA VAL C 223 29.73 34.60 1.46
C VAL C 223 30.02 33.64 0.30
N LEU C 224 29.62 32.38 0.46
CA LEU C 224 29.91 31.30 -0.53
C LEU C 224 29.10 31.50 -1.79
N LEU C 225 29.69 31.14 -2.93
CA LEU C 225 29.01 31.27 -4.24
C LEU C 225 28.67 29.87 -4.75
N LEU C 226 27.38 29.65 -5.03
CA LEU C 226 26.81 28.36 -5.53
C LEU C 226 25.83 28.71 -6.65
N ASP C 227 26.18 28.36 -7.89
CA ASP C 227 25.38 28.74 -9.09
C ASP C 227 25.16 27.50 -9.95
N ASN C 228 24.42 26.55 -9.39
CA ASN C 228 23.95 25.27 -9.99
C ASN C 228 23.28 24.45 -8.89
N TYR C 229 22.19 23.77 -9.21
CA TYR C 229 21.39 22.97 -8.25
C TYR C 229 22.31 22.03 -7.45
N SER C 230 23.18 21.30 -8.16
CA SER C 230 24.02 20.20 -7.62
C SER C 230 24.78 20.67 -6.38
N ASP C 231 25.27 21.91 -6.39
CA ASP C 231 26.15 22.45 -5.32
C ASP C 231 25.25 23.04 -4.23
N ARG C 232 24.13 23.65 -4.59
CA ARG C 232 23.17 24.26 -3.63
C ARG C 232 22.51 23.17 -2.76
N ILE C 233 22.04 22.07 -3.38
CA ILE C 233 21.34 20.95 -2.69
C ILE C 233 22.34 20.21 -1.80
N GLN C 234 23.56 19.95 -2.27
CA GLN C 234 24.63 19.33 -1.45
C GLN C 234 24.81 20.11 -0.13
N VAL C 235 24.79 21.44 -0.20
CA VAL C 235 25.00 22.29 1.01
C VAL C 235 23.79 22.09 1.93
N LEU C 236 22.58 22.13 1.36
CA LEU C 236 21.32 21.96 2.14
C LEU C 236 21.31 20.55 2.77
N GLN C 237 21.73 19.52 2.02
CA GLN C 237 21.82 18.12 2.50
C GLN C 237 22.80 18.01 3.67
N ASN C 238 24.01 18.56 3.55
CA ASN C 238 25.00 18.55 4.66
C ASN C 238 24.53 19.44 5.84
N MET C 239 23.82 20.53 5.55
CA MET C 239 23.23 21.40 6.59
C MET C 239 22.28 20.58 7.46
N VAL C 240 21.30 19.91 6.84
CA VAL C 240 20.24 19.18 7.62
C VAL C 240 20.88 17.94 8.25
N HIS C 241 21.92 17.41 7.63
CA HIS C 241 22.66 16.22 8.12
C HIS C 241 23.48 16.67 9.35
N CYS C 242 24.06 17.87 9.31
CA CYS C 242 24.77 18.49 10.47
C CYS C 242 23.77 18.71 11.60
N ALA C 243 22.58 19.24 11.30
CA ALA C 243 21.53 19.47 12.33
C ALA C 243 21.17 18.11 12.95
N ASP C 244 21.04 17.07 12.12
CA ASP C 244 20.70 15.69 12.56
C ASP C 244 21.83 15.14 13.46
N LEU C 245 23.09 15.47 13.15
CA LEU C 245 24.27 15.04 13.95
C LEU C 245 24.78 16.19 14.85
N SER C 246 23.91 17.13 15.23
CA SER C 246 24.23 18.38 16.01
C SER C 246 24.22 18.16 17.54
N ASN C 247 23.84 16.98 18.06
CA ASN C 247 23.75 16.72 19.53
C ASN C 247 25.10 16.96 20.20
N PRO C 248 26.23 16.36 19.75
CA PRO C 248 27.49 16.53 20.49
C PRO C 248 28.03 17.96 20.50
N THR C 249 27.47 18.85 19.67
CA THR C 249 27.91 20.27 19.52
C THR C 249 27.02 21.19 20.37
N LYS C 250 26.12 20.64 21.16
CA LYS C 250 25.24 21.51 21.97
C LYS C 250 25.72 21.56 23.43
N PRO C 251 25.27 22.55 24.21
CA PRO C 251 25.56 22.62 25.62
C PRO C 251 25.25 21.28 26.29
N LEU C 252 26.21 20.76 27.03
CA LEU C 252 26.20 19.45 27.72
C LEU C 252 24.83 19.09 28.31
N GLN C 253 24.13 20.00 28.98
CA GLN C 253 22.79 19.59 29.51
C GLN C 253 21.91 19.04 28.38
N LEU C 254 21.90 19.66 27.19
CA LEU C 254 21.13 19.17 26.02
C LEU C 254 21.73 17.84 25.53
N TYR C 255 23.02 17.85 25.19
CA TYR C 255 23.76 16.68 24.66
C TYR C 255 23.51 15.44 25.53
N ARG C 256 23.66 15.59 26.83
CA ARG C 256 23.48 14.46 27.77
C ARG C 256 22.09 13.86 27.66
N GLN C 257 21.05 14.67 27.49
CA GLN C 257 19.68 14.17 27.36
C GLN C 257 19.56 13.35 26.08
N TRP C 258 20.15 13.85 25.00
CA TRP C 258 20.12 13.12 23.72
C TRP C 258 20.86 11.79 23.84
N THR C 259 21.97 11.78 24.56
CA THR C 259 22.75 10.53 24.70
C THR C 259 21.92 9.52 25.49
N ASP C 260 21.21 9.97 26.52
CA ASP C 260 20.40 9.03 27.32
C ASP C 260 19.29 8.46 26.43
N ARG C 261 18.69 9.33 25.62
CA ARG C 261 17.55 8.99 24.75
C ARG C 261 17.95 8.06 23.60
N ILE C 262 19.07 8.30 22.93
CA ILE C 262 19.51 7.45 21.78
C ILE C 262 19.88 6.08 22.33
N MET C 263 20.45 6.05 23.54
CA MET C 263 20.95 4.82 24.18
C MET C 263 19.75 3.99 24.65
N GLU C 264 18.68 4.65 25.11
CA GLU C 264 17.45 3.96 25.56
C GLU C 264 16.82 3.31 24.33
N GLU C 265 16.83 3.99 23.19
CA GLU C 265 16.16 3.53 21.95
C GLU C 265 16.93 2.31 21.40
N PHE C 266 18.26 2.43 21.31
CA PHE C 266 19.16 1.37 20.79
C PHE C 266 19.10 0.17 21.74
N PHE C 267 18.99 0.39 23.06
CA PHE C 267 18.84 -0.72 24.04
C PHE C 267 17.46 -1.38 23.88
N ARG C 268 16.38 -0.63 23.66
CA ARG C 268 15.05 -1.20 23.41
C ARG C 268 15.09 -2.03 22.12
N GLN C 269 15.76 -1.55 21.07
CA GLN C 269 15.87 -2.32 19.79
C GLN C 269 16.60 -3.64 20.08
N GLY C 270 17.59 -3.63 20.98
CA GLY C 270 18.37 -4.82 21.35
C GLY C 270 17.50 -5.90 21.95
N ASP C 271 16.59 -5.50 22.87
CA ASP C 271 15.53 -6.35 23.47
C ASP C 271 14.58 -6.90 22.37
N ARG C 272 14.13 -6.05 21.45
CA ARG C 272 13.21 -6.48 20.37
C ARG C 272 13.91 -7.55 19.52
N GLU C 273 15.20 -7.39 19.22
CA GLU C 273 16.04 -8.33 18.45
C GLU C 273 16.07 -9.70 19.17
N ARG C 274 16.33 -9.73 20.49
CA ARG C 274 16.25 -10.97 21.31
C ARG C 274 14.83 -11.54 21.28
N GLU C 275 13.80 -10.69 21.47
CA GLU C 275 12.37 -11.11 21.49
C GLU C 275 11.97 -11.82 20.18
N ARG C 276 12.56 -11.45 19.03
CA ARG C 276 12.21 -12.00 17.69
C ARG C 276 13.23 -13.02 17.15
N GLY C 277 14.20 -13.46 17.96
CA GLY C 277 15.30 -14.36 17.56
C GLY C 277 16.03 -13.84 16.33
N MET C 278 16.63 -12.64 16.40
CA MET C 278 17.56 -12.06 15.38
C MET C 278 18.99 -12.02 15.97
N GLU C 279 20.01 -11.98 15.10
CA GLU C 279 21.41 -11.68 15.51
C GLU C 279 21.42 -10.24 16.06
N ILE C 280 22.15 -10.00 17.17
CA ILE C 280 22.03 -8.78 18.02
C ILE C 280 22.97 -7.67 17.52
N SER C 281 22.47 -6.44 17.41
CA SER C 281 23.16 -5.23 16.91
C SER C 281 24.42 -4.94 17.74
N PRO C 282 25.39 -4.17 17.20
CA PRO C 282 26.60 -3.79 17.93
C PRO C 282 26.61 -2.36 18.51
N MET C 283 27.23 -2.19 19.69
CA MET C 283 27.56 -0.90 20.35
C MET C 283 26.41 -0.44 21.26
N CYS C 284 25.26 -1.13 21.22
CA CYS C 284 24.09 -0.89 22.11
C CYS C 284 23.36 -2.20 22.45
N ASP C 285 23.91 -2.97 23.40
CA ASP C 285 23.28 -4.14 24.05
C ASP C 285 23.64 -4.11 25.54
N LYS C 286 22.72 -3.61 26.38
CA LYS C 286 22.93 -3.34 27.83
C LYS C 286 24.07 -4.22 28.36
N HIS C 287 23.79 -5.50 28.65
CA HIS C 287 24.70 -6.44 29.35
C HIS C 287 26.16 -5.96 29.24
N ASN C 288 26.53 -5.36 28.11
CA ASN C 288 27.85 -4.70 27.91
C ASN C 288 27.75 -3.70 26.75
N ALA C 289 28.67 -2.73 26.69
CA ALA C 289 28.67 -1.55 25.78
C ALA C 289 28.72 -0.26 26.61
N SER C 290 29.81 0.51 26.50
CA SER C 290 30.02 1.81 27.21
C SER C 290 29.40 2.98 26.43
N VAL C 291 28.38 3.60 27.03
CA VAL C 291 27.74 4.89 26.59
C VAL C 291 28.84 5.90 26.24
N GLU C 292 29.67 6.21 27.24
CA GLU C 292 30.79 7.19 27.20
C GLU C 292 31.76 6.81 26.09
N LYS C 293 32.17 5.55 26.05
CA LYS C 293 33.12 5.12 24.99
C LYS C 293 32.49 5.34 23.61
N SER C 294 31.20 4.99 23.47
CA SER C 294 30.48 5.12 22.17
C SER C 294 30.36 6.58 21.73
N GLN C 295 30.06 7.48 22.67
CA GLN C 295 29.96 8.93 22.36
C GLN C 295 31.29 9.46 21.82
N VAL C 296 32.40 9.11 22.47
CA VAL C 296 33.77 9.55 22.03
C VAL C 296 33.98 9.02 20.62
N GLY C 297 33.74 7.73 20.40
CA GLY C 297 33.82 7.08 19.08
C GLY C 297 32.93 7.77 18.06
N PHE C 298 31.68 8.06 18.40
CA PHE C 298 30.71 8.77 17.52
C PHE C 298 31.31 10.09 17.06
N ILE C 299 31.93 10.85 17.98
CA ILE C 299 32.50 12.20 17.68
C ILE C 299 33.73 12.06 16.80
N ASP C 300 34.68 11.20 17.20
CA ASP C 300 36.01 11.05 16.55
C ASP C 300 35.85 10.59 15.09
N TYR C 301 34.92 9.68 14.79
CA TYR C 301 34.82 9.01 13.46
C TYR C 301 33.72 9.59 12.57
N ILE C 302 32.74 10.31 13.13
CA ILE C 302 31.54 10.76 12.36
C ILE C 302 31.31 12.26 12.57
N VAL C 303 30.94 12.66 13.78
CA VAL C 303 30.49 14.06 14.06
C VAL C 303 31.64 15.05 13.85
N HIS C 304 32.80 14.85 14.48
CA HIS C 304 33.95 15.79 14.35
C HIS C 304 34.38 15.92 12.88
N PRO C 305 34.64 14.83 12.13
CA PRO C 305 35.01 14.96 10.72
C PRO C 305 34.01 15.84 9.95
N LEU C 306 32.71 15.52 10.05
CA LEU C 306 31.64 16.28 9.36
C LEU C 306 31.73 17.76 9.79
N TRP C 307 31.74 18.02 11.10
CA TRP C 307 31.63 19.41 11.61
C TRP C 307 32.94 20.17 11.33
N GLU C 308 34.10 19.49 11.39
CA GLU C 308 35.42 20.07 11.01
C GLU C 308 35.28 20.67 9.62
N THR C 309 34.65 19.93 8.72
CA THR C 309 34.51 20.25 7.27
C THR C 309 33.45 21.35 7.08
N TRP C 310 32.33 21.28 7.79
CA TRP C 310 31.30 22.35 7.72
C TRP C 310 31.92 23.65 8.24
N ALA C 311 32.78 23.56 9.25
CA ALA C 311 33.47 24.73 9.85
C ALA C 311 34.31 25.42 8.77
N ASP C 312 35.19 24.65 8.12
CA ASP C 312 36.09 25.13 7.03
C ASP C 312 35.27 25.74 5.89
N LEU C 313 34.06 25.25 5.61
CA LEU C 313 33.19 25.75 4.50
C LEU C 313 32.65 27.15 4.84
N VAL C 314 32.23 27.38 6.09
CA VAL C 314 31.59 28.66 6.54
C VAL C 314 32.56 29.42 7.45
N HIS C 315 33.88 29.23 7.28
CA HIS C 315 34.96 29.87 8.09
C HIS C 315 34.75 31.38 8.19
N PRO C 316 34.78 31.98 9.41
CA PRO C 316 34.99 31.26 10.67
C PRO C 316 33.72 30.92 11.47
N ASP C 317 32.54 30.99 10.83
CA ASP C 317 31.22 31.26 11.47
C ASP C 317 30.86 30.24 12.57
N ALA C 318 31.50 29.06 12.62
CA ALA C 318 31.02 27.89 13.39
C ALA C 318 32.06 27.40 14.41
N GLN C 319 33.00 28.27 14.81
CA GLN C 319 34.13 27.92 15.71
C GLN C 319 33.63 27.61 17.14
N ASP C 320 32.61 28.32 17.66
CA ASP C 320 32.04 28.05 19.01
C ASP C 320 31.36 26.66 19.04
N ILE C 321 30.71 26.30 17.93
CA ILE C 321 30.04 24.98 17.73
C ILE C 321 31.11 23.89 17.80
N LEU C 322 32.20 24.07 17.05
CA LEU C 322 33.35 23.14 17.03
C LEU C 322 34.13 23.19 18.35
N ASP C 323 34.31 24.37 18.95
CA ASP C 323 34.90 24.46 20.31
C ASP C 323 34.05 23.64 21.28
N THR C 324 32.72 23.80 21.25
CA THR C 324 31.78 23.10 22.17
C THR C 324 31.90 21.57 21.99
N LEU C 325 32.04 21.13 20.74
CA LEU C 325 32.12 19.71 20.36
C LEU C 325 33.36 19.08 21.03
N GLU C 326 34.53 19.68 20.81
CA GLU C 326 35.83 19.18 21.34
C GLU C 326 35.75 19.14 22.87
N ASP C 327 35.10 20.15 23.48
CA ASP C 327 34.92 20.26 24.96
C ASP C 327 33.98 19.14 25.42
N ASN C 328 32.88 18.89 24.70
CA ASN C 328 31.94 17.80 25.10
C ASN C 328 32.64 16.46 24.86
N ARG C 329 33.51 16.38 23.86
CA ARG C 329 34.26 15.14 23.51
C ARG C 329 35.13 14.76 24.71
N GLU C 330 35.90 15.72 25.21
CA GLU C 330 36.81 15.47 26.37
C GLU C 330 35.97 15.30 27.63
N TRP C 331 34.82 15.95 27.70
CA TRP C 331 33.99 15.71 28.91
C TRP C 331 33.62 14.23 29.00
N TYR C 332 33.08 13.66 27.93
CA TYR C 332 32.69 12.22 27.92
C TYR C 332 33.94 11.36 28.11
N GLN C 333 35.03 11.75 27.49
CA GLN C 333 36.30 10.97 27.63
C GLN C 333 36.63 10.86 29.12
N SER C 334 36.70 11.98 29.79
CA SER C 334 37.10 12.01 31.23
C SER C 334 36.18 11.10 32.07
N THR C 335 35.02 10.69 31.55
CA THR C 335 34.06 9.80 32.28
C THR C 335 34.53 8.34 32.24
N ILE C 336 35.27 7.93 31.20
CA ILE C 336 35.83 6.55 31.03
C ILE C 336 36.77 6.24 32.19
N PRO C 337 36.60 5.08 32.88
CA PRO C 337 37.60 4.57 33.82
C PRO C 337 38.47 3.45 33.22
N GLN D 14 1.13 -29.29 -29.35
CA GLN D 14 1.77 -30.64 -29.12
C GLN D 14 2.92 -30.51 -28.11
N GLU D 15 2.75 -31.16 -26.97
CA GLU D 15 3.80 -31.53 -25.99
C GLU D 15 5.14 -31.72 -26.71
N ASP D 16 5.23 -32.64 -27.67
CA ASP D 16 6.50 -33.17 -28.24
C ASP D 16 7.17 -32.11 -29.13
N VAL D 17 6.40 -31.31 -29.88
CA VAL D 17 7.01 -30.19 -30.66
C VAL D 17 7.60 -29.14 -29.68
N LEU D 18 6.92 -28.85 -28.55
CA LEU D 18 7.43 -27.93 -27.50
C LEU D 18 8.72 -28.49 -26.87
N ALA D 19 8.75 -29.77 -26.47
CA ALA D 19 9.93 -30.45 -25.90
C ALA D 19 11.08 -30.42 -26.89
N LYS D 20 10.83 -30.56 -28.19
CA LYS D 20 11.93 -30.51 -29.17
C LYS D 20 12.52 -29.09 -29.15
N GLU D 21 11.66 -28.08 -29.15
CA GLU D 21 12.11 -26.66 -29.17
C GLU D 21 12.94 -26.39 -27.90
N LEU D 22 12.57 -26.98 -26.77
CA LEU D 22 13.19 -26.63 -25.46
C LEU D 22 14.54 -27.32 -25.32
N GLU D 23 14.92 -28.18 -26.27
CA GLU D 23 16.29 -28.73 -26.33
C GLU D 23 17.25 -27.63 -26.75
N ASP D 24 16.76 -26.52 -27.31
CA ASP D 24 17.60 -25.36 -27.74
C ASP D 24 17.79 -24.33 -26.61
N VAL D 25 17.42 -24.67 -25.39
CA VAL D 25 17.34 -23.71 -24.26
C VAL D 25 18.75 -23.23 -23.88
N ASN D 26 19.80 -23.94 -24.27
CA ASN D 26 21.21 -23.57 -23.95
C ASN D 26 21.84 -22.87 -25.14
N LYS D 27 21.08 -22.63 -26.19
CA LYS D 27 21.65 -22.00 -27.40
C LYS D 27 21.17 -20.56 -27.53
N TRP D 28 22.04 -19.71 -28.06
CA TRP D 28 21.70 -18.31 -28.39
C TRP D 28 20.80 -18.39 -29.63
N GLY D 29 19.65 -17.77 -29.62
CA GLY D 29 18.85 -17.92 -30.84
C GLY D 29 17.79 -18.98 -30.73
N LEU D 30 17.36 -19.31 -29.51
CA LEU D 30 16.11 -20.06 -29.23
C LEU D 30 14.95 -19.38 -29.96
N HIS D 31 14.05 -20.21 -30.50
CA HIS D 31 12.79 -19.74 -31.14
C HIS D 31 11.80 -19.51 -30.02
N VAL D 32 12.01 -18.43 -29.29
CA VAL D 32 11.23 -18.07 -28.08
C VAL D 32 9.80 -17.73 -28.50
N PHE D 33 9.57 -17.12 -29.67
CA PHE D 33 8.20 -16.79 -30.15
C PHE D 33 7.49 -18.11 -30.49
N ARG D 34 8.20 -19.06 -31.11
CA ARG D 34 7.62 -20.39 -31.39
C ARG D 34 7.25 -21.02 -30.05
N ILE D 35 8.13 -20.91 -29.05
CA ILE D 35 7.90 -21.54 -27.71
C ILE D 35 6.71 -20.83 -27.05
N ALA D 36 6.59 -19.50 -27.19
CA ALA D 36 5.41 -18.76 -26.68
C ALA D 36 4.14 -19.37 -27.30
N GLU D 37 4.10 -19.53 -28.63
CA GLU D 37 2.92 -20.11 -29.35
C GLU D 37 2.64 -21.54 -28.86
N LEU D 38 3.65 -22.41 -28.88
CA LEU D 38 3.55 -23.84 -28.52
C LEU D 38 3.05 -24.01 -27.09
N SER D 39 3.45 -23.17 -26.13
CA SER D 39 3.15 -23.33 -24.68
C SER D 39 1.80 -22.73 -24.29
N GLY D 40 1.09 -22.10 -25.22
CA GLY D 40 -0.19 -21.44 -24.93
C GLY D 40 0.05 -20.14 -24.19
N ASN D 41 1.06 -19.39 -24.65
CA ASN D 41 1.48 -18.08 -24.10
C ASN D 41 2.12 -18.28 -22.73
N ARG D 42 2.84 -19.40 -22.50
CA ARG D 42 3.54 -19.63 -21.21
C ARG D 42 5.05 -19.70 -21.44
N PRO D 43 5.69 -18.85 -22.24
CA PRO D 43 7.10 -19.03 -22.51
C PRO D 43 7.90 -18.93 -21.21
N LEU D 44 7.51 -17.98 -20.33
CA LEU D 44 8.29 -17.71 -19.10
C LEU D 44 8.19 -18.94 -18.21
N THR D 45 7.00 -19.50 -18.01
CA THR D 45 6.81 -20.64 -17.10
C THR D 45 7.66 -21.82 -17.61
N VAL D 46 7.60 -22.15 -18.91
CA VAL D 46 8.19 -23.41 -19.47
C VAL D 46 9.71 -23.24 -19.56
N ILE D 47 10.21 -22.13 -20.05
CA ILE D 47 11.66 -21.84 -20.08
C ILE D 47 12.22 -21.79 -18.66
N MET D 48 11.52 -21.20 -17.69
CA MET D 48 12.07 -21.13 -16.30
C MET D 48 12.07 -22.54 -15.70
N HIS D 49 11.05 -23.34 -15.97
CA HIS D 49 10.97 -24.72 -15.43
C HIS D 49 12.13 -25.55 -16.01
N THR D 50 12.32 -25.46 -17.33
CA THR D 50 13.35 -26.21 -18.07
C THR D 50 14.73 -25.86 -17.49
N ILE D 51 15.02 -24.57 -17.34
CA ILE D 51 16.30 -24.06 -16.77
C ILE D 51 16.43 -24.54 -15.31
N PHE D 52 15.40 -24.42 -14.49
CA PHE D 52 15.45 -24.90 -13.08
C PHE D 52 15.77 -26.41 -13.08
N GLN D 53 15.13 -27.23 -13.92
CA GLN D 53 15.36 -28.71 -13.98
C GLN D 53 16.80 -29.00 -14.45
N GLU D 54 17.21 -28.38 -15.53
CA GLU D 54 18.54 -28.61 -16.14
C GLU D 54 19.65 -28.26 -15.13
N ARG D 55 19.48 -27.21 -14.33
CA ARG D 55 20.52 -26.73 -13.38
C ARG D 55 20.32 -27.37 -12.00
N ASP D 56 19.29 -28.19 -11.85
CA ASP D 56 19.02 -29.00 -10.63
C ASP D 56 18.65 -28.07 -9.47
N LEU D 57 18.08 -26.91 -9.74
CA LEU D 57 17.82 -25.87 -8.72
C LEU D 57 16.70 -26.34 -7.79
N LEU D 58 15.73 -27.11 -8.28
CA LEU D 58 14.63 -27.65 -7.43
C LEU D 58 15.21 -28.49 -6.29
N LYS D 59 16.16 -29.39 -6.59
CA LYS D 59 16.76 -30.27 -5.54
C LYS D 59 17.74 -29.49 -4.66
N THR D 60 18.63 -28.70 -5.25
CA THR D 60 19.66 -27.95 -4.50
C THR D 60 18.98 -27.06 -3.45
N PHE D 61 17.86 -26.42 -3.80
CA PHE D 61 17.17 -25.39 -2.99
C PHE D 61 15.82 -25.91 -2.48
N LYS D 62 15.51 -27.19 -2.68
CA LYS D 62 14.35 -27.90 -2.06
C LYS D 62 13.08 -27.14 -2.41
N ILE D 63 12.90 -26.87 -3.71
CA ILE D 63 11.80 -26.05 -4.25
C ILE D 63 10.72 -27.05 -4.63
N PRO D 64 9.54 -27.00 -3.97
CA PRO D 64 8.42 -27.85 -4.40
C PRO D 64 8.14 -27.54 -5.86
N VAL D 65 8.11 -28.57 -6.71
CA VAL D 65 7.86 -28.37 -8.17
C VAL D 65 6.51 -27.64 -8.32
N ASP D 66 5.49 -27.96 -7.53
CA ASP D 66 4.15 -27.33 -7.63
C ASP D 66 4.23 -25.84 -7.24
N THR D 67 5.00 -25.53 -6.19
CA THR D 67 5.28 -24.14 -5.76
C THR D 67 5.98 -23.36 -6.89
N LEU D 68 7.01 -23.92 -7.53
CA LEU D 68 7.73 -23.25 -8.64
C LEU D 68 6.76 -22.95 -9.79
N ILE D 69 5.91 -23.91 -10.14
CA ILE D 69 4.98 -23.77 -11.29
C ILE D 69 3.87 -22.76 -10.94
N THR D 70 3.34 -22.80 -9.73
CA THR D 70 2.35 -21.80 -9.27
C THR D 70 2.99 -20.40 -9.35
N TYR D 71 4.19 -20.23 -8.79
CA TYR D 71 4.86 -18.91 -8.77
C TYR D 71 5.08 -18.45 -10.20
N LEU D 72 5.66 -19.32 -11.04
CA LEU D 72 6.02 -18.96 -12.43
C LEU D 72 4.76 -18.51 -13.16
N MET D 73 3.64 -19.15 -12.93
CA MET D 73 2.45 -18.78 -13.71
C MET D 73 1.85 -17.49 -13.17
N THR D 74 1.94 -17.30 -11.87
CA THR D 74 1.53 -16.05 -11.22
C THR D 74 2.41 -14.95 -11.78
N LEU D 75 3.72 -15.14 -11.77
CA LEU D 75 4.67 -14.12 -12.28
C LEU D 75 4.35 -13.79 -13.72
N GLU D 76 4.20 -14.81 -14.57
CA GLU D 76 3.90 -14.61 -16.02
C GLU D 76 2.60 -13.80 -16.16
N ASP D 77 1.58 -14.13 -15.36
CA ASP D 77 0.27 -13.43 -15.43
C ASP D 77 0.38 -11.96 -14.99
N HIS D 78 1.42 -11.58 -14.26
CA HIS D 78 1.65 -10.18 -13.82
C HIS D 78 2.42 -9.39 -14.88
N TYR D 79 2.76 -10.04 -15.99
CA TYR D 79 3.28 -9.36 -17.19
C TYR D 79 2.06 -9.03 -18.04
N HIS D 80 2.06 -7.88 -18.69
CA HIS D 80 0.89 -7.44 -19.50
C HIS D 80 0.85 -8.03 -20.89
N ALA D 81 -0.25 -8.67 -21.21
CA ALA D 81 -0.49 -9.23 -22.56
C ALA D 81 -0.75 -8.11 -23.59
N ASP D 82 -1.08 -6.90 -23.17
CA ASP D 82 -1.47 -5.80 -24.10
C ASP D 82 -0.28 -4.87 -24.31
N VAL D 83 0.91 -5.28 -23.87
CA VAL D 83 2.16 -4.51 -24.10
C VAL D 83 2.96 -5.27 -25.15
N ALA D 84 3.42 -4.61 -26.22
CA ALA D 84 3.98 -5.28 -27.41
C ALA D 84 5.39 -5.83 -27.13
N TYR D 85 6.19 -5.17 -26.29
CA TYR D 85 7.61 -5.55 -26.00
C TYR D 85 7.78 -6.04 -24.55
N HIS D 86 7.51 -5.20 -23.56
CA HIS D 86 7.74 -5.51 -22.12
C HIS D 86 6.66 -6.45 -21.55
N ASN D 87 6.57 -7.66 -22.12
CA ASN D 87 5.62 -8.72 -21.71
C ASN D 87 6.40 -9.96 -21.29
N ASN D 88 5.68 -11.06 -21.02
CA ASN D 88 6.23 -12.37 -20.60
C ASN D 88 7.21 -12.93 -21.64
N ILE D 89 7.05 -12.64 -22.94
CA ILE D 89 7.96 -13.21 -23.97
C ILE D 89 9.35 -12.59 -23.78
N HIS D 90 9.43 -11.29 -23.46
CA HIS D 90 10.71 -10.56 -23.20
C HIS D 90 11.36 -11.06 -21.91
N ALA D 91 10.58 -11.28 -20.86
CA ALA D 91 11.03 -11.90 -19.61
C ALA D 91 11.62 -13.28 -19.93
N ALA D 92 10.90 -14.11 -20.69
CA ALA D 92 11.36 -15.47 -21.03
C ALA D 92 12.70 -15.36 -21.79
N ASP D 93 12.83 -14.35 -22.66
CA ASP D 93 14.04 -14.18 -23.50
C ASP D 93 15.20 -13.68 -22.65
N VAL D 94 15.00 -12.67 -21.81
CA VAL D 94 16.11 -12.24 -20.89
C VAL D 94 16.54 -13.42 -20.01
N VAL D 95 15.60 -14.23 -19.52
CA VAL D 95 15.92 -15.39 -18.64
C VAL D 95 16.85 -16.35 -19.37
N GLN D 96 16.50 -16.73 -20.60
CA GLN D 96 17.21 -17.77 -21.39
C GLN D 96 18.56 -17.21 -21.79
N SER D 97 18.63 -15.92 -22.10
CA SER D 97 19.88 -15.25 -22.52
C SER D 97 20.83 -15.23 -21.33
N THR D 98 20.27 -14.89 -20.16
CA THR D 98 21.07 -14.88 -18.91
C THR D 98 21.58 -16.28 -18.66
N HIS D 99 20.72 -17.28 -18.84
CA HIS D 99 21.07 -18.70 -18.62
C HIS D 99 22.24 -19.09 -19.52
N VAL D 100 22.22 -18.69 -20.80
CA VAL D 100 23.32 -18.98 -21.76
C VAL D 100 24.58 -18.25 -21.29
N LEU D 101 24.48 -16.98 -20.93
CA LEU D 101 25.66 -16.18 -20.49
C LEU D 101 26.26 -16.80 -19.22
N LEU D 102 25.44 -17.28 -18.30
CA LEU D 102 25.92 -17.95 -17.04
C LEU D 102 26.73 -19.21 -17.39
N SER D 103 26.45 -19.80 -18.54
CA SER D 103 27.01 -21.09 -18.99
C SER D 103 28.32 -20.89 -19.77
N THR D 104 28.77 -19.65 -19.96
CA THR D 104 29.96 -19.32 -20.79
C THR D 104 31.19 -20.01 -20.18
N PRO D 105 32.02 -20.70 -20.99
CA PRO D 105 33.21 -21.38 -20.46
C PRO D 105 34.05 -20.50 -19.54
N ALA D 106 34.27 -19.24 -19.89
CA ALA D 106 35.07 -18.28 -19.09
C ALA D 106 34.49 -18.09 -17.68
N LEU D 107 33.22 -18.41 -17.42
CA LEU D 107 32.59 -18.25 -16.07
C LEU D 107 32.32 -19.58 -15.38
N GLU D 108 32.88 -20.69 -15.85
CA GLU D 108 32.55 -22.02 -15.29
C GLU D 108 33.08 -22.10 -13.85
N ALA D 109 32.21 -22.51 -12.92
CA ALA D 109 32.53 -22.68 -11.48
C ALA D 109 32.80 -21.34 -10.78
N VAL D 110 32.54 -20.21 -11.43
CA VAL D 110 32.81 -18.88 -10.85
C VAL D 110 31.73 -18.51 -9.84
N PHE D 111 30.45 -18.69 -10.17
CA PHE D 111 29.31 -18.27 -9.32
C PHE D 111 28.72 -19.47 -8.57
N THR D 112 28.35 -19.23 -7.32
CA THR D 112 27.63 -20.22 -6.48
C THR D 112 26.25 -20.48 -7.09
N ASP D 113 25.60 -21.56 -6.62
CA ASP D 113 24.19 -21.93 -6.85
C ASP D 113 23.25 -20.77 -6.49
N LEU D 114 23.52 -20.07 -5.39
CA LEU D 114 22.69 -18.93 -4.93
C LEU D 114 22.82 -17.75 -5.88
N GLU D 115 24.04 -17.46 -6.33
CA GLU D 115 24.28 -16.39 -7.32
C GLU D 115 23.57 -16.74 -8.63
N ILE D 116 23.60 -17.99 -9.05
CA ILE D 116 22.96 -18.43 -10.31
C ILE D 116 21.45 -18.20 -10.16
N LEU D 117 20.91 -18.61 -9.00
CA LEU D 117 19.46 -18.52 -8.70
C LEU D 117 19.05 -17.05 -8.71
N ALA D 118 19.86 -16.19 -8.12
CA ALA D 118 19.61 -14.74 -8.04
C ALA D 118 19.61 -14.15 -9.46
N ALA D 119 20.60 -14.45 -10.26
CA ALA D 119 20.67 -13.92 -11.65
C ALA D 119 19.43 -14.35 -12.46
N ILE D 120 19.00 -15.59 -12.32
CA ILE D 120 17.92 -16.14 -13.20
C ILE D 120 16.59 -15.56 -12.70
N PHE D 121 16.40 -15.51 -11.38
CA PHE D 121 15.18 -14.98 -10.72
C PHE D 121 15.03 -13.50 -11.06
N ALA D 122 16.11 -12.75 -10.91
CA ALA D 122 16.13 -11.30 -11.24
C ALA D 122 15.70 -11.13 -12.70
N SER D 123 16.21 -11.99 -13.59
CA SER D 123 15.88 -11.92 -15.03
C SER D 123 14.37 -12.13 -15.21
N ALA D 124 13.78 -13.09 -14.50
CA ALA D 124 12.37 -13.48 -14.63
C ALA D 124 11.46 -12.34 -14.18
N ILE D 125 11.80 -11.68 -13.08
CA ILE D 125 10.93 -10.63 -12.49
C ILE D 125 11.26 -9.25 -13.05
N HIS D 126 12.30 -9.08 -13.87
CA HIS D 126 13.03 -7.79 -14.04
C HIS D 126 12.15 -6.69 -14.63
N ASP D 127 11.15 -7.06 -15.42
CA ASP D 127 10.20 -6.12 -16.06
C ASP D 127 8.76 -6.45 -15.60
N VAL D 128 8.55 -7.15 -14.49
CA VAL D 128 7.15 -7.58 -14.23
C VAL D 128 6.21 -6.42 -13.90
N ASP D 129 5.00 -6.38 -14.47
CA ASP D 129 3.96 -5.32 -14.27
C ASP D 129 4.39 -4.05 -15.00
N HIS D 130 5.18 -4.20 -16.07
CA HIS D 130 5.62 -3.06 -16.90
C HIS D 130 4.38 -2.53 -17.62
N PRO D 131 4.03 -1.23 -17.45
CA PRO D 131 2.87 -0.62 -18.11
C PRO D 131 2.98 -0.26 -19.60
N GLY D 132 4.18 -0.32 -20.16
CA GLY D 132 4.41 -0.11 -21.59
C GLY D 132 4.72 1.35 -21.94
N VAL D 133 5.08 2.12 -20.90
CA VAL D 133 5.53 3.55 -20.96
C VAL D 133 6.81 3.69 -20.13
N SER D 134 7.61 4.70 -20.46
CA SER D 134 8.94 4.96 -19.87
C SER D 134 8.83 5.53 -18.45
N ASN D 135 9.91 5.46 -17.69
CA ASN D 135 10.07 6.19 -16.42
C ASN D 135 9.65 7.65 -16.60
N GLN D 136 10.14 8.33 -17.64
CA GLN D 136 9.91 9.80 -17.81
C GLN D 136 8.41 10.04 -17.93
N PHE D 137 7.70 9.21 -18.69
CA PHE D 137 6.22 9.25 -18.81
C PHE D 137 5.56 9.11 -17.45
N LEU D 138 6.05 8.26 -16.55
CA LEU D 138 5.39 8.10 -15.23
C LEU D 138 5.71 9.32 -14.38
N ILE D 139 6.89 9.90 -14.57
CA ILE D 139 7.29 11.13 -13.82
C ILE D 139 6.44 12.32 -14.31
N ASN D 140 6.30 12.48 -15.62
CA ASN D 140 5.66 13.67 -16.25
C ASN D 140 4.15 13.67 -16.03
N THR D 141 3.53 12.50 -15.78
CA THR D 141 2.07 12.35 -15.54
C THR D 141 1.81 12.38 -14.03
N ASN D 142 2.83 12.56 -13.21
CA ASN D 142 2.64 12.60 -11.74
C ASN D 142 1.93 11.32 -11.28
N SER D 143 2.27 10.17 -11.89
CA SER D 143 1.73 8.83 -11.54
C SER D 143 2.13 8.49 -10.11
N GLU D 144 1.25 7.75 -9.46
CA GLU D 144 1.45 7.24 -8.09
C GLU D 144 2.78 6.46 -8.02
N LEU D 145 3.14 5.74 -9.08
CA LEU D 145 4.40 4.95 -9.05
C LEU D 145 5.60 5.90 -9.03
N ALA D 146 5.58 7.00 -9.82
CA ALA D 146 6.65 8.01 -9.86
C ALA D 146 6.80 8.65 -8.47
N LEU D 147 5.69 8.94 -7.82
CA LEU D 147 5.72 9.56 -6.47
C LEU D 147 6.16 8.57 -5.40
N MET D 148 5.82 7.30 -5.54
CA MET D 148 6.17 6.29 -4.51
C MET D 148 7.70 6.09 -4.51
N TYR D 149 8.34 6.24 -5.67
CA TYR D 149 9.79 5.92 -5.81
C TYR D 149 10.63 7.15 -6.18
N ASN D 150 10.09 8.37 -6.00
CA ASN D 150 10.89 9.62 -6.00
C ASN D 150 11.51 9.88 -7.37
N ASP D 151 10.78 9.54 -8.44
CA ASP D 151 11.24 9.66 -9.85
C ASP D 151 12.53 8.88 -10.11
N SER D 152 12.92 7.94 -9.25
CA SER D 152 14.26 7.28 -9.32
C SER D 152 14.08 5.78 -9.60
N SER D 153 14.49 5.35 -10.78
CA SER D 153 14.28 3.96 -11.26
C SER D 153 12.89 3.51 -10.80
N VAL D 154 11.87 4.25 -11.24
CA VAL D 154 10.46 4.06 -10.81
C VAL D 154 10.01 2.64 -11.19
N LEU D 155 10.13 2.29 -12.48
CA LEU D 155 9.69 1.00 -13.03
C LEU D 155 10.46 -0.12 -12.34
N GLU D 156 11.79 -0.02 -12.31
CA GLU D 156 12.69 -1.08 -11.78
C GLU D 156 12.42 -1.32 -10.28
N ASN D 157 12.17 -0.27 -9.49
CA ASN D 157 11.76 -0.41 -8.07
C ASN D 157 10.43 -1.20 -8.02
N HIS D 158 9.53 -0.89 -8.93
CA HIS D 158 8.19 -1.53 -9.01
C HIS D 158 8.35 -3.02 -9.37
N HIS D 159 9.13 -3.31 -10.40
CA HIS D 159 9.36 -4.71 -10.86
C HIS D 159 9.81 -5.53 -9.65
N LEU D 160 10.78 -5.05 -8.87
CA LEU D 160 11.26 -5.77 -7.67
C LEU D 160 10.11 -6.00 -6.67
N ALA D 161 9.34 -4.95 -6.38
CA ALA D 161 8.35 -4.99 -5.28
C ALA D 161 7.33 -6.08 -5.58
N VAL D 162 6.84 -6.10 -6.82
CA VAL D 162 5.86 -7.07 -7.34
C VAL D 162 6.49 -8.47 -7.36
N GLY D 163 7.68 -8.60 -7.95
CA GLY D 163 8.44 -9.85 -8.04
C GLY D 163 8.46 -10.54 -6.71
N PHE D 164 8.78 -9.78 -5.65
CA PHE D 164 8.95 -10.32 -4.28
C PHE D 164 7.58 -10.51 -3.63
N LYS D 165 6.67 -9.56 -3.83
CA LYS D 165 5.31 -9.65 -3.25
C LYS D 165 4.61 -10.93 -3.73
N LEU D 166 4.76 -11.29 -5.01
CA LEU D 166 4.04 -12.46 -5.58
C LEU D 166 4.42 -13.74 -4.86
N LEU D 167 5.57 -13.78 -4.21
CA LEU D 167 5.99 -14.97 -3.41
C LEU D 167 5.00 -15.20 -2.25
N GLN D 168 4.23 -14.18 -1.87
CA GLN D 168 3.29 -14.30 -0.74
C GLN D 168 1.96 -14.87 -1.21
N GLU D 169 1.82 -15.13 -2.52
CA GLU D 169 0.56 -15.72 -3.06
C GLU D 169 0.46 -17.18 -2.58
N GLU D 170 -0.73 -17.78 -2.69
CA GLU D 170 -0.93 -19.19 -2.25
C GLU D 170 0.06 -20.10 -2.96
N ASN D 171 0.83 -20.87 -2.17
CA ASN D 171 1.81 -21.87 -2.67
C ASN D 171 2.73 -21.23 -3.72
N CYS D 172 3.25 -20.03 -3.45
CA CYS D 172 4.12 -19.25 -4.38
C CYS D 172 5.53 -19.06 -3.79
N ASP D 173 5.77 -19.42 -2.53
CA ASP D 173 7.08 -19.12 -1.88
C ASP D 173 8.09 -20.19 -2.32
N ILE D 174 8.67 -19.97 -3.49
CA ILE D 174 9.74 -20.86 -4.04
C ILE D 174 11.01 -20.81 -3.17
N PHE D 175 11.16 -19.86 -2.25
CA PHE D 175 12.38 -19.72 -1.43
C PHE D 175 12.15 -20.23 -0.01
N GLN D 176 11.07 -20.98 0.19
CA GLN D 176 10.55 -21.32 1.55
C GLN D 176 11.59 -22.15 2.31
N ASN D 177 12.47 -22.89 1.64
CA ASN D 177 13.39 -23.86 2.30
C ASN D 177 14.83 -23.37 2.25
N LEU D 178 15.04 -22.12 1.85
CA LEU D 178 16.34 -21.42 1.95
C LEU D 178 16.49 -20.90 3.38
N THR D 179 17.72 -20.85 3.89
CA THR D 179 18.01 -20.29 5.23
C THR D 179 17.81 -18.76 5.19
N LYS D 180 17.79 -18.13 6.35
CA LYS D 180 17.70 -16.66 6.48
C LYS D 180 18.94 -16.05 5.80
N LYS D 181 20.14 -16.58 6.01
CA LYS D 181 21.34 -16.00 5.36
C LYS D 181 21.18 -16.16 3.84
N GLN D 182 20.76 -17.31 3.34
CA GLN D 182 20.56 -17.47 1.87
C GLN D 182 19.53 -16.44 1.37
N ARG D 183 18.40 -16.31 2.06
CA ARG D 183 17.30 -15.44 1.55
C ARG D 183 17.80 -13.99 1.53
N GLN D 184 18.57 -13.58 2.53
CA GLN D 184 19.10 -12.19 2.66
C GLN D 184 20.11 -11.88 1.54
N SER D 185 21.00 -12.81 1.24
CA SER D 185 22.02 -12.67 0.17
C SER D 185 21.31 -12.66 -1.21
N LEU D 186 20.42 -13.63 -1.44
CA LEU D 186 19.58 -13.67 -2.67
C LEU D 186 18.84 -12.33 -2.82
N ARG D 187 18.13 -11.87 -1.79
CA ARG D 187 17.32 -10.63 -1.90
C ARG D 187 18.23 -9.46 -2.31
N LYS D 188 19.39 -9.32 -1.67
CA LYS D 188 20.30 -8.18 -1.94
C LYS D 188 20.71 -8.23 -3.41
N MET D 189 21.18 -9.38 -3.88
CA MET D 189 21.71 -9.51 -5.25
C MET D 189 20.59 -9.20 -6.26
N VAL D 190 19.40 -9.76 -6.06
CA VAL D 190 18.26 -9.61 -7.02
C VAL D 190 17.90 -8.10 -7.11
N ILE D 191 17.95 -7.36 -6.00
CA ILE D 191 17.70 -5.89 -6.05
C ILE D 191 18.83 -5.19 -6.83
N ASP D 192 20.09 -5.48 -6.52
CA ASP D 192 21.30 -4.91 -7.18
C ASP D 192 21.21 -5.15 -8.69
N ILE D 193 20.85 -6.38 -9.09
CA ILE D 193 20.74 -6.77 -10.51
C ILE D 193 19.57 -6.01 -11.15
N VAL D 194 18.37 -5.98 -10.56
CA VAL D 194 17.20 -5.39 -11.29
C VAL D 194 17.34 -3.87 -11.42
N LEU D 195 17.81 -3.17 -10.40
CA LEU D 195 17.96 -1.70 -10.46
C LEU D 195 18.98 -1.33 -11.55
N ALA D 196 19.99 -2.16 -11.78
CA ALA D 196 21.06 -1.99 -12.79
C ALA D 196 20.48 -2.16 -14.21
N THR D 197 19.22 -2.54 -14.36
CA THR D 197 18.57 -2.70 -15.69
C THR D 197 17.97 -1.36 -16.08
N ASP D 198 17.90 -0.41 -15.14
CA ASP D 198 17.57 1.01 -15.45
C ASP D 198 18.67 1.53 -16.40
N MET D 199 18.27 1.98 -17.58
CA MET D 199 19.20 2.45 -18.64
C MET D 199 19.96 3.72 -18.19
N SER D 200 19.42 4.46 -17.24
CA SER D 200 20.14 5.64 -16.71
C SER D 200 21.45 5.18 -16.08
N LYS D 201 21.53 3.92 -15.66
CA LYS D 201 22.76 3.41 -15.01
C LYS D 201 23.71 2.74 -16.00
N HIS D 202 23.33 2.69 -17.27
CA HIS D 202 24.12 2.01 -18.32
C HIS D 202 25.58 2.46 -18.41
N MET D 203 25.82 3.76 -18.42
CA MET D 203 27.18 4.32 -18.64
C MET D 203 28.10 3.93 -17.48
N ASN D 204 27.63 3.95 -16.23
CA ASN D 204 28.49 3.63 -15.06
C ASN D 204 28.76 2.12 -15.02
N LEU D 205 27.75 1.29 -15.34
CA LEU D 205 27.94 -0.17 -15.46
C LEU D 205 29.01 -0.44 -16.50
N LEU D 206 28.89 0.19 -17.67
CA LEU D 206 29.84 -0.03 -18.78
C LEU D 206 31.24 0.44 -18.37
N ALA D 207 31.34 1.59 -17.74
CA ALA D 207 32.65 2.08 -17.28
C ALA D 207 33.25 1.09 -16.28
N ASP D 208 32.43 0.48 -15.44
CA ASP D 208 32.97 -0.47 -14.44
C ASP D 208 33.34 -1.79 -15.11
N LEU D 209 32.57 -2.19 -16.12
CA LEU D 209 32.87 -3.44 -16.85
C LEU D 209 34.23 -3.29 -17.54
N LYS D 210 34.49 -2.14 -18.14
CA LYS D 210 35.74 -1.86 -18.87
C LYS D 210 36.92 -1.91 -17.91
N THR D 211 36.74 -1.31 -16.74
CA THR D 211 37.77 -1.29 -15.70
C THR D 211 38.14 -2.72 -15.31
N MET D 212 37.15 -3.60 -15.17
CA MET D 212 37.39 -5.00 -14.80
C MET D 212 38.07 -5.73 -15.96
N VAL D 213 37.79 -5.34 -17.20
CA VAL D 213 38.48 -5.93 -18.37
C VAL D 213 39.95 -5.45 -18.39
N GLU D 214 40.20 -4.17 -18.09
CA GLU D 214 41.59 -3.61 -18.07
C GLU D 214 42.43 -4.33 -17.01
N THR D 215 41.82 -4.76 -15.89
CA THR D 215 42.53 -5.38 -14.74
C THR D 215 42.13 -6.86 -14.58
N LYS D 216 41.75 -7.52 -15.67
CA LYS D 216 41.16 -8.89 -15.72
C LYS D 216 42.21 -9.90 -15.25
N LYS D 217 41.81 -10.79 -14.34
CA LYS D 217 42.64 -11.93 -13.86
C LYS D 217 41.89 -13.23 -14.13
N VAL D 218 42.64 -14.31 -14.33
CA VAL D 218 42.11 -15.67 -14.59
C VAL D 218 42.82 -16.62 -13.65
N THR D 219 42.05 -17.54 -13.06
CA THR D 219 42.50 -18.65 -12.17
C THR D 219 43.31 -19.68 -12.96
N SER D 220 43.81 -20.71 -12.27
CA SER D 220 44.54 -21.88 -12.86
C SER D 220 43.67 -22.62 -13.88
N SER D 221 42.35 -22.57 -13.66
CA SER D 221 41.29 -23.32 -14.38
C SER D 221 40.90 -22.59 -15.67
N GLY D 222 41.44 -21.38 -15.86
CA GLY D 222 41.16 -20.57 -17.05
C GLY D 222 39.82 -19.87 -16.93
N VAL D 223 39.37 -19.65 -15.71
CA VAL D 223 38.08 -18.91 -15.50
C VAL D 223 38.36 -17.59 -14.78
N LEU D 224 37.51 -16.59 -15.04
CA LEU D 224 37.56 -15.24 -14.44
C LEU D 224 37.75 -15.32 -12.91
N LEU D 225 38.64 -14.51 -12.38
CA LEU D 225 38.82 -14.42 -10.90
C LEU D 225 38.01 -13.22 -10.39
N LEU D 226 37.05 -13.46 -9.50
CA LEU D 226 36.16 -12.44 -8.87
C LEU D 226 36.16 -12.67 -7.36
N ASP D 227 37.00 -11.95 -6.61
CA ASP D 227 37.30 -12.31 -5.19
C ASP D 227 36.65 -11.34 -4.22
N ASN D 228 35.64 -10.58 -4.64
CA ASN D 228 34.89 -9.62 -3.77
C ASN D 228 33.48 -9.42 -4.32
N TYR D 229 32.52 -9.16 -3.45
CA TYR D 229 31.10 -8.96 -3.83
C TYR D 229 30.97 -7.85 -4.88
N SER D 230 31.72 -6.77 -4.74
CA SER D 230 31.61 -5.67 -5.71
C SER D 230 31.87 -6.17 -7.14
N ASP D 231 32.93 -6.93 -7.34
CA ASP D 231 33.29 -7.47 -8.68
C ASP D 231 32.24 -8.50 -9.10
N ARG D 232 31.89 -9.40 -8.20
CA ARG D 232 30.89 -10.46 -8.40
C ARG D 232 29.55 -9.87 -8.86
N ILE D 233 29.05 -8.88 -8.15
CA ILE D 233 27.73 -8.30 -8.47
C ILE D 233 27.79 -7.50 -9.76
N GLN D 234 28.85 -6.75 -10.02
CA GLN D 234 28.84 -5.98 -11.29
C GLN D 234 28.86 -6.92 -12.49
N VAL D 235 29.56 -8.04 -12.41
CA VAL D 235 29.52 -9.04 -13.50
C VAL D 235 28.07 -9.50 -13.70
N LEU D 236 27.40 -9.94 -12.62
CA LEU D 236 25.99 -10.38 -12.69
C LEU D 236 25.09 -9.24 -13.17
N GLN D 237 25.35 -8.02 -12.71
CA GLN D 237 24.50 -6.88 -13.14
C GLN D 237 24.69 -6.66 -14.64
N ASN D 238 25.94 -6.67 -15.07
CA ASN D 238 26.30 -6.46 -16.50
C ASN D 238 25.78 -7.61 -17.35
N MET D 239 25.81 -8.82 -16.82
CA MET D 239 25.31 -10.01 -17.56
C MET D 239 23.81 -9.90 -17.83
N VAL D 240 23.01 -9.54 -16.83
CA VAL D 240 21.53 -9.43 -17.01
C VAL D 240 21.28 -8.21 -17.88
N HIS D 241 22.12 -7.19 -17.74
CA HIS D 241 22.02 -5.93 -18.53
C HIS D 241 22.24 -6.26 -20.00
N CYS D 242 23.27 -7.08 -20.29
CA CYS D 242 23.57 -7.59 -21.65
C CYS D 242 22.43 -8.44 -22.15
N ALA D 243 21.91 -9.36 -21.33
CA ALA D 243 20.72 -10.18 -21.70
C ALA D 243 19.56 -9.24 -22.07
N ASP D 244 19.36 -8.15 -21.32
CA ASP D 244 18.29 -7.15 -21.59
C ASP D 244 18.58 -6.44 -22.93
N LEU D 245 19.85 -6.23 -23.25
CA LEU D 245 20.25 -5.59 -24.53
C LEU D 245 20.77 -6.61 -25.54
N SER D 246 20.19 -7.82 -25.58
CA SER D 246 20.68 -8.98 -26.41
C SER D 246 19.96 -9.02 -27.76
N ASN D 247 18.86 -8.27 -27.93
CA ASN D 247 17.98 -8.37 -29.13
C ASN D 247 18.82 -8.25 -30.41
N PRO D 248 19.65 -7.20 -30.60
CA PRO D 248 20.44 -7.06 -31.83
C PRO D 248 21.57 -8.08 -32.02
N THR D 249 21.84 -8.93 -31.05
CA THR D 249 22.88 -10.00 -31.16
C THR D 249 22.20 -11.34 -31.51
N LYS D 250 20.90 -11.31 -31.66
CA LYS D 250 20.18 -12.54 -31.97
C LYS D 250 20.09 -12.72 -33.49
N PRO D 251 19.67 -13.91 -33.97
CA PRO D 251 19.47 -14.14 -35.40
C PRO D 251 18.52 -13.04 -35.90
N LEU D 252 18.79 -12.50 -37.08
CA LEU D 252 18.01 -11.40 -37.70
C LEU D 252 16.50 -11.57 -37.61
N GLN D 253 15.95 -12.75 -37.86
CA GLN D 253 14.49 -12.87 -37.80
C GLN D 253 13.94 -12.71 -36.38
N LEU D 254 14.71 -13.02 -35.34
CA LEU D 254 14.25 -12.76 -33.96
C LEU D 254 14.39 -11.28 -33.66
N TYR D 255 15.54 -10.70 -34.01
CA TYR D 255 15.85 -9.27 -33.80
C TYR D 255 14.77 -8.40 -34.43
N ARG D 256 14.35 -8.73 -35.66
CA ARG D 256 13.32 -7.95 -36.38
C ARG D 256 11.98 -8.00 -35.64
N GLN D 257 11.65 -9.12 -35.01
CA GLN D 257 10.40 -9.25 -34.22
C GLN D 257 10.46 -8.32 -33.01
N TRP D 258 11.61 -8.22 -32.35
CA TRP D 258 11.79 -7.34 -31.17
C TRP D 258 11.73 -5.89 -31.61
N THR D 259 12.38 -5.56 -32.71
CA THR D 259 12.29 -4.19 -33.30
C THR D 259 10.82 -3.83 -33.53
N ASP D 260 10.03 -4.66 -34.21
CA ASP D 260 8.58 -4.39 -34.44
C ASP D 260 7.91 -4.07 -33.09
N ARG D 261 8.18 -4.90 -32.07
CA ARG D 261 7.50 -4.83 -30.75
C ARG D 261 7.95 -3.58 -30.00
N ILE D 262 9.25 -3.24 -29.97
CA ILE D 262 9.73 -2.05 -29.20
C ILE D 262 9.15 -0.80 -29.89
N MET D 263 9.10 -0.81 -31.22
CA MET D 263 8.61 0.32 -32.02
C MET D 263 7.10 0.48 -31.81
N GLU D 264 6.34 -0.61 -31.72
CA GLU D 264 4.90 -0.51 -31.43
C GLU D 264 4.74 0.13 -30.05
N GLU D 265 5.49 -0.35 -29.05
CA GLU D 265 5.33 0.13 -27.66
C GLU D 265 5.67 1.62 -27.62
N PHE D 266 6.76 2.03 -28.26
CA PHE D 266 7.26 3.43 -28.24
C PHE D 266 6.26 4.35 -28.98
N PHE D 267 5.76 3.95 -30.14
CA PHE D 267 4.75 4.73 -30.93
C PHE D 267 3.44 4.85 -30.13
N ARG D 268 3.03 3.80 -29.41
CA ARG D 268 1.81 3.85 -28.56
C ARG D 268 2.05 4.87 -27.44
N GLN D 269 3.24 4.94 -26.87
CA GLN D 269 3.57 6.01 -25.89
C GLN D 269 3.52 7.41 -26.56
N GLY D 270 4.14 7.60 -27.74
CA GLY D 270 3.99 8.84 -28.52
C GLY D 270 2.52 9.27 -28.70
N ASP D 271 1.63 8.36 -29.10
CA ASP D 271 0.18 8.61 -29.22
C ASP D 271 -0.38 9.08 -27.88
N ARG D 272 -0.02 8.46 -26.77
CA ARG D 272 -0.55 8.86 -25.43
C ARG D 272 0.09 10.19 -25.02
N GLU D 273 1.31 10.47 -25.45
CA GLU D 273 1.98 11.79 -25.24
C GLU D 273 1.25 12.87 -26.06
N ARG D 274 0.90 12.58 -27.31
CA ARG D 274 0.27 13.56 -28.24
C ARG D 274 -1.14 13.86 -27.71
N GLU D 275 -1.88 12.82 -27.34
CA GLU D 275 -3.23 12.89 -26.71
C GLU D 275 -3.25 13.87 -25.53
N ARG D 276 -2.28 13.77 -24.60
CA ARG D 276 -2.23 14.54 -23.33
C ARG D 276 -1.46 15.87 -23.48
N GLY D 277 -1.06 16.24 -24.70
CA GLY D 277 -0.43 17.54 -25.03
C GLY D 277 1.04 17.62 -24.67
N MET D 278 1.63 16.49 -24.23
CA MET D 278 3.04 16.41 -23.77
C MET D 278 3.97 16.43 -24.98
N GLU D 279 5.22 16.89 -24.77
CA GLU D 279 6.33 16.75 -25.75
C GLU D 279 6.54 15.25 -26.03
N ILE D 280 6.40 14.83 -27.29
CA ILE D 280 6.59 13.42 -27.74
C ILE D 280 8.07 13.05 -27.51
N SER D 281 8.31 11.89 -26.89
CA SER D 281 9.64 11.37 -26.46
C SER D 281 10.51 11.09 -27.69
N PRO D 282 11.86 11.16 -27.56
CA PRO D 282 12.77 10.72 -28.62
C PRO D 282 12.41 9.38 -29.29
N MET D 283 12.03 9.45 -30.57
CA MET D 283 11.73 8.31 -31.49
C MET D 283 10.49 7.54 -30.97
N CYS D 284 9.47 8.28 -30.53
CA CYS D 284 8.08 7.83 -30.28
C CYS D 284 7.08 8.52 -31.23
N ASP D 285 7.51 9.51 -32.02
CA ASP D 285 6.68 10.14 -33.08
C ASP D 285 6.62 9.19 -34.29
N LYS D 286 5.46 8.56 -34.56
CA LYS D 286 5.30 7.59 -35.69
C LYS D 286 5.18 8.33 -37.03
N HIS D 287 5.00 9.66 -37.00
CA HIS D 287 4.98 10.55 -38.19
C HIS D 287 6.39 11.12 -38.45
N ASN D 288 7.34 10.93 -37.53
CA ASN D 288 8.72 11.48 -37.59
C ASN D 288 9.69 10.42 -37.02
N ALA D 289 9.60 9.19 -37.56
CA ALA D 289 10.38 8.03 -37.09
C ALA D 289 11.34 7.50 -38.15
N SER D 290 12.54 7.15 -37.69
CA SER D 290 13.62 6.55 -38.51
C SER D 290 14.03 5.26 -37.80
N VAL D 291 13.17 4.25 -37.89
CA VAL D 291 13.34 2.93 -37.22
C VAL D 291 14.70 2.32 -37.55
N GLU D 292 15.02 2.20 -38.83
CA GLU D 292 16.32 1.60 -39.22
C GLU D 292 17.46 2.47 -38.70
N LYS D 293 17.31 3.78 -38.79
CA LYS D 293 18.37 4.70 -38.29
C LYS D 293 18.49 4.55 -36.79
N SER D 294 17.37 4.39 -36.09
CA SER D 294 17.36 4.25 -34.61
C SER D 294 18.06 2.97 -34.16
N GLN D 295 17.86 1.86 -34.87
CA GLN D 295 18.54 0.57 -34.56
C GLN D 295 20.05 0.71 -34.77
N VAL D 296 20.49 1.34 -35.87
CA VAL D 296 21.96 1.54 -36.12
C VAL D 296 22.53 2.43 -35.00
N GLY D 297 21.76 3.41 -34.55
CA GLY D 297 22.20 4.35 -33.50
C GLY D 297 22.27 3.64 -32.17
N PHE D 298 21.29 2.79 -31.90
CA PHE D 298 21.20 2.00 -30.65
C PHE D 298 22.41 1.06 -30.61
N ILE D 299 22.68 0.41 -31.74
CA ILE D 299 23.84 -0.51 -31.85
C ILE D 299 25.16 0.27 -31.68
N ASP D 300 25.37 1.35 -32.42
CA ASP D 300 26.68 2.07 -32.44
C ASP D 300 26.98 2.64 -31.04
N TYR D 301 25.98 3.17 -30.34
CA TYR D 301 26.18 3.99 -29.10
C TYR D 301 25.91 3.18 -27.81
N ILE D 302 25.08 2.13 -27.85
CA ILE D 302 24.72 1.40 -26.60
C ILE D 302 25.21 -0.06 -26.67
N VAL D 303 24.68 -0.83 -27.63
CA VAL D 303 24.76 -2.31 -27.64
C VAL D 303 26.18 -2.76 -28.00
N HIS D 304 26.74 -2.26 -29.08
CA HIS D 304 28.10 -2.66 -29.53
C HIS D 304 29.10 -2.34 -28.42
N PRO D 305 29.20 -1.10 -27.89
CA PRO D 305 30.16 -0.84 -26.83
C PRO D 305 30.04 -1.84 -25.68
N LEU D 306 28.81 -2.16 -25.28
CA LEU D 306 28.56 -3.06 -24.13
C LEU D 306 28.99 -4.50 -24.46
N TRP D 307 28.58 -5.03 -25.60
CA TRP D 307 28.87 -6.43 -26.03
C TRP D 307 30.34 -6.60 -26.45
N GLU D 308 30.95 -5.59 -27.04
CA GLU D 308 32.40 -5.61 -27.29
C GLU D 308 33.09 -5.81 -25.94
N THR D 309 32.69 -5.06 -24.92
CA THR D 309 33.37 -5.12 -23.61
C THR D 309 33.07 -6.47 -22.96
N TRP D 310 31.83 -6.94 -23.04
CA TRP D 310 31.49 -8.27 -22.51
C TRP D 310 32.37 -9.33 -23.19
N ALA D 311 32.48 -9.25 -24.52
CA ALA D 311 33.23 -10.22 -25.34
C ALA D 311 34.69 -10.28 -24.88
N ASP D 312 35.27 -9.12 -24.56
CA ASP D 312 36.66 -9.06 -24.04
C ASP D 312 36.70 -9.79 -22.71
N LEU D 313 35.69 -9.55 -21.87
CA LEU D 313 35.70 -10.15 -20.51
C LEU D 313 35.72 -11.67 -20.63
N VAL D 314 34.98 -12.25 -21.57
CA VAL D 314 34.83 -13.74 -21.67
C VAL D 314 35.50 -14.28 -22.94
N HIS D 315 36.45 -13.52 -23.50
CA HIS D 315 37.17 -13.84 -24.76
C HIS D 315 37.61 -15.29 -24.76
N PRO D 316 37.33 -16.09 -25.81
CA PRO D 316 36.53 -15.70 -26.98
C PRO D 316 35.09 -16.20 -27.06
N ASP D 317 34.47 -16.44 -25.90
CA ASP D 317 33.17 -17.16 -25.75
C ASP D 317 32.09 -16.48 -26.61
N ALA D 318 32.09 -15.16 -26.66
CA ALA D 318 31.01 -14.33 -27.25
C ALA D 318 31.36 -13.78 -28.65
N GLN D 319 32.39 -14.29 -29.31
CA GLN D 319 32.83 -13.80 -30.66
C GLN D 319 31.69 -13.89 -31.69
N ASP D 320 30.94 -15.01 -31.73
CA ASP D 320 29.86 -15.27 -32.73
C ASP D 320 28.66 -14.37 -32.46
N ILE D 321 28.46 -13.98 -31.20
CA ILE D 321 27.39 -13.05 -30.75
C ILE D 321 27.81 -11.65 -31.23
N LEU D 322 29.09 -11.34 -31.16
CA LEU D 322 29.59 -10.02 -31.62
C LEU D 322 29.59 -9.99 -33.17
N ASP D 323 29.89 -11.11 -33.83
CA ASP D 323 29.74 -11.19 -35.30
C ASP D 323 28.28 -10.92 -35.72
N THR D 324 27.31 -11.65 -35.15
CA THR D 324 25.87 -11.50 -35.51
C THR D 324 25.42 -10.06 -35.30
N LEU D 325 25.86 -9.43 -34.21
CA LEU D 325 25.49 -8.03 -33.88
C LEU D 325 25.93 -7.10 -35.03
N GLU D 326 27.16 -7.30 -35.53
CA GLU D 326 27.77 -6.53 -36.64
C GLU D 326 27.07 -6.85 -37.96
N ASP D 327 26.72 -8.11 -38.23
CA ASP D 327 25.89 -8.47 -39.41
C ASP D 327 24.56 -7.69 -39.35
N ASN D 328 23.87 -7.76 -38.22
CA ASN D 328 22.53 -7.16 -38.02
C ASN D 328 22.62 -5.63 -38.17
N ARG D 329 23.69 -5.01 -37.70
CA ARG D 329 23.85 -3.54 -37.83
C ARG D 329 23.84 -3.18 -39.33
N GLU D 330 24.76 -3.80 -40.10
CA GLU D 330 24.91 -3.63 -41.57
C GLU D 330 23.56 -3.81 -42.25
N TRP D 331 22.75 -4.71 -41.72
CA TRP D 331 21.41 -4.96 -42.28
C TRP D 331 20.47 -3.78 -42.04
N TYR D 332 20.53 -3.13 -40.88
CA TYR D 332 19.60 -2.00 -40.66
C TYR D 332 20.10 -0.78 -41.44
N GLN D 333 21.42 -0.64 -41.56
CA GLN D 333 22.05 0.48 -42.29
C GLN D 333 21.59 0.49 -43.75
N SER D 334 21.48 -0.69 -44.35
CA SER D 334 21.09 -0.88 -45.76
C SER D 334 19.57 -0.80 -45.97
N THR D 335 18.79 -0.43 -44.96
CA THR D 335 17.33 -0.28 -45.12
C THR D 335 16.91 1.09 -44.59
N ILE D 336 17.86 1.97 -44.32
CA ILE D 336 17.52 3.37 -43.88
C ILE D 336 16.94 4.07 -45.12
N PRO D 337 15.81 4.78 -45.01
CA PRO D 337 15.27 5.49 -46.15
C PRO D 337 15.87 6.90 -46.21
ZN ZN E . -11.53 -2.69 21.16
MG MG F . -12.20 -1.39 17.80
C1 EDO G . 0.83 1.90 27.08
O1 EDO G . 0.11 2.22 28.26
C2 EDO G . 1.37 0.52 27.10
O2 EDO G . 1.88 0.12 25.85
C1 EDO H . -15.46 -25.47 11.81
O1 EDO H . -14.58 -25.15 12.85
C2 EDO H . -16.24 -24.32 11.35
O2 EDO H . -15.42 -23.32 10.80
C1 EDO I . -16.14 -11.64 4.87
O1 EDO I . -17.03 -12.61 5.34
C2 EDO I . -14.86 -12.24 4.44
O2 EDO I . -15.01 -13.24 3.43
C1 EDO J . -19.48 -16.71 32.30
O1 EDO J . -18.12 -16.91 32.60
C2 EDO J . -19.69 -15.77 31.18
O2 EDO J . -20.88 -16.01 30.45
C1 EDO K . 2.60 6.26 3.49
O1 EDO K . 1.89 7.00 4.46
C2 EDO K . 1.89 6.16 2.19
O2 EDO K . 1.29 7.38 1.76
C1 EDO L . -22.03 -7.50 10.16
O1 EDO L . -22.63 -7.33 11.43
C2 EDO L . -20.63 -6.97 10.08
O2 EDO L . -19.61 -7.93 10.39
C1 EDO M . 8.51 -4.52 12.21
O1 EDO M . 7.61 -5.47 12.73
C2 EDO M . 7.80 -3.32 11.68
O2 EDO M . 7.03 -3.62 10.51
N1 EPE N . -2.33 -1.91 39.64
C2 EPE N . -2.27 -0.58 39.00
C3 EPE N . -0.79 -0.23 38.80
N4 EPE N . -0.13 -0.17 40.13
C5 EPE N . -0.25 -1.49 40.82
C6 EPE N . -1.72 -1.88 40.99
C7 EPE N . 1.28 0.29 40.06
C8 EPE N . 1.38 1.82 40.18
O8 EPE N . 0.82 2.48 39.03
C9 EPE N . -3.71 -2.43 39.65
C10 EPE N . -3.92 -3.19 38.34
S EPE N . -4.88 -4.56 38.40
O1S EPE N . -4.19 -4.90 37.11
O2S EPE N . -5.97 -3.56 38.49
O3S EPE N . -4.27 -5.01 39.66
C1 EDO O . 10.45 -24.27 13.76
O1 EDO O . 11.21 -23.52 14.70
C2 EDO O . 9.94 -23.45 12.62
O2 EDO O . 10.44 -22.12 12.63
C1 EDO P . 3.56 -1.70 22.17
O1 EDO P . 4.16 -2.70 23.00
C2 EDO P . 4.43 -0.50 21.96
O2 EDO P . 5.20 -0.47 20.76
C1 4I7 Q . -14.47 2.61 29.83
C2 4I7 Q . -15.61 3.09 27.76
C3 4I7 Q . -14.95 2.13 27.02
C4 4I7 Q . -15.13 2.06 25.65
C5 4I7 Q . -15.97 2.95 24.99
C6 4I7 Q . -16.64 3.92 25.74
C9 4I7 Q . -17.96 6.87 26.75
C10 4I7 Q . -16.70 7.44 26.92
C11 4I7 Q . -16.35 8.63 26.34
C12 4I7 Q . -17.26 9.30 25.54
C13 4I7 Q . -18.52 8.76 25.34
C14 4I7 Q . -18.89 7.56 25.94
C22 4I7 Q . -21.76 7.27 21.90
C23 4I7 Q . -22.76 7.06 22.90
C25 4I7 Q . -24.49 7.77 24.35
C26 4I7 Q . -23.52 8.15 23.35
C33 4I7 Q . -16.40 0.69 22.53
C15 4I7 Q . -20.27 7.05 25.68
C16 4I7 Q . -16.25 2.94 23.53
C17 4I7 Q . -18.66 4.76 21.71
C18 4I7 Q . -19.99 4.06 21.95
C19 4I7 Q . -21.15 4.85 21.35
C20 4I7 Q . -19.72 6.72 20.57
C21 4I7 Q . -18.71 5.58 20.43
C24 4I7 Q . -24.51 6.43 24.53
C27 4I7 Q . -22.37 9.53 21.93
C28 4I7 Q . -16.70 3.26 20.80
C29 4I7 Q . -15.39 2.62 21.23
C30 4I7 Q . -14.76 1.65 20.23
C31 4I7 Q . -15.28 0.25 20.37
C32 4I7 Q . -16.10 -0.13 21.32
C34 4I7 Q . -15.57 1.96 22.61
C7 4I7 Q . -16.48 4.00 27.12
C8 4I7 Q . -18.30 5.57 27.42
F1 4I7 Q . -21.07 7.99 25.17
F2 4I7 Q . -20.90 6.63 26.76
F3 4I7 Q . -20.30 6.04 24.81
N1 4I7 Q . -17.16 3.75 23.12
N2 4I7 Q . -17.47 3.86 21.81
N3 4I7 Q . -20.92 6.31 21.34
N4 4I7 Q . -23.32 9.41 22.86
N5 4I7 Q . -21.60 8.53 21.45
O1 4I7 Q . -15.52 3.26 29.11
O2 4I7 Q . -17.10 4.93 27.91
O3 4I7 Q . -17.04 3.29 19.61
S1 4I7 Q . -23.24 5.60 23.70
ZN ZN R . -19.24 -3.69 -14.91
MG MG S . -17.55 -4.64 -11.53
C1 EDO T . -18.49 -16.83 -12.79
O1 EDO T . -18.48 -17.91 -11.85
C2 EDO T . -17.47 -15.80 -12.51
O2 EDO T . -16.56 -16.21 -11.50
C1 EDO U . -10.81 -3.35 -26.41
O1 EDO U . -11.11 -4.37 -25.50
C2 EDO U . -9.43 -2.86 -26.24
O2 EDO U . -9.34 -1.89 -25.20
C1 EDO V . -20.71 5.08 2.81
O1 EDO V . -21.49 6.14 2.30
C2 EDO V . -19.27 5.32 2.60
O2 EDO V . -18.97 6.69 2.41
C1 EDO W . -47.38 11.43 -1.89
O1 EDO W . -47.40 12.83 -2.12
C2 EDO W . -48.02 10.55 -2.93
O2 EDO W . -48.75 11.24 -3.94
C1 EDO X . 0.56 -27.20 -11.30
O1 EDO X . 1.63 -27.41 -10.43
C2 EDO X . -0.57 -26.66 -10.54
O2 EDO X . -0.08 -26.10 -9.35
C1 EDO Y . -33.97 18.48 -8.23
O1 EDO Y . -33.54 19.45 -7.31
C2 EDO Y . -33.83 18.96 -9.62
O2 EDO Y . -32.54 19.46 -9.91
C1 EDO Z . -23.37 20.86 -1.56
O1 EDO Z . -23.55 21.24 -2.91
C2 EDO Z . -24.63 20.38 -0.91
O2 EDO Z . -24.77 18.98 -0.89
N1 EPE AA . -20.28 -3.32 -35.88
C2 EPE AA . -19.29 -3.81 -34.89
C3 EPE AA . -17.92 -3.93 -35.55
N4 EPE AA . -18.02 -5.05 -36.50
C5 EPE AA . -19.04 -4.81 -37.55
C6 EPE AA . -19.91 -3.56 -37.31
C7 EPE AA . -16.70 -5.38 -37.05
C8 EPE AA . -16.06 -6.35 -36.07
O8 EPE AA . -15.15 -7.19 -36.77
C9 EPE AA . -21.68 -3.75 -35.57
C10 EPE AA . -22.44 -2.59 -34.89
S EPE AA . -22.32 -2.58 -33.21
O1S EPE AA . -23.68 -2.57 -32.65
O2S EPE AA . -21.64 -3.79 -32.77
O3S EPE AA . -21.57 -1.41 -32.68
C1 EDO BA . -3.79 -12.93 -8.52
O1 EDO BA . -3.61 -11.57 -8.33
C2 EDO BA . -2.73 -13.46 -9.36
O2 EDO BA . -2.93 -14.82 -9.48
C1 EDO CA . 0.25 7.01 -15.99
O1 EDO CA . -0.98 7.18 -16.73
C2 EDO CA . 0.29 5.81 -15.09
O2 EDO CA . -0.53 5.90 -13.92
C1 4I7 DA . -23.48 -11.13 -21.01
C2 4I7 DA . -23.17 -11.67 -18.69
C3 4I7 DA . -22.61 -10.43 -18.37
C4 4I7 DA . -22.14 -10.20 -17.08
C5 4I7 DA . -22.20 -11.21 -16.12
C6 4I7 DA . -22.75 -12.44 -16.44
C9 4I7 DA . -23.15 -15.91 -16.88
C10 4I7 DA . -22.09 -16.01 -17.76
C11 4I7 DA . -21.12 -16.99 -17.60
C12 4I7 DA . -21.21 -17.87 -16.55
C13 4I7 DA . -22.26 -17.79 -15.66
C14 4I7 DA . -23.25 -16.81 -15.81
C22 4I7 DA . -23.80 -17.03 -11.04
C23 4I7 DA . -25.12 -17.47 -11.38
C25 4I7 DA . -26.80 -19.11 -11.62
C26 4I7 DA . -25.44 -18.83 -11.23
C33 4I7 DA . -22.22 -8.77 -13.80
C15 4I7 DA . -24.37 -16.79 -14.81
C16 4I7 DA . -21.72 -11.05 -14.71
C17 4I7 DA . -22.06 -13.13 -11.80
C18 4I7 DA . -23.57 -13.29 -11.75
C19 4I7 DA . -24.01 -14.46 -10.85
C20 4I7 DA . -21.80 -15.54 -11.26
C21 4I7 DA . -21.44 -14.44 -12.23
C24 4I7 DA . -27.38 -18.04 -12.20
C27 4I7 DA . -23.33 -19.24 -10.48
C28 4I7 DA . -20.67 -11.05 -12.15
C29 4I7 DA . -20.12 -10.05 -13.13
C30 4I7 DA . -19.57 -8.78 -12.47
C31 4I7 DA . -20.57 -7.69 -12.32
C32 4I7 DA . -21.69 -7.64 -12.99
C34 4I7 DA . -21.14 -9.74 -14.24
C7 4I7 DA . -23.24 -12.68 -17.72
C8 4I7 DA . -24.19 -14.84 -17.11
F1 4I7 DA . -24.37 -17.87 -14.01
F2 4I7 DA . -25.57 -16.76 -15.36
F3 4I7 DA . -24.32 -15.74 -14.01
N1 4I7 DA . -21.86 -12.08 -13.95
N2 4I7 DA . -21.53 -12.01 -12.64
N3 4I7 DA . -23.27 -15.72 -11.11
N4 4I7 DA . -24.54 -19.74 -10.77
N5 4I7 DA . -22.95 -17.96 -10.60
O1 4I7 DA . -23.68 -12.01 -19.90
O2 4I7 DA . -23.77 -13.89 -18.12
O3 4I7 DA . -20.32 -11.09 -10.98
S1 4I7 DA . -26.49 -16.58 -12.00
ZN ZN EA . 16.95 12.46 12.71
MG MG FA . 16.31 9.68 10.33
C1 EDO GA . 12.42 27.17 -8.36
O1 EDO GA . 12.81 26.84 -9.69
C2 EDO GA . 11.16 27.97 -8.27
O2 EDO GA . 10.17 27.60 -9.19
C1 EDO HA . 26.56 28.96 13.17
O1 EDO HA . 25.69 29.88 12.54
C2 EDO HA . 27.60 28.39 12.27
O2 EDO HA . 27.13 27.83 11.04
N1 EPE IA . 15.12 20.57 31.56
C2 EPE IA . 14.01 21.38 32.10
C3 EPE IA . 13.66 20.87 33.49
N4 EPE IA . 13.19 19.46 33.42
C5 EPE IA . 14.29 18.62 32.90
C6 EPE IA . 14.73 19.15 31.53
C7 EPE IA . 12.77 18.96 34.75
C8 EPE IA . 11.31 19.27 34.99
O8 EPE IA . 11.13 20.68 35.27
C9 EPE IA . 15.42 20.98 30.19
C10 EPE IA . 16.53 22.03 30.04
S EPE IA . 17.00 22.02 28.45
O1S EPE IA . 17.66 20.72 28.17
O2S EPE IA . 15.77 22.25 27.66
O3S EPE IA . 18.00 23.04 28.09
C1 EDO JA . -5.06 11.61 11.87
O1 EDO JA . -4.54 12.76 11.25
C2 EDO JA . -4.41 10.36 11.39
O2 EDO JA . -4.12 10.39 9.99
C1 EDO KA . 9.22 -2.30 16.06
O1 EDO KA . 8.59 -1.94 17.28
C2 EDO KA . 8.24 -2.59 15.02
O2 EDO KA . 7.14 -1.73 15.14
C1 4I7 LA . 23.35 11.32 21.08
C2 4I7 LA . 23.79 9.94 19.19
C3 4I7 LA . 22.92 10.59 18.34
C4 4I7 LA . 22.58 10.05 17.13
C5 4I7 LA . 23.12 8.83 16.73
C6 4I7 LA . 24.00 8.17 17.56
C9 4I7 LA . 25.83 5.77 19.17
C10 4I7 LA . 24.83 5.40 20.06
C11 4I7 LA . 24.43 4.08 20.17
C12 4I7 LA . 25.03 3.11 19.40
C13 4I7 LA . 26.03 3.46 18.51
C14 4I7 LA . 26.45 4.78 18.39
C22 4I7 LA . 27.39 2.60 14.17
C23 4I7 LA . 28.81 2.80 14.10
C25 4I7 LA . 31.05 2.21 14.51
C26 4I7 LA . 29.67 1.84 14.66
C33 4I7 LA . 22.26 9.69 13.56
C15 4I7 LA . 27.53 5.07 17.41
C16 4I7 LA . 22.84 8.13 15.44
C17 4I7 LA . 24.52 5.42 13.93
C18 4I7 LA . 25.67 5.79 13.03
C19 4I7 LA . 26.60 4.59 12.75
C20 4I7 LA . 24.98 3.01 13.88
C21 4I7 LA . 23.98 4.08 13.56
C24 4I7 LA . 31.18 3.48 14.06
C27 4I7 LA . 27.86 0.59 15.27
C28 4I7 LA . 22.33 6.57 13.23
C29 4I7 LA . 21.18 7.40 13.77
C30 4I7 LA . 20.14 7.78 12.71
C31 4I7 LA . 20.50 9.02 11.96
C32 4I7 LA . 21.43 9.87 12.34
C34 4I7 LA . 21.74 8.62 14.52
C7 4I7 LA . 24.36 8.71 18.79
C8 4I7 LA . 26.23 7.22 19.08
F1 4I7 LA . 28.18 3.98 17.01
F2 4I7 LA . 28.47 5.85 17.90
F3 4I7 LA . 27.08 5.65 16.31
N1 4I7 LA . 23.62 7.14 15.19
N2 4I7 LA . 23.44 6.44 14.05
N3 4I7 LA . 26.38 3.42 13.65
N4 4I7 LA . 29.19 0.71 15.26
N5 4I7 LA . 26.97 1.46 14.76
O1 4I7 LA . 24.20 10.40 20.41
O2 4I7 LA . 25.22 8.09 19.65
O3 4I7 LA . 22.28 6.03 12.15
S1 4I7 LA . 29.71 4.11 13.41
C1 EDO MA . 22.81 30.46 24.13
O1 EDO MA . 23.44 29.19 24.13
C2 EDO MA . 21.93 30.69 25.32
O2 EDO MA . 20.76 29.87 25.40
ZN ZN NA . 13.83 -5.69 -19.91
MG MG OA . 13.21 -2.63 -17.70
C1 EDO PA . 11.23 5.58 -24.38
O1 EDO PA . 12.51 5.45 -23.81
C2 EDO PA . 11.15 6.77 -25.24
O2 EDO PA . 12.40 7.10 -25.79
C1 EDO QA . 19.70 -3.39 -1.10
O1 EDO QA . 20.25 -4.42 -0.27
C2 EDO QA . 20.77 -2.72 -1.91
O2 EDO QA . 21.76 -3.58 -2.48
C1 EDO RA . 1.68 -12.32 -24.32
O1 EDO RA . 1.41 -12.02 -22.95
C2 EDO RA . 1.70 -11.14 -25.23
O2 EDO RA . 2.84 -11.12 -26.04
C1 EDO SA . 20.60 6.30 -22.38
O1 EDO SA . 19.72 6.57 -21.30
C2 EDO SA . 21.95 6.90 -22.22
O2 EDO SA . 22.96 5.98 -21.85
C1 EDO TA . 26.26 -16.12 -2.17
O1 EDO TA . 26.80 -17.41 -2.41
C2 EDO TA . 27.27 -15.11 -1.78
O2 EDO TA . 27.36 -14.06 -2.74
C1 EDO UA . 18.28 -26.13 1.92
O1 EDO UA . 19.08 -25.54 2.93
C2 EDO UA . 18.52 -25.41 0.67
O2 EDO UA . 19.30 -24.26 0.91
C1 EDO VA . 25.36 -11.32 -0.59
O1 EDO VA . 26.07 -12.05 0.38
C2 EDO VA . 25.83 -9.95 -0.71
O2 EDO VA . 26.05 -9.32 0.54
C1 EDO WA . 33.85 -28.89 -18.75
O1 EDO WA . 33.84 -27.52 -19.06
C2 EDO WA . 34.40 -29.21 -17.43
O2 EDO WA . 33.40 -29.39 -16.49
C1 PEG XA . 29.28 -16.13 -23.92
O1 PEG XA . 29.24 -15.43 -22.67
C2 PEG XA . 27.93 -16.60 -24.35
O2 PEG XA . 28.00 -17.59 -25.38
C3 PEG XA . 28.27 -18.92 -24.91
C4 PEG XA . 27.42 -19.32 -23.70
O4 PEG XA . 27.15 -20.74 -23.62
C1 PEG YA . 32.00 -20.57 -27.08
O1 PEG YA . 30.67 -21.01 -26.78
C2 PEG YA . 32.92 -20.58 -25.88
O2 PEG YA . 34.28 -20.26 -26.22
C3 PEG YA . 35.25 -21.14 -25.64
C4 PEG YA . 35.25 -22.49 -26.35
O4 PEG YA . 34.12 -23.32 -26.01
C1 EDO ZA . 24.14 -26.14 -16.82
O1 EDO ZA . 22.90 -26.62 -17.28
C2 EDO ZA . 24.68 -25.04 -17.68
O2 EDO ZA . 24.22 -25.03 -19.03
C1 EDO AB . 18.31 -22.80 -33.00
O1 EDO AB . 18.69 -22.91 -31.67
C2 EDO AB . 19.44 -22.23 -33.71
O2 EDO AB . 19.81 -21.02 -33.11
C1 EDO BB . 8.93 9.03 -0.82
O1 EDO BB . 8.48 10.26 -1.38
C2 EDO BB . 8.04 7.90 -1.16
O2 EDO BB . 6.96 8.30 -1.98
N1 EPE CB . 7.38 -17.36 -35.06
C2 EPE CB . 6.60 -16.17 -35.45
C3 EPE CB . 5.13 -16.48 -35.71
N4 EPE CB . 4.90 -17.72 -36.51
C5 EPE CB . 5.69 -18.86 -36.00
C6 EPE CB . 7.17 -18.48 -36.00
C7 EPE CB . 3.48 -18.12 -36.60
C8 EPE CB . 2.56 -16.92 -36.89
O8 EPE CB . 3.01 -16.24 -38.07
C9 EPE CB . 8.80 -16.97 -35.00
C10 EPE CB . 9.69 -18.11 -34.52
S EPE CB . 11.10 -17.70 -33.70
O1S EPE CB . 11.16 -16.32 -34.19
O2S EPE CB . 11.72 -18.72 -34.56
O3S EPE CB . 10.36 -18.07 -32.47
C1 EDO DB . 0.29 1.14 -6.02
O1 EDO DB . 1.49 1.86 -6.21
C2 EDO DB . -0.22 0.56 -7.30
O2 EDO DB . 0.82 0.09 -8.15
C1 EDO EB . 12.14 -30.90 -1.30
O1 EDO EB . 12.12 -30.97 -2.72
C2 EDO EB . 10.84 -30.50 -0.73
O2 EDO EB . 9.75 -31.00 -1.48
C1 EDO FB . 13.83 -14.47 -0.39
O1 EDO FB . 12.78 -14.89 0.43
C2 EDO FB . 13.49 -13.21 -1.02
O2 EDO FB . 12.76 -12.40 -0.13
C1 4I7 GB . 15.17 -3.98 -30.31
C2 4I7 GB . 15.35 -2.01 -28.97
C3 4I7 GB . 15.21 -2.72 -27.78
C4 4I7 GB . 15.25 -2.05 -26.56
C5 4I7 GB . 15.41 -0.67 -26.50
C6 4I7 GB . 15.55 0.04 -27.69
C9 4I7 GB . 15.34 2.43 -30.16
C10 4I7 GB . 14.03 2.18 -30.51
C11 4I7 GB . 13.08 3.17 -30.53
C12 4I7 GB . 13.42 4.46 -30.16
C13 4I7 GB . 14.73 4.74 -29.81
C14 4I7 GB . 15.71 3.75 -29.80
C22 4I7 GB . 17.83 6.67 -26.34
C23 4I7 GB . 18.87 6.82 -27.29
C25 4I7 GB . 20.16 8.05 -28.83
C26 4I7 GB . 19.07 8.07 -27.91
C33 4I7 GB . 16.54 -1.19 -23.35
C15 4I7 GB . 17.10 4.14 -29.41
C16 4I7 GB . 15.46 0.05 -25.20
C17 4I7 GB . 16.58 3.26 -23.95
C18 4I7 GB . 17.86 3.24 -24.76
C19 4I7 GB . 18.43 4.64 -24.95
C20 4I7 GB . 16.10 4.98 -25.68
C21 4I7 GB . 15.72 4.45 -24.33
C24 4I7 GB . 20.59 6.79 -29.06
C27 4I7 GB . 17.30 8.92 -26.69
C28 4I7 GB . 15.17 1.52 -22.86
C29 4I7 GB . 14.47 0.18 -22.95
C30 4I7 GB . 14.24 -0.51 -21.60
C31 4I7 GB . 15.46 -1.22 -21.12
C32 4I7 GB . 16.45 -1.56 -21.91
C34 4I7 GB . 15.23 -0.73 -23.93
C7 4I7 GB . 15.51 -0.61 -28.92
C8 4I7 GB . 16.34 1.30 -30.17
F1 4I7 GB . 17.53 3.52 -28.30
F2 4I7 GB . 17.20 5.45 -29.14
F3 4I7 GB . 18.02 3.91 -30.34
N1 4I7 GB . 15.71 1.32 -25.22
N2 4I7 GB . 15.79 1.99 -24.02
N3 4I7 GB . 17.48 5.49 -25.69
N4 4I7 GB . 18.27 9.15 -27.60
N5 4I7 GB . 17.05 7.75 -26.08
O1 4I7 GB . 15.33 -2.57 -30.20
O2 4I7 GB . 15.63 0.04 -30.12
O3 4I7 GB . 15.19 2.16 -21.83
S1 4I7 GB . 20.02 5.66 -27.89
C1 EDO HB . -3.86 3.21 -4.68
O1 EDO HB . -4.87 4.18 -4.63
C2 EDO HB . -4.07 2.29 -5.79
O2 EDO HB . -4.46 2.98 -6.94
H11 EDO HB . -3.85 2.72 -3.84
H12 EDO HB . -2.99 3.66 -4.78
HO1 EDO HB . -4.54 4.92 -4.42
H21 EDO HB . -4.77 1.64 -5.55
H22 EDO HB . -3.24 1.80 -5.96
HO2 EDO HB . -3.77 3.17 -7.40
#